data_9GZO
#
_entry.id   9GZO
#
_cell.length_a   1.00
_cell.length_b   1.00
_cell.length_c   1.00
_cell.angle_alpha   90.00
_cell.angle_beta   90.00
_cell.angle_gamma   90.00
#
_symmetry.space_group_name_H-M   'P 1'
#
loop_
_entity.id
_entity.type
_entity.pdbx_description
1 polymer 'DNA-directed RNA polymerase, mitochondrial'
2 polymer 'Non-template strand DNA (56-MER)'
3 polymer 'Template strand DNA (56-MER)'
4 polymer 'Dimethyladenosine transferase 2, mitochondrial'
5 polymer "RNA (5'-D(*(GTP))-R(P*GP*A)-3')"
#
loop_
_entity_poly.entity_id
_entity_poly.type
_entity_poly.pdbx_seq_one_letter_code
_entity_poly.pdbx_strand_id
1 'polypeptide(L)'
;SASPQEQDQDRRKDWGHVELLEVLQARVRQLQAESVSEVVVNRVDVARLPECGSGDGSLQPPRKVQMGAKDATPVPCGRW
AKILEKDKRTQQMRMQRLKAKLQMPFQSGEFKALTRRLQVEPRLLSKQMAGCLEDCTRQAPESPWEEQLARLLQEAPGKL
SLDVEQAPSGQHSQAQLSGQQQRLLAFFKCCLLTDQLPLAHHLLVVHHGQRQKRKLLTLDMYNAVMLGWARQGAFKELVY
VLFMVKDAGLTPDLLSYAAALQCMGRQDQDAGTIERCLEQMSQEGLKLQALFTAVLLSEEDRATVLKAVHKVKPTFSLPP
QLPPPVNTSKLLRDVYAKDGRVSYPKLHLPLKTLQCLFEKQLHMELASRVCVVSVEKPTLPSKEVKHARKTLKTLRDQWE
KALCRALRETKNRLEREVYEGRFSLYPFLCLLDEREVVRMLLQVLQALPAQGESFTTLARELSARTFSRHVVQRQRVSGQ
VQALQNHYRKYLCLLASDAEVPEPCLPRQYWEELGAPEALREQPWPLPVQMELGKLLAEMLVQATQMPCSLDKPHRSSRL
VPVLYHVYSFRNVQQIGILKPHPAYVQLLEKAAEPTLTFEAVDVPMLCPPLPWTSPHSGAFLLSPTKLMRTVEGATQHQE
LLETCPPTALHGALDALTQLGNCAWRVNGRVLDLVLQLFQAKGCPQLGVPAPPSEAPQPPEAHLPHSAAPARKAELRREL
AHCQKVAREMHSLRAEALYRLSLAQHLRDRVFWLPHNMDFRGRTYPCPPHFNHLGSDVARALLEFAQGRPLGPHGLDWLK
IHLVNLTGLKKREPLRKRLAFAEEVMDDILDSADQPLTGRKWWMGAEEPWQTLACCMEVANAVRASDPAAYVSHLPVHQD
GSCNGLQHYAALGRDSVGAASVNLEPSDVPQDVYSGVAAQVEVFRRQDAQRGMRVAQVLEGFITRKVVKQTVMTVVYGVT
RYGGRLQIEKRLRELSDFPQEFVWEASHYLVRQVFKSLQEMFSGTRAIQHWLTESARLISHMGSVVEWVTPLGVPVIQPY
RLDSKVKQIGGGIQSITYTHNGDISRKPNTRKQKNGFPPNFIHSLDSSHMMLTALHCYRKGLTFVSVHDCYWTHAADVSV
MNQVCREQFVRLHSEPILQDLSRFLVKRFCSEPQKILEASQLKETLQAVPKPGAFDLEQVKRSTYFFS
;
A
2 'polydeoxyribonucleotide'
;(DA)(DT)(DG)(DT)(DG)(DT)(DT)(DA)(DG)(DT)(DT)(DG)(DG)(DG)(DG)(DG)(DG)(DT)(DG)(DA)
(DC)(DT)(DG)(DT)(DT)(DA)(DA)(DA)(DA)(DG)(DT)(DG)(DC)(DA)(DT)(DA)(DC)(DC)(DG)(DA)
(DA)(DC)(DA)(DA)(DA)(DG)(DA)(DT)(DA)(DA)(DA)(DA)(DT)(DT)(DT)(DG)(DA)(DA)(DA)(DT)
(DC)(DT)(DG)
;
N
3 'polydeoxyribonucleotide'
;(DC)(DA)(DG)(DT)(DT)(DT)(DC)(DA)(DA)(DA)(DT)(DT)(DT)(DT)(DA)(DT)(DC)(DT)(DC)(DC)
(DA)(DG)(DG)(DC)(DG)(DG)(DT)(DA)(DT)(DG)(DC)(DA)(DC)(DT)(DT)(DT)(DT)(DA)(DA)(DC)
(DA)(DG)(DT)(DC)(DA)(DC)(DC)(DC)(DC)(DC)(DC)(DA)(DA)(DC)(DT)(DA)(DA)(DC)(DA)(DC)
(DA)(DT)
;
T
4 'polypeptide(L)'
;PPRKASKASLDFKRYVTDRRLAETLAQIYLGKPSRPPHLLLECNPGPGILTQALLEAGAKVVALESDKTFIPHLESLGKN
LDGKLRVIHCDFFKLDPRSGGVIKPPAMSSRGLFKNLGIEAVPWTADIPLKVVGMFPSRGEKRALWKLAYDLYSCTSIYK
FGRIEVNMFIGEKEFQKLMADPGNPDLYHVLSVIWQLACEIKVLHMEPWSSFDIYTRKGPLENPKRRELLDQLQQKLYLI
QMIPRQNLFTKNLTPMNYNIFFHLLKHCFGRRSATVIDHLRSLTPLDARDILMQIGKQEDEKVVNMHPQDFKTLFETIER
SKDCAYKWLYDETLEDR
;
B
5 'polyribonucleotide' (GTP)GA R
#
loop_
_chem_comp.id
_chem_comp.type
_chem_comp.name
_chem_comp.formula
A RNA linking ADENOSINE-5'-MONOPHOSPHATE 'C10 H14 N5 O7 P'
DA DNA linking 2'-DEOXYADENOSINE-5'-MONOPHOSPHATE 'C10 H14 N5 O6 P'
DC DNA linking 2'-DEOXYCYTIDINE-5'-MONOPHOSPHATE 'C9 H14 N3 O7 P'
DG DNA linking 2'-DEOXYGUANOSINE-5'-MONOPHOSPHATE 'C10 H14 N5 O7 P'
DT DNA linking THYMIDINE-5'-MONOPHOSPHATE 'C10 H15 N2 O8 P'
G RNA linking GUANOSINE-5'-MONOPHOSPHATE 'C10 H14 N5 O8 P'
GTP non-polymer GUANOSINE-5'-TRIPHOSPHATE 'C10 H16 N5 O14 P3'
#
# COMPACT_ATOMS: atom_id res chain seq x y z
N GLN A 176 12.91 14.60 -22.11
CA GLN A 176 14.10 15.43 -22.23
C GLN A 176 15.12 15.10 -21.14
N LEU A 177 14.62 14.75 -19.97
CA LEU A 177 15.47 14.44 -18.82
C LEU A 177 15.89 12.98 -18.91
N SER A 178 17.12 12.75 -19.34
CA SER A 178 17.65 11.40 -19.41
C SER A 178 18.07 10.92 -18.03
N GLY A 179 18.48 9.66 -17.96
CA GLY A 179 18.92 9.10 -16.70
C GLY A 179 20.21 9.74 -16.20
N GLN A 180 21.17 9.96 -17.10
CA GLN A 180 22.44 10.55 -16.69
C GLN A 180 22.31 12.05 -16.50
N GLN A 181 21.48 12.71 -17.31
CA GLN A 181 21.35 14.16 -17.22
C GLN A 181 20.81 14.57 -15.86
N GLN A 182 19.79 13.89 -15.37
CA GLN A 182 19.25 14.21 -14.06
C GLN A 182 20.30 14.02 -12.97
N ARG A 183 21.07 12.93 -13.04
CA ARG A 183 22.07 12.67 -12.02
C ARG A 183 23.16 13.73 -12.03
N LEU A 184 23.62 14.14 -13.22
CA LEU A 184 24.63 15.18 -13.29
C LEU A 184 24.10 16.51 -12.77
N LEU A 185 22.84 16.83 -13.11
CA LEU A 185 22.25 18.08 -12.66
C LEU A 185 22.15 18.10 -11.14
N ALA A 186 21.69 16.99 -10.55
CA ALA A 186 21.62 16.90 -9.10
C ALA A 186 23.00 16.96 -8.46
N PHE A 187 24.00 16.39 -9.13
CA PHE A 187 25.37 16.49 -8.62
C PHE A 187 25.82 17.93 -8.57
N PHE A 188 25.54 18.70 -9.62
CA PHE A 188 25.94 20.11 -9.63
C PHE A 188 25.23 20.90 -8.53
N LYS A 189 23.92 20.71 -8.38
CA LYS A 189 23.22 21.40 -7.29
C LYS A 189 23.73 20.97 -5.91
N CYS A 190 24.03 19.68 -5.72
CA CYS A 190 24.53 19.25 -4.43
C CYS A 190 25.90 19.84 -4.13
N CYS A 191 26.78 19.91 -5.14
CA CYS A 191 28.06 20.57 -4.95
C CYS A 191 27.89 22.04 -4.63
N LEU A 192 26.90 22.69 -5.25
CA LEU A 192 26.59 24.06 -4.87
C LEU A 192 26.18 24.15 -3.40
N LEU A 193 25.35 23.21 -2.96
CA LEU A 193 24.87 23.25 -1.58
C LEU A 193 26.00 23.04 -0.58
N THR A 194 26.93 22.14 -0.89
CA THR A 194 28.04 21.86 0.02
C THR A 194 29.33 22.57 -0.36
N ASP A 195 29.28 23.46 -1.36
CA ASP A 195 30.40 24.34 -1.71
C ASP A 195 31.65 23.55 -2.11
N GLN A 196 31.46 22.45 -2.82
CA GLN A 196 32.57 21.72 -3.41
C GLN A 196 32.77 22.17 -4.86
N LEU A 197 32.99 23.47 -5.02
CA LEU A 197 33.14 24.05 -6.35
C LEU A 197 34.32 23.48 -7.16
N PRO A 198 35.50 23.24 -6.59
CA PRO A 198 36.56 22.63 -7.41
C PRO A 198 36.14 21.31 -8.06
N LEU A 199 35.41 20.47 -7.32
CA LEU A 199 34.97 19.18 -7.88
C LEU A 199 34.02 19.38 -9.04
N ALA A 200 33.02 20.25 -8.87
CA ALA A 200 32.05 20.50 -9.93
C ALA A 200 32.72 21.12 -11.15
N HIS A 201 33.65 22.06 -10.93
CA HIS A 201 34.36 22.67 -12.05
C HIS A 201 35.19 21.63 -12.79
N HIS A 202 35.88 20.76 -12.06
CA HIS A 202 36.69 19.73 -12.71
C HIS A 202 35.81 18.79 -13.52
N LEU A 203 34.67 18.37 -12.96
CA LEU A 203 33.82 17.44 -13.68
C LEU A 203 33.20 18.09 -14.91
N LEU A 204 32.81 19.36 -14.80
CA LEU A 204 32.30 20.08 -15.95
C LEU A 204 33.37 20.20 -17.05
N VAL A 205 34.61 20.47 -16.65
CA VAL A 205 35.69 20.55 -17.63
C VAL A 205 35.87 19.20 -18.33
N VAL A 206 35.84 18.12 -17.55
CA VAL A 206 36.01 16.79 -18.13
C VAL A 206 34.89 16.48 -19.12
N HIS A 207 33.64 16.75 -18.73
CA HIS A 207 32.52 16.49 -19.64
C HIS A 207 32.60 17.36 -20.89
N HIS A 208 33.03 18.60 -20.76
CA HIS A 208 33.13 19.46 -21.94
C HIS A 208 34.30 19.05 -22.82
N GLY A 209 35.29 18.35 -22.27
CA GLY A 209 36.44 17.95 -23.07
C GLY A 209 36.07 16.96 -24.17
N GLN A 210 35.29 15.94 -23.83
CA GLN A 210 34.91 14.92 -24.79
C GLN A 210 33.70 15.34 -25.61
N ARG A 211 33.71 15.01 -26.90
CA ARG A 211 32.63 15.42 -27.78
C ARG A 211 31.31 14.75 -27.39
N GLN A 212 31.33 13.42 -27.24
CA GLN A 212 30.10 12.71 -26.88
C GLN A 212 29.65 13.07 -25.46
N LYS A 213 30.60 13.18 -24.53
CA LYS A 213 30.24 13.47 -23.15
C LYS A 213 29.73 14.89 -22.98
N ARG A 214 30.06 15.78 -23.92
CA ARG A 214 29.62 17.17 -23.81
C ARG A 214 28.12 17.31 -24.04
N LYS A 215 27.54 16.50 -24.95
CA LYS A 215 26.13 16.65 -25.28
C LYS A 215 25.22 16.43 -24.07
N LEU A 216 25.69 15.72 -23.04
CA LEU A 216 24.90 15.57 -21.83
C LEU A 216 24.69 16.91 -21.14
N LEU A 217 25.72 17.76 -21.13
CA LEU A 217 25.64 19.05 -20.46
C LEU A 217 24.62 19.95 -21.16
N THR A 218 23.90 20.74 -20.36
CA THR A 218 22.94 21.71 -20.86
C THR A 218 23.18 23.05 -20.17
N LEU A 219 22.41 24.06 -20.59
CA LEU A 219 22.61 25.40 -20.05
C LEU A 219 22.39 25.46 -18.55
N ASP A 220 21.48 24.62 -18.02
CA ASP A 220 21.20 24.62 -16.60
C ASP A 220 22.44 24.20 -15.79
N MET A 221 23.17 23.20 -16.29
CA MET A 221 24.37 22.75 -15.59
C MET A 221 25.42 23.86 -15.54
N TYR A 222 25.65 24.54 -16.67
CA TYR A 222 26.59 25.65 -16.69
C TYR A 222 26.15 26.76 -15.75
N ASN A 223 24.86 27.08 -15.75
CA ASN A 223 24.34 28.15 -14.89
C ASN A 223 24.53 27.81 -13.43
N ALA A 224 24.26 26.56 -13.05
CA ALA A 224 24.49 26.15 -11.66
C ALA A 224 25.96 26.24 -11.29
N VAL A 225 26.84 25.80 -12.19
CA VAL A 225 28.27 25.83 -11.89
C VAL A 225 28.74 27.26 -11.69
N MET A 226 28.33 28.17 -12.57
CA MET A 226 28.78 29.56 -12.46
C MET A 226 28.14 30.25 -11.26
N LEU A 227 26.90 29.92 -10.93
CA LEU A 227 26.27 30.49 -9.75
C LEU A 227 27.00 30.06 -8.49
N GLY A 228 27.44 28.81 -8.44
CA GLY A 228 28.23 28.37 -7.31
C GLY A 228 29.51 29.16 -7.13
N TRP A 229 30.15 29.54 -8.23
CA TRP A 229 31.36 30.35 -8.15
C TRP A 229 31.06 31.79 -7.80
N ALA A 230 29.89 32.30 -8.20
CA ALA A 230 29.54 33.69 -7.93
C ALA A 230 29.51 33.98 -6.44
N ARG A 231 28.97 33.06 -5.64
CA ARG A 231 28.97 33.25 -4.19
C ARG A 231 30.37 33.33 -3.61
N GLN A 232 31.38 32.79 -4.32
CA GLN A 232 32.75 32.91 -3.85
C GLN A 232 33.43 34.17 -4.35
N GLY A 233 32.97 34.74 -5.46
CA GLY A 233 33.55 35.95 -6.00
C GLY A 233 34.65 35.74 -7.01
N ALA A 234 34.80 34.53 -7.57
CA ALA A 234 35.83 34.24 -8.55
C ALA A 234 35.31 34.61 -9.93
N PHE A 235 35.74 35.77 -10.43
CA PHE A 235 35.20 36.29 -11.68
C PHE A 235 35.79 35.56 -12.90
N LYS A 236 37.05 35.16 -12.82
CA LYS A 236 37.68 34.49 -13.95
C LYS A 236 37.04 33.13 -14.23
N GLU A 237 36.60 32.43 -13.19
CA GLU A 237 35.88 31.18 -13.39
C GLU A 237 34.58 31.42 -14.15
N LEU A 238 33.86 32.49 -13.79
CA LEU A 238 32.65 32.86 -14.52
C LEU A 238 32.96 33.21 -15.97
N VAL A 239 34.06 33.90 -16.21
CA VAL A 239 34.47 34.19 -17.59
C VAL A 239 34.70 32.91 -18.35
N TYR A 240 35.38 31.94 -17.73
CA TYR A 240 35.67 30.69 -18.41
C TYR A 240 34.40 29.90 -18.72
N VAL A 241 33.47 29.84 -17.77
CA VAL A 241 32.26 29.07 -18.02
C VAL A 241 31.41 29.76 -19.08
N LEU A 242 31.38 31.09 -19.08
CA LEU A 242 30.69 31.81 -20.15
C LEU A 242 31.32 31.53 -21.49
N PHE A 243 32.67 31.45 -21.53
CA PHE A 243 33.35 31.10 -22.77
C PHE A 243 32.94 29.72 -23.25
N MET A 244 32.87 28.74 -22.34
CA MET A 244 32.43 27.41 -22.75
C MET A 244 31.00 27.41 -23.24
N VAL A 245 30.13 28.17 -22.58
CA VAL A 245 28.73 28.25 -23.02
C VAL A 245 28.64 28.84 -24.43
N LYS A 246 29.41 29.89 -24.69
CA LYS A 246 29.42 30.48 -26.02
C LYS A 246 29.97 29.51 -27.06
N ASP A 247 31.02 28.77 -26.70
CA ASP A 247 31.59 27.79 -27.62
C ASP A 247 30.59 26.69 -27.95
N ALA A 248 29.85 26.22 -26.95
CA ALA A 248 28.89 25.15 -27.16
C ALA A 248 27.74 25.54 -28.08
N GLY A 249 27.56 26.84 -28.35
CA GLY A 249 26.46 27.31 -29.14
C GLY A 249 25.22 27.69 -28.35
N LEU A 250 25.20 27.43 -27.05
CA LEU A 250 24.06 27.80 -26.22
C LEU A 250 24.04 29.30 -26.00
N THR A 251 22.84 29.87 -26.07
CA THR A 251 22.65 31.30 -25.86
C THR A 251 22.44 31.58 -24.38
N PRO A 252 23.26 32.43 -23.76
CA PRO A 252 23.06 32.73 -22.33
C PRO A 252 21.71 33.38 -22.09
N ASP A 253 21.10 33.06 -20.95
CA ASP A 253 19.80 33.57 -20.57
C ASP A 253 19.93 34.56 -19.41
N LEU A 254 18.80 34.99 -18.86
CA LEU A 254 18.80 36.03 -17.85
C LEU A 254 19.57 35.60 -16.60
N LEU A 255 19.41 34.34 -16.18
CA LEU A 255 20.10 33.89 -14.97
C LEU A 255 21.61 33.86 -15.16
N SER A 256 22.07 33.57 -16.38
CA SER A 256 23.50 33.59 -16.65
C SER A 256 24.09 34.97 -16.41
N TYR A 257 23.41 36.02 -16.88
CA TYR A 257 23.87 37.37 -16.59
C TYR A 257 23.67 37.73 -15.13
N ALA A 258 22.63 37.18 -14.50
CA ALA A 258 22.35 37.49 -13.09
C ALA A 258 23.47 36.99 -12.18
N ALA A 259 24.00 35.81 -12.49
CA ALA A 259 25.12 35.29 -11.69
C ALA A 259 26.33 36.19 -11.78
N ALA A 260 26.67 36.64 -12.99
CA ALA A 260 27.79 37.55 -13.17
C ALA A 260 27.54 38.88 -12.46
N LEU A 261 26.30 39.38 -12.53
CA LEU A 261 25.97 40.62 -11.85
C LEU A 261 26.12 40.51 -10.34
N GLN A 262 25.67 39.39 -9.77
CA GLN A 262 25.77 39.23 -8.32
C GLN A 262 27.18 38.91 -7.86
N CYS A 263 28.03 38.38 -8.74
CA CYS A 263 29.42 38.16 -8.35
C CYS A 263 30.14 39.47 -8.06
N MET A 264 29.92 40.49 -8.90
CA MET A 264 30.64 41.76 -8.74
C MET A 264 30.28 42.43 -7.42
N GLY A 265 29.01 42.37 -7.02
CA GLY A 265 28.59 43.02 -5.79
C GLY A 265 29.37 42.55 -4.58
N ARG A 266 29.64 41.25 -4.52
CA ARG A 266 30.53 40.75 -3.47
C ARG A 266 31.98 41.06 -3.78
N GLN A 267 32.35 41.11 -5.06
CA GLN A 267 33.72 41.37 -5.47
C GLN A 267 34.07 42.85 -5.49
N ASP A 268 33.07 43.73 -5.61
CA ASP A 268 33.28 45.18 -5.65
C ASP A 268 34.14 45.58 -6.85
N GLN A 269 33.61 45.31 -8.05
CA GLN A 269 34.31 45.59 -9.28
C GLN A 269 33.97 46.99 -9.80
N ASP A 270 34.62 47.37 -10.90
CA ASP A 270 34.44 48.68 -11.49
C ASP A 270 33.16 48.74 -12.33
N ALA A 271 32.62 49.96 -12.48
CA ALA A 271 31.31 50.15 -13.09
C ALA A 271 31.28 49.82 -14.57
N GLY A 272 32.45 49.76 -15.23
CA GLY A 272 32.45 49.40 -16.64
C GLY A 272 31.92 48.01 -16.88
N THR A 273 32.27 47.06 -16.01
CA THR A 273 31.77 45.70 -16.13
C THR A 273 30.25 45.65 -15.96
N ILE A 274 29.73 46.40 -14.98
CA ILE A 274 28.28 46.44 -14.78
C ILE A 274 27.60 47.04 -16.00
N GLU A 275 28.16 48.13 -16.55
CA GLU A 275 27.57 48.75 -17.73
C GLU A 275 27.54 47.78 -18.91
N ARG A 276 28.64 47.05 -19.12
CA ARG A 276 28.68 46.07 -20.19
C ARG A 276 27.65 44.97 -19.98
N CYS A 277 27.54 44.46 -18.74
CA CYS A 277 26.60 43.38 -18.48
C CYS A 277 25.16 43.84 -18.67
N LEU A 278 24.86 45.06 -18.25
CA LEU A 278 23.49 45.61 -18.40
C LEU A 278 23.19 45.79 -19.89
N GLU A 279 24.16 46.32 -20.66
CA GLU A 279 23.93 46.53 -22.08
C GLU A 279 23.74 45.22 -22.84
N GLN A 280 24.46 44.18 -22.44
CA GLN A 280 24.35 42.90 -23.14
C GLN A 280 22.93 42.36 -23.10
N MET A 281 22.17 42.68 -22.04
CA MET A 281 20.80 42.19 -21.94
C MET A 281 19.88 42.81 -22.99
N SER A 282 20.31 43.89 -23.64
CA SER A 282 19.48 44.50 -24.68
C SER A 282 19.26 43.54 -25.85
N GLN A 283 20.18 42.58 -26.03
CA GLN A 283 19.96 41.55 -27.04
C GLN A 283 18.74 40.71 -26.71
N GLU A 284 18.58 40.33 -25.44
CA GLU A 284 17.38 39.62 -25.03
C GLU A 284 16.20 40.57 -24.90
N GLY A 285 16.45 41.80 -24.48
CA GLY A 285 15.45 42.84 -24.42
C GLY A 285 14.76 42.99 -23.09
N LEU A 286 14.71 41.93 -22.27
CA LEU A 286 14.07 42.02 -20.98
C LEU A 286 14.88 42.92 -20.04
N LYS A 287 14.17 43.72 -19.25
CA LYS A 287 14.82 44.72 -18.42
C LYS A 287 15.39 44.09 -17.15
N LEU A 288 16.01 44.94 -16.34
CA LEU A 288 16.62 44.48 -15.09
C LEU A 288 15.57 44.00 -14.09
N GLN A 289 14.47 44.76 -13.94
CA GLN A 289 13.38 44.30 -13.10
C GLN A 289 12.76 43.02 -13.65
N ALA A 290 12.75 42.87 -14.98
CA ALA A 290 12.33 41.61 -15.58
C ALA A 290 13.25 40.47 -15.16
N LEU A 291 14.53 40.76 -14.92
CA LEU A 291 15.44 39.75 -14.39
C LEU A 291 15.01 39.31 -13.00
N PHE A 292 14.62 40.27 -12.15
CA PHE A 292 14.15 39.93 -10.82
C PHE A 292 12.86 39.12 -10.87
N THR A 293 11.94 39.51 -11.75
CA THR A 293 10.64 38.84 -11.79
C THR A 293 10.75 37.44 -12.40
N ALA A 294 11.48 37.30 -13.51
CA ALA A 294 11.51 36.03 -14.23
C ALA A 294 12.35 34.99 -13.51
N VAL A 295 13.48 35.40 -12.94
CA VAL A 295 14.40 34.49 -12.29
C VAL A 295 14.06 34.42 -10.81
N LEU A 296 13.94 33.19 -10.30
CA LEU A 296 13.64 32.97 -8.88
C LEU A 296 14.92 33.00 -8.04
N LEU A 297 15.56 34.16 -8.05
CA LEU A 297 16.81 34.34 -7.31
C LEU A 297 16.53 34.40 -5.81
N SER A 298 17.53 34.00 -5.03
CA SER A 298 17.41 34.04 -3.58
C SER A 298 17.39 35.48 -3.09
N GLU A 299 16.90 35.66 -1.86
CA GLU A 299 16.77 37.00 -1.30
C GLU A 299 18.13 37.69 -1.20
N GLU A 300 19.15 36.97 -0.72
CA GLU A 300 20.51 37.52 -0.72
C GLU A 300 21.00 37.79 -2.13
N ASP A 301 20.68 36.87 -3.06
CA ASP A 301 21.04 37.10 -4.46
C ASP A 301 20.32 38.33 -5.02
N ARG A 302 19.05 38.49 -4.70
CA ARG A 302 18.32 39.68 -5.15
C ARG A 302 18.95 40.95 -4.60
N ALA A 303 19.32 40.94 -3.31
CA ALA A 303 19.94 42.12 -2.70
C ALA A 303 21.28 42.43 -3.35
N THR A 304 22.10 41.40 -3.59
CA THR A 304 23.41 41.65 -4.21
C THR A 304 23.27 42.14 -5.63
N VAL A 305 22.31 41.60 -6.39
CA VAL A 305 22.09 42.07 -7.75
C VAL A 305 21.62 43.52 -7.73
N LEU A 306 20.72 43.87 -6.80
CA LEU A 306 20.29 45.26 -6.69
C LEU A 306 21.44 46.19 -6.35
N LYS A 307 22.30 45.76 -5.41
CA LYS A 307 23.46 46.58 -5.05
C LYS A 307 24.38 46.77 -6.24
N ALA A 308 24.60 45.72 -7.02
CA ALA A 308 25.46 45.84 -8.19
C ALA A 308 24.85 46.76 -9.25
N VAL A 309 23.55 46.63 -9.51
CA VAL A 309 22.95 47.41 -10.58
C VAL A 309 22.78 48.86 -10.17
N HIS A 310 22.74 49.13 -8.86
CA HIS A 310 22.65 50.52 -8.41
C HIS A 310 23.87 51.34 -8.82
N LYS A 311 24.98 50.69 -9.14
CA LYS A 311 26.18 51.42 -9.58
C LYS A 311 25.95 52.11 -10.90
N VAL A 312 25.32 51.43 -11.85
CA VAL A 312 25.09 52.01 -13.17
C VAL A 312 23.69 52.59 -13.29
N LYS A 313 22.67 51.80 -12.95
CA LYS A 313 21.30 52.26 -13.02
C LYS A 313 20.64 52.24 -11.64
N PRO A 324 -2.43 42.01 0.05
CA PRO A 324 -2.72 40.65 -0.37
C PRO A 324 -4.11 40.52 -1.01
N PRO A 325 -4.21 39.76 -2.10
CA PRO A 325 -5.51 39.61 -2.77
C PRO A 325 -6.46 38.76 -1.94
N VAL A 326 -7.74 38.88 -2.27
CA VAL A 326 -8.82 38.15 -1.60
C VAL A 326 -9.61 37.39 -2.65
N ASN A 327 -9.89 36.11 -2.39
CA ASN A 327 -10.63 35.28 -3.34
C ASN A 327 -12.03 35.84 -3.57
N THR A 328 -12.43 35.92 -4.83
CA THR A 328 -13.73 36.44 -5.22
C THR A 328 -14.65 35.37 -5.78
N SER A 329 -14.41 34.10 -5.43
CA SER A 329 -15.27 33.02 -5.90
C SER A 329 -16.65 33.13 -5.27
N LYS A 330 -17.65 32.63 -6.00
CA LYS A 330 -19.03 32.71 -5.52
C LYS A 330 -19.23 31.90 -4.24
N LEU A 331 -18.67 30.70 -4.17
CA LEU A 331 -18.92 29.85 -3.02
C LEU A 331 -18.18 30.33 -1.77
N LEU A 332 -17.02 30.94 -1.93
CA LEU A 332 -16.20 31.36 -0.80
C LEU A 332 -16.28 32.86 -0.54
N ARG A 333 -17.22 33.56 -1.18
CA ARG A 333 -17.32 35.01 -0.99
C ARG A 333 -17.62 35.36 0.45
N ASP A 334 -18.51 34.61 1.10
CA ASP A 334 -18.93 34.93 2.45
C ASP A 334 -17.82 34.67 3.47
N VAL A 335 -16.94 33.71 3.19
CA VAL A 335 -15.89 33.38 4.15
C VAL A 335 -14.86 34.50 4.25
N TYR A 336 -14.49 35.08 3.12
CA TYR A 336 -13.38 36.03 3.06
C TYR A 336 -13.85 37.48 3.07
N ALA A 337 -15.14 37.74 3.22
CA ALA A 337 -15.63 39.11 3.30
C ALA A 337 -15.43 39.65 4.71
N LYS A 338 -14.68 40.75 4.83
CA LYS A 338 -14.45 41.35 6.14
C LYS A 338 -15.74 41.91 6.72
N ASP A 339 -16.56 42.54 5.89
CA ASP A 339 -17.82 43.09 6.36
C ASP A 339 -18.75 41.98 6.82
N GLY A 340 -19.34 42.16 7.99
CA GLY A 340 -20.21 41.18 8.61
C GLY A 340 -19.77 40.90 10.02
N ARG A 341 -20.33 39.84 10.59
CA ARG A 341 -20.01 39.43 11.95
C ARG A 341 -19.10 38.21 11.92
N VAL A 342 -17.96 38.31 12.58
CA VAL A 342 -16.99 37.22 12.66
C VAL A 342 -16.68 36.96 14.13
N SER A 343 -16.63 35.69 14.49
CA SER A 343 -16.42 35.26 15.87
C SER A 343 -15.37 34.17 15.94
N TYR A 344 -14.24 34.41 15.29
CA TYR A 344 -13.17 33.41 15.24
C TYR A 344 -12.75 33.02 16.65
N PRO A 345 -12.69 31.74 16.97
CA PRO A 345 -12.38 31.31 18.34
C PRO A 345 -10.91 31.47 18.67
N LYS A 346 -10.60 31.29 19.95
CA LYS A 346 -9.24 31.39 20.46
C LYS A 346 -8.92 30.12 21.23
N LEU A 347 -7.62 29.83 21.34
CA LEU A 347 -7.20 28.74 22.18
C LEU A 347 -7.44 29.06 23.65
N HIS A 348 -7.25 28.07 24.50
CA HIS A 348 -7.47 28.21 25.94
C HIS A 348 -6.17 28.37 26.71
N LEU A 349 -5.07 28.67 26.04
CA LEU A 349 -3.78 28.70 26.69
C LEU A 349 -3.15 30.09 26.66
N PRO A 350 -2.36 30.45 27.66
CA PRO A 350 -1.68 31.75 27.65
C PRO A 350 -0.58 31.79 26.60
N LEU A 351 -0.20 33.01 26.24
CA LEU A 351 0.84 33.20 25.22
C LEU A 351 2.18 32.62 25.67
N LYS A 352 2.52 32.80 26.96
CA LYS A 352 3.80 32.29 27.45
C LYS A 352 3.87 30.77 27.32
N THR A 353 2.79 30.07 27.69
CA THR A 353 2.78 28.62 27.59
C THR A 353 2.87 28.17 26.13
N LEU A 354 2.19 28.87 25.23
CA LEU A 354 2.26 28.53 23.82
C LEU A 354 3.67 28.70 23.28
N GLN A 355 4.35 29.77 23.67
CA GLN A 355 5.72 29.98 23.20
C GLN A 355 6.68 28.94 23.78
N CYS A 356 6.48 28.56 25.04
CA CYS A 356 7.30 27.49 25.62
C CYS A 356 7.08 26.17 24.87
N LEU A 357 5.83 25.86 24.54
CA LEU A 357 5.54 24.64 23.79
C LEU A 357 6.17 24.69 22.40
N PHE A 358 6.13 25.86 21.75
CA PHE A 358 6.77 25.99 20.46
C PHE A 358 8.28 25.76 20.55
N GLU A 359 8.91 26.29 21.60
CA GLU A 359 10.34 26.03 21.78
C GLU A 359 10.61 24.55 21.96
N LYS A 360 9.78 23.86 22.76
CA LYS A 360 9.96 22.43 22.93
C LYS A 360 9.80 21.68 21.61
N GLN A 361 8.79 22.04 20.82
CA GLN A 361 8.59 21.37 19.53
C GLN A 361 9.75 21.62 18.58
N LEU A 362 10.27 22.85 18.55
CA LEU A 362 11.41 23.14 17.69
C LEU A 362 12.62 22.33 18.10
N HIS A 363 12.88 22.23 19.41
CA HIS A 363 14.01 21.42 19.86
C HIS A 363 13.83 19.95 19.48
N MET A 364 12.62 19.41 19.68
CA MET A 364 12.38 18.01 19.36
C MET A 364 12.52 17.74 17.87
N GLU A 365 12.07 18.66 17.03
CA GLU A 365 12.22 18.49 15.59
C GLU A 365 13.66 18.67 15.12
N LEU A 366 14.43 19.53 15.78
CA LEU A 366 15.85 19.65 15.45
C LEU A 366 16.60 18.38 15.82
N ALA A 367 16.30 17.79 16.97
CA ALA A 367 16.90 16.50 17.31
C ALA A 367 16.48 15.39 16.37
N SER A 368 15.31 15.51 15.74
CA SER A 368 14.79 14.64 14.70
C SER A 368 14.46 13.23 15.19
N ARG A 369 14.48 12.99 16.49
CA ARG A 369 14.09 11.70 17.05
C ARG A 369 13.29 11.94 18.33
N VAL A 370 12.40 11.02 18.64
CA VAL A 370 11.61 11.06 19.86
C VAL A 370 11.76 9.74 20.58
N CYS A 371 12.05 9.80 21.88
CA CYS A 371 12.20 8.61 22.71
C CYS A 371 10.94 8.44 23.55
N VAL A 372 10.33 7.27 23.47
CA VAL A 372 9.06 6.98 24.12
C VAL A 372 9.22 5.74 24.99
N VAL A 373 8.74 5.81 26.23
CA VAL A 373 8.73 4.63 27.08
C VAL A 373 7.71 3.62 26.53
N SER A 374 8.01 2.34 26.71
CA SER A 374 7.18 1.27 26.15
C SER A 374 6.09 0.88 27.14
N VAL A 375 4.85 0.82 26.64
CA VAL A 375 3.73 0.42 27.50
C VAL A 375 3.84 -1.05 27.88
N GLU A 376 4.29 -1.88 26.96
CA GLU A 376 4.47 -3.31 27.23
C GLU A 376 5.70 -3.53 28.11
N LYS A 377 5.78 -4.73 28.69
CA LYS A 377 6.87 -5.11 29.57
C LYS A 377 7.06 -4.09 30.68
N PRO A 378 6.16 -4.04 31.67
CA PRO A 378 6.29 -3.03 32.74
C PRO A 378 7.62 -3.11 33.46
N THR A 379 8.14 -4.30 33.72
CA THR A 379 9.43 -4.46 34.37
C THR A 379 9.92 -5.88 34.18
N LEU A 380 11.24 -6.03 34.10
CA LEU A 380 11.88 -7.34 33.92
C LEU A 380 13.25 -7.31 34.59
N PRO A 381 13.29 -7.45 35.91
CA PRO A 381 14.59 -7.49 36.61
C PRO A 381 15.15 -8.91 36.59
N SER A 382 16.25 -9.09 35.88
CA SER A 382 16.85 -10.41 35.75
C SER A 382 18.31 -10.28 35.37
N LYS A 383 19.05 -11.39 35.52
CA LYS A 383 20.43 -11.42 35.08
C LYS A 383 20.53 -11.52 33.56
N GLU A 384 19.65 -12.31 32.95
CA GLU A 384 19.74 -12.55 31.52
C GLU A 384 19.42 -11.30 30.72
N VAL A 385 18.46 -10.50 31.18
CA VAL A 385 18.19 -9.25 30.48
C VAL A 385 19.37 -8.30 30.62
N LYS A 386 20.05 -8.31 31.77
CA LYS A 386 21.25 -7.49 31.92
C LYS A 386 22.34 -7.93 30.95
N HIS A 387 22.54 -9.24 30.82
CA HIS A 387 23.54 -9.74 29.88
C HIS A 387 23.18 -9.37 28.45
N ALA A 388 21.90 -9.47 28.09
CA ALA A 388 21.46 -9.09 26.76
C ALA A 388 21.70 -7.61 26.51
N ARG A 389 21.41 -6.76 27.50
CA ARG A 389 21.63 -5.33 27.35
C ARG A 389 23.11 -5.02 27.18
N LYS A 390 23.97 -5.66 27.97
CA LYS A 390 25.41 -5.41 27.85
C LYS A 390 25.93 -5.84 26.48
N THR A 391 25.51 -7.03 26.03
CA THR A 391 25.94 -7.49 24.72
C THR A 391 25.44 -6.57 23.61
N LEU A 392 24.19 -6.11 23.73
CA LEU A 392 23.65 -5.20 22.73
C LEU A 392 24.44 -3.89 22.69
N LYS A 393 24.79 -3.35 23.86
CA LYS A 393 25.54 -2.11 23.90
C LYS A 393 26.92 -2.27 23.26
N THR A 394 27.63 -3.36 23.61
CA THR A 394 28.94 -3.60 23.02
C THR A 394 28.84 -3.76 21.51
N LEU A 395 27.84 -4.51 21.05
CA LEU A 395 27.62 -4.67 19.62
C LEU A 395 27.37 -3.32 18.96
N ARG A 396 26.58 -2.46 19.60
CA ARG A 396 26.25 -1.17 18.99
C ARG A 396 27.49 -0.29 18.86
N ASP A 397 28.38 -0.34 19.87
CA ASP A 397 29.65 0.38 19.75
C ASP A 397 30.46 -0.14 18.57
N GLN A 398 30.59 -1.47 18.46
CA GLN A 398 31.36 -2.03 17.36
C GLN A 398 30.77 -1.63 16.01
N TRP A 399 29.44 -1.68 15.90
CA TRP A 399 28.76 -1.30 14.66
C TRP A 399 28.94 0.17 14.33
N GLU A 400 28.87 1.07 15.31
CA GLU A 400 29.05 2.49 14.98
C GLU A 400 30.47 2.75 14.50
N LYS A 401 31.47 2.15 15.15
CA LYS A 401 32.84 2.34 14.66
C LYS A 401 33.02 1.75 13.26
N ALA A 402 32.47 0.56 13.03
CA ALA A 402 32.60 -0.07 11.72
C ALA A 402 31.91 0.76 10.64
N LEU A 403 30.74 1.31 10.95
CA LEU A 403 30.03 2.13 9.98
C LEU A 403 30.73 3.45 9.73
N CYS A 404 31.39 4.01 10.75
CA CYS A 404 32.21 5.20 10.52
C CYS A 404 33.35 4.90 9.55
N ARG A 405 34.05 3.78 9.75
CA ARG A 405 35.12 3.41 8.84
C ARG A 405 34.58 3.15 7.43
N ALA A 406 33.42 2.49 7.32
CA ALA A 406 32.83 2.25 6.02
C ALA A 406 32.46 3.55 5.33
N LEU A 407 31.91 4.50 6.08
CA LEU A 407 31.60 5.81 5.52
C LEU A 407 32.85 6.50 4.99
N ARG A 408 33.92 6.49 5.78
CA ARG A 408 35.14 7.15 5.33
C ARG A 408 35.69 6.48 4.06
N GLU A 409 35.73 5.15 4.04
CA GLU A 409 36.24 4.45 2.88
C GLU A 409 35.38 4.71 1.65
N THR A 410 34.06 4.70 1.81
CA THR A 410 33.17 4.97 0.69
C THR A 410 33.34 6.39 0.16
N LYS A 411 33.49 7.36 1.07
CA LYS A 411 33.71 8.73 0.64
C LYS A 411 35.01 8.86 -0.15
N ASN A 412 36.08 8.21 0.33
CA ASN A 412 37.35 8.25 -0.41
C ASN A 412 37.21 7.60 -1.78
N ARG A 413 36.53 6.46 -1.84
CA ARG A 413 36.33 5.78 -3.13
C ARG A 413 35.59 6.69 -4.09
N LEU A 414 34.46 7.25 -3.66
CA LEU A 414 33.68 8.09 -4.55
C LEU A 414 34.42 9.35 -4.94
N GLU A 415 35.25 9.90 -4.05
CA GLU A 415 36.08 11.04 -4.40
C GLU A 415 37.07 10.69 -5.50
N ARG A 416 37.74 9.55 -5.37
CA ARG A 416 38.70 9.16 -6.41
C ARG A 416 37.99 8.86 -7.72
N GLU A 417 36.73 8.41 -7.66
CA GLU A 417 35.96 8.29 -8.89
C GLU A 417 35.59 9.65 -9.47
N VAL A 418 35.37 10.65 -8.61
CA VAL A 418 35.15 12.01 -9.10
C VAL A 418 36.36 12.50 -9.85
N TYR A 419 37.55 12.28 -9.30
CA TYR A 419 38.78 12.77 -9.93
C TYR A 419 39.12 12.03 -11.21
N GLU A 420 38.41 10.95 -11.54
CA GLU A 420 38.61 10.23 -12.79
C GLU A 420 37.61 10.66 -13.86
N GLY A 421 36.98 11.81 -13.72
CA GLY A 421 36.01 12.26 -14.70
C GLY A 421 34.75 11.41 -14.77
N ARG A 422 34.21 11.02 -13.62
CA ARG A 422 33.04 10.17 -13.56
C ARG A 422 32.03 10.73 -12.57
N PHE A 423 30.76 10.47 -12.84
CA PHE A 423 29.70 10.73 -11.87
C PHE A 423 29.87 9.85 -10.64
N SER A 424 29.44 10.38 -9.49
CA SER A 424 29.40 9.60 -8.27
C SER A 424 28.41 10.27 -7.31
N LEU A 425 28.45 9.86 -6.05
CA LEU A 425 27.58 10.40 -5.01
C LEU A 425 28.39 10.89 -3.81
N TYR A 426 29.57 11.46 -4.05
CA TYR A 426 30.34 12.05 -2.96
C TYR A 426 29.65 13.24 -2.32
N PRO A 427 29.19 14.25 -3.07
CA PRO A 427 28.51 15.38 -2.41
C PRO A 427 27.27 14.98 -1.64
N PHE A 428 26.49 14.03 -2.15
CA PHE A 428 25.30 13.59 -1.45
C PHE A 428 25.64 12.87 -0.15
N LEU A 429 26.89 12.43 0.01
CA LEU A 429 27.35 11.90 1.29
C LEU A 429 28.02 12.95 2.15
N CYS A 430 28.48 14.05 1.56
CA CYS A 430 29.06 15.14 2.33
C CYS A 430 28.02 16.12 2.85
N LEU A 431 26.74 15.94 2.49
CA LEU A 431 25.72 16.87 2.95
C LEU A 431 25.55 16.82 4.46
N LEU A 432 25.55 15.63 5.04
CA LEU A 432 25.35 15.45 6.46
C LEU A 432 26.66 15.10 7.13
N ASP A 433 26.68 15.25 8.45
CA ASP A 433 27.83 14.84 9.23
C ASP A 433 27.94 13.32 9.27
N GLU A 434 29.16 12.84 9.49
CA GLU A 434 29.39 11.39 9.58
C GLU A 434 28.61 10.79 10.73
N ARG A 435 28.67 11.43 11.90
CA ARG A 435 27.97 10.91 13.07
C ARG A 435 26.47 10.89 12.87
N GLU A 436 25.93 11.90 12.18
CA GLU A 436 24.49 11.92 11.89
C GLU A 436 24.08 10.73 11.04
N VAL A 437 24.87 10.41 10.01
CA VAL A 437 24.54 9.28 9.15
C VAL A 437 24.68 7.96 9.91
N VAL A 438 25.67 7.88 10.80
CA VAL A 438 25.81 6.67 11.61
C VAL A 438 24.59 6.48 12.51
N ARG A 439 24.14 7.56 13.16
CA ARG A 439 22.93 7.47 13.98
C ARG A 439 21.72 7.09 13.15
N MET A 440 21.58 7.70 11.97
CA MET A 440 20.59 7.29 10.99
C MET A 440 20.57 5.78 10.79
N LEU A 441 21.72 5.22 10.39
CA LEU A 441 21.75 3.81 10.00
C LEU A 441 21.51 2.90 11.20
N LEU A 442 22.01 3.27 12.37
CA LEU A 442 21.73 2.46 13.56
C LEU A 442 20.24 2.47 13.88
N GLN A 443 19.59 3.62 13.78
CA GLN A 443 18.16 3.68 14.03
C GLN A 443 17.38 2.85 13.01
N VAL A 444 17.75 2.95 11.74
CA VAL A 444 17.07 2.17 10.71
C VAL A 444 17.27 0.68 10.94
N LEU A 445 18.47 0.27 11.36
CA LEU A 445 18.71 -1.13 11.64
C LEU A 445 17.85 -1.62 12.80
N GLN A 446 17.75 -0.83 13.87
CA GLN A 446 16.89 -1.25 14.97
C GLN A 446 15.42 -1.20 14.60
N ALA A 447 15.05 -0.45 13.55
CA ALA A 447 13.67 -0.39 13.11
C ALA A 447 13.29 -1.52 12.16
N LEU A 448 14.23 -2.39 11.80
CA LEU A 448 13.93 -3.45 10.85
C LEU A 448 13.16 -4.58 11.54
N PRO A 449 12.00 -4.98 11.02
CA PRO A 449 11.25 -6.07 11.64
C PRO A 449 11.92 -7.42 11.46
N ALA A 450 11.56 -8.35 12.33
CA ALA A 450 12.16 -9.69 12.30
C ALA A 450 11.78 -10.47 11.05
N GLN A 451 10.77 -10.01 10.29
CA GLN A 451 10.37 -10.67 9.07
C GLN A 451 11.04 -10.09 7.83
N GLY A 452 12.00 -9.19 8.00
CA GLY A 452 12.71 -8.62 6.89
C GLY A 452 11.94 -7.50 6.22
N GLU A 453 12.51 -7.00 5.13
CA GLU A 453 11.89 -5.94 4.36
C GLU A 453 12.53 -5.91 2.99
N SER A 454 11.76 -5.50 1.99
CA SER A 454 12.27 -5.45 0.60
C SER A 454 13.42 -4.46 0.48
N PHE A 455 14.35 -4.71 -0.45
CA PHE A 455 15.46 -3.77 -0.70
C PHE A 455 14.89 -2.46 -1.24
N THR A 456 13.91 -2.50 -2.14
CA THR A 456 13.45 -1.22 -2.71
C THR A 456 12.78 -0.38 -1.62
N THR A 457 12.37 -0.98 -0.49
CA THR A 457 11.81 -0.23 0.63
C THR A 457 12.91 0.39 1.49
N LEU A 458 13.91 -0.41 1.88
CA LEU A 458 15.05 0.13 2.67
C LEU A 458 15.73 1.21 1.85
N ALA A 459 15.79 1.08 0.52
CA ALA A 459 16.34 2.14 -0.35
C ALA A 459 15.49 3.40 -0.32
N ARG A 460 14.17 3.26 -0.35
CA ARG A 460 13.29 4.46 -0.44
C ARG A 460 13.30 5.17 0.89
N GLU A 461 13.28 4.45 1.99
CA GLU A 461 13.17 5.10 3.28
C GLU A 461 14.49 5.73 3.72
N LEU A 462 15.63 5.11 3.40
CA LEU A 462 16.91 5.73 3.72
C LEU A 462 17.10 7.03 2.94
N SER A 463 16.75 7.03 1.65
CA SER A 463 16.86 8.27 0.89
C SER A 463 15.95 9.36 1.44
N ALA A 464 14.71 9.01 1.79
CA ALA A 464 13.79 10.01 2.32
C ALA A 464 14.29 10.58 3.64
N ARG A 465 14.77 9.72 4.54
CA ARG A 465 15.29 10.22 5.81
C ARG A 465 16.52 11.10 5.59
N THR A 466 17.38 10.74 4.64
CA THR A 466 18.53 11.60 4.33
C THR A 466 18.08 12.97 3.86
N PHE A 467 17.07 13.03 2.99
CA PHE A 467 16.59 14.32 2.51
C PHE A 467 16.00 15.15 3.65
N SER A 468 15.24 14.52 4.54
CA SER A 468 14.66 15.26 5.66
C SER A 468 15.75 15.84 6.55
N ARG A 469 16.74 15.03 6.92
CA ARG A 469 17.83 15.55 7.73
C ARG A 469 18.61 16.64 7.00
N HIS A 470 18.81 16.50 5.70
CA HIS A 470 19.47 17.54 4.91
C HIS A 470 18.74 18.87 4.99
N VAL A 471 17.43 18.87 4.76
CA VAL A 471 16.72 20.15 4.75
C VAL A 471 16.66 20.75 6.15
N VAL A 472 16.50 19.92 7.18
CA VAL A 472 16.49 20.43 8.55
C VAL A 472 17.82 21.09 8.88
N GLN A 473 18.93 20.42 8.56
CA GLN A 473 20.25 20.97 8.87
C GLN A 473 20.53 22.23 8.05
N ARG A 474 20.11 22.23 6.78
CA ARG A 474 20.32 23.41 5.95
C ARG A 474 19.59 24.63 6.50
N GLN A 475 18.34 24.44 6.94
CA GLN A 475 17.63 25.55 7.56
C GLN A 475 18.27 25.95 8.89
N ARG A 476 18.81 25.00 9.64
CA ARG A 476 19.48 25.35 10.89
C ARG A 476 20.70 26.23 10.64
N VAL A 477 21.53 25.87 9.67
CA VAL A 477 22.77 26.61 9.49
C VAL A 477 22.55 27.88 8.67
N SER A 478 21.48 27.94 7.89
CA SER A 478 21.25 29.13 7.07
C SER A 478 20.73 30.29 7.89
N GLY A 479 20.25 30.03 9.10
CA GLY A 479 19.74 31.06 9.98
C GLY A 479 18.25 31.31 9.91
N GLN A 480 17.52 30.58 9.07
CA GLN A 480 16.08 30.75 8.99
C GLN A 480 15.35 30.25 10.23
N VAL A 481 16.03 29.47 11.09
CA VAL A 481 15.42 29.05 12.34
C VAL A 481 15.09 30.25 13.21
N GLN A 482 16.00 31.23 13.28
CA GLN A 482 15.76 32.41 14.10
C GLN A 482 14.63 33.27 13.53
N ALA A 483 14.60 33.44 12.21
CA ALA A 483 13.53 34.21 11.59
C ALA A 483 12.18 33.55 11.84
N LEU A 484 12.11 32.23 11.67
CA LEU A 484 10.88 31.51 11.98
C LEU A 484 10.51 31.63 13.45
N GLN A 485 11.51 31.57 14.33
CA GLN A 485 11.23 31.66 15.76
C GLN A 485 10.59 33.00 16.11
N ASN A 486 11.17 34.09 15.62
CA ASN A 486 10.60 35.41 15.92
C ASN A 486 9.22 35.57 15.29
N HIS A 487 9.07 35.16 14.03
CA HIS A 487 7.77 35.33 13.37
C HIS A 487 6.69 34.50 14.06
N TYR A 488 7.04 33.29 14.52
CA TYR A 488 6.06 32.46 15.21
C TYR A 488 5.73 33.02 16.58
N ARG A 489 6.73 33.53 17.30
CA ARG A 489 6.46 34.13 18.60
C ARG A 489 5.57 35.35 18.47
N LYS A 490 5.67 36.10 17.37
CA LYS A 490 4.75 37.20 17.14
C LYS A 490 3.38 36.73 16.64
N TYR A 491 3.34 35.63 15.89
CA TYR A 491 2.08 35.14 15.32
C TYR A 491 1.22 34.44 16.35
N LEU A 492 1.84 33.88 17.39
CA LEU A 492 1.07 33.16 18.41
C LEU A 492 0.12 34.07 19.18
N CYS A 493 0.25 35.38 19.07
CA CYS A 493 -0.69 36.28 19.74
C CYS A 493 -2.08 36.19 19.13
N LEU A 494 -2.19 35.73 17.88
CA LEU A 494 -3.51 35.62 17.25
C LEU A 494 -4.35 34.52 17.88
N LEU A 495 -3.74 33.37 18.17
CA LEU A 495 -4.47 32.23 18.71
C LEU A 495 -4.48 32.20 20.24
N ALA A 496 -3.67 33.03 20.90
CA ALA A 496 -3.61 32.98 22.35
C ALA A 496 -4.88 33.53 22.98
N SER A 497 -5.15 33.10 24.20
CA SER A 497 -6.36 33.51 24.89
C SER A 497 -6.27 34.97 25.34
N ASP A 498 -5.29 35.28 26.20
CA ASP A 498 -5.17 36.63 26.73
C ASP A 498 -4.79 37.63 25.65
N ALA A 499 -3.92 37.25 24.73
CA ALA A 499 -3.44 38.16 23.71
C ALA A 499 -4.55 38.52 22.73
N GLU A 500 -4.35 39.62 22.01
CA GLU A 500 -5.31 40.12 21.05
C GLU A 500 -4.57 40.66 19.84
N VAL A 501 -5.32 41.01 18.80
CA VAL A 501 -4.74 41.57 17.59
C VAL A 501 -5.52 42.83 17.22
N PRO A 502 -4.92 43.77 16.47
CA PRO A 502 -5.68 44.96 16.06
C PRO A 502 -6.92 44.63 15.25
N GLU A 503 -6.86 43.62 14.39
CA GLU A 503 -8.03 43.20 13.63
C GLU A 503 -8.01 41.67 13.49
N PRO A 504 -9.03 40.99 14.01
CA PRO A 504 -9.06 39.52 13.89
C PRO A 504 -9.19 39.09 12.43
N CYS A 505 -8.43 38.08 12.06
CA CYS A 505 -8.40 37.57 10.69
C CYS A 505 -8.10 36.08 10.73
N LEU A 506 -8.16 35.45 9.56
CA LEU A 506 -7.78 34.05 9.45
C LEU A 506 -6.27 33.91 9.65
N PRO A 507 -5.83 32.81 10.25
CA PRO A 507 -4.40 32.65 10.55
C PRO A 507 -3.50 32.81 9.34
N ARG A 508 -3.93 32.35 8.16
CA ARG A 508 -3.11 32.57 6.96
C ARG A 508 -2.96 34.05 6.65
N GLN A 509 -4.05 34.81 6.74
CA GLN A 509 -3.99 36.24 6.45
C GLN A 509 -3.11 36.98 7.45
N TYR A 510 -3.22 36.63 8.74
CA TYR A 510 -2.37 37.25 9.74
C TYR A 510 -0.91 36.89 9.52
N TRP A 511 -0.63 35.64 9.18
CA TRP A 511 0.75 35.23 8.92
C TRP A 511 1.32 36.01 7.73
N GLU A 512 0.53 36.17 6.67
CA GLU A 512 1.01 36.95 5.52
C GLU A 512 1.23 38.40 5.88
N GLU A 513 0.31 39.01 6.64
CA GLU A 513 0.41 40.43 6.94
C GLU A 513 1.55 40.72 7.91
N LEU A 514 1.82 39.80 8.82
CA LEU A 514 2.86 40.00 9.83
C LEU A 514 4.27 40.00 9.24
N GLY A 515 4.44 39.57 7.99
CA GLY A 515 5.75 39.50 7.38
C GLY A 515 6.19 38.07 7.13
N ALA A 516 6.08 37.63 5.88
CA ALA A 516 6.40 36.24 5.56
C ALA A 516 7.91 36.05 5.47
N PRO A 517 8.49 35.14 6.25
CA PRO A 517 9.92 34.81 6.21
C PRO A 517 10.35 34.26 4.86
N PRO A 524 13.45 18.58 -5.15
CA PRO A 524 14.30 17.59 -4.48
C PRO A 524 15.16 16.79 -5.44
N TRP A 525 15.83 15.76 -4.95
CA TRP A 525 16.66 14.93 -5.80
C TRP A 525 15.81 14.15 -6.79
N PRO A 526 16.34 13.87 -7.97
CA PRO A 526 15.63 12.99 -8.90
C PRO A 526 15.55 11.57 -8.34
N LEU A 527 14.53 10.84 -8.80
CA LEU A 527 14.29 9.48 -8.25
C LEU A 527 15.52 8.59 -8.48
N PRO A 528 16.21 8.56 -9.65
CA PRO A 528 17.41 7.71 -9.74
C PRO A 528 18.44 8.00 -8.68
N VAL A 529 18.69 9.28 -8.37
CA VAL A 529 19.69 9.62 -7.37
C VAL A 529 19.24 9.16 -5.99
N GLN A 530 17.95 9.30 -5.71
CA GLN A 530 17.42 8.92 -4.38
C GLN A 530 17.57 7.42 -4.23
N MET A 531 17.21 6.67 -5.27
CA MET A 531 17.29 5.19 -5.21
C MET A 531 18.75 4.75 -5.06
N GLU A 532 19.66 5.33 -5.84
CA GLU A 532 21.08 4.92 -5.80
C GLU A 532 21.66 5.23 -4.43
N LEU A 533 21.30 6.39 -3.88
CA LEU A 533 21.83 6.79 -2.55
C LEU A 533 21.36 5.81 -1.46
N GLY A 534 20.10 5.38 -1.54
CA GLY A 534 19.58 4.45 -0.54
C GLY A 534 20.26 3.09 -0.60
N LYS A 535 20.48 2.59 -1.81
CA LYS A 535 21.13 1.27 -1.97
C LYS A 535 22.52 1.36 -1.37
N LEU A 536 23.24 2.44 -1.61
CA LEU A 536 24.64 2.55 -1.13
C LEU A 536 24.66 2.50 0.39
N LEU A 537 23.72 3.21 1.01
CA LEU A 537 23.64 3.22 2.50
C LEU A 537 23.21 1.84 3.00
N ALA A 538 22.25 1.22 2.33
CA ALA A 538 21.74 -0.10 2.74
C ALA A 538 22.86 -1.13 2.62
N GLU A 539 23.59 -1.11 1.51
CA GLU A 539 24.74 -2.03 1.32
C GLU A 539 25.79 -1.72 2.38
N MET A 540 26.03 -0.46 2.65
CA MET A 540 27.08 -0.12 3.63
C MET A 540 26.62 -0.65 4.98
N LEU A 541 25.33 -0.58 5.25
CA LEU A 541 24.80 -1.11 6.50
C LEU A 541 24.94 -2.62 6.57
N VAL A 542 24.62 -3.33 5.49
CA VAL A 542 24.66 -4.79 5.52
C VAL A 542 26.11 -5.28 5.58
N GLN A 543 27.01 -4.61 4.89
CA GLN A 543 28.39 -5.09 4.83
C GLN A 543 29.17 -4.75 6.09
N ALA A 544 29.07 -3.50 6.56
CA ALA A 544 29.92 -3.06 7.67
C ALA A 544 29.59 -3.81 8.96
N THR A 545 28.32 -4.01 9.25
CA THR A 545 27.91 -4.63 10.50
C THR A 545 28.29 -6.11 10.53
N GLN A 546 28.64 -6.59 11.72
CA GLN A 546 29.01 -7.99 11.93
C GLN A 546 28.71 -8.36 13.37
N MET A 547 28.44 -9.64 13.60
CA MET A 547 28.13 -10.12 14.94
C MET A 547 28.69 -11.52 15.12
N PRO A 548 28.96 -11.92 16.36
CA PRO A 548 29.32 -13.32 16.61
C PRO A 548 28.19 -14.26 16.21
N CYS A 549 28.58 -15.40 15.65
CA CYS A 549 27.57 -16.37 15.19
C CYS A 549 26.82 -16.99 16.35
N SER A 550 27.52 -17.30 17.44
CA SER A 550 26.95 -17.95 18.61
C SER A 550 27.04 -17.01 19.80
N LEU A 551 25.90 -16.44 20.20
CA LEU A 551 25.82 -15.61 21.39
C LEU A 551 25.49 -16.42 22.64
N ASP A 552 25.31 -17.73 22.49
CA ASP A 552 24.90 -18.56 23.62
C ASP A 552 25.96 -18.59 24.73
N LYS A 553 27.23 -18.74 24.36
CA LYS A 553 28.30 -18.88 25.33
C LYS A 553 29.50 -18.07 24.88
N PRO A 554 30.59 -18.20 25.63
CA PRO A 554 31.83 -17.51 25.32
C PRO A 554 32.70 -18.36 24.39
N SER A 557 31.30 -18.17 19.49
CA SER A 557 31.78 -18.42 18.13
C SER A 557 33.12 -17.73 17.88
N SER A 558 33.96 -18.37 17.08
CA SER A 558 35.27 -17.83 16.74
C SER A 558 35.25 -17.03 15.44
N ARG A 559 34.08 -16.89 14.81
CA ARG A 559 33.97 -16.19 13.54
C ARG A 559 32.82 -15.18 13.61
N LEU A 560 32.86 -14.23 12.69
CA LEU A 560 31.87 -13.16 12.62
C LEU A 560 31.04 -13.29 11.36
N VAL A 561 29.74 -13.00 11.47
CA VAL A 561 28.81 -13.18 10.37
C VAL A 561 28.00 -11.90 10.22
N PRO A 562 27.55 -11.55 9.01
CA PRO A 562 26.72 -10.34 8.87
C PRO A 562 25.44 -10.42 9.68
N VAL A 563 25.02 -9.26 10.20
CA VAL A 563 23.76 -9.19 10.92
C VAL A 563 22.59 -9.33 9.96
N LEU A 564 22.66 -8.68 8.81
CA LEU A 564 21.62 -8.74 7.80
C LEU A 564 22.03 -9.69 6.69
N TYR A 565 21.07 -10.46 6.19
CA TYR A 565 21.28 -11.39 5.09
C TYR A 565 20.39 -10.99 3.93
N HIS A 566 20.88 -11.25 2.72
CA HIS A 566 20.15 -10.97 1.50
C HIS A 566 19.59 -12.28 0.96
N VAL A 567 18.28 -12.43 1.02
CA VAL A 567 17.61 -13.64 0.56
C VAL A 567 16.63 -13.28 -0.53
N TYR A 568 16.06 -14.30 -1.16
CA TYR A 568 15.08 -14.13 -2.22
C TYR A 568 13.73 -14.69 -1.76
N SER A 569 12.66 -13.97 -2.09
CA SER A 569 11.29 -14.43 -1.86
C SER A 569 10.61 -14.58 -3.20
N PHE A 570 9.93 -15.70 -3.40
CA PHE A 570 9.36 -16.03 -4.70
C PHE A 570 7.84 -15.91 -4.65
N ARG A 571 7.28 -15.17 -5.60
CA ARG A 571 5.83 -15.00 -5.74
C ARG A 571 5.50 -15.35 -7.19
N ASN A 572 4.98 -16.56 -7.40
CA ASN A 572 4.64 -17.07 -8.73
C ASN A 572 5.92 -17.09 -9.56
N VAL A 573 6.00 -16.38 -10.68
CA VAL A 573 7.22 -16.36 -11.47
C VAL A 573 8.22 -15.30 -11.01
N GLN A 574 7.80 -14.37 -10.16
CA GLN A 574 8.64 -13.24 -9.81
C GLN A 574 9.41 -13.49 -8.52
N GLN A 575 10.45 -12.70 -8.31
CA GLN A 575 11.27 -12.78 -7.11
C GLN A 575 11.52 -11.40 -6.54
N ILE A 576 11.77 -11.35 -5.25
CA ILE A 576 11.91 -10.12 -4.48
C ILE A 576 13.14 -10.26 -3.59
N GLY A 577 13.98 -9.24 -3.56
CA GLY A 577 15.10 -9.22 -2.62
C GLY A 577 14.63 -8.83 -1.24
N ILE A 578 15.09 -9.57 -0.24
CA ILE A 578 14.67 -9.36 1.14
C ILE A 578 15.92 -9.25 2.01
N LEU A 579 15.93 -8.31 2.94
CA LEU A 579 17.01 -8.14 3.90
C LEU A 579 16.51 -8.60 5.26
N LYS A 580 16.90 -9.79 5.63
CA LYS A 580 16.37 -10.41 6.83
C LYS A 580 17.42 -10.43 7.93
N PRO A 581 17.07 -10.06 9.15
CA PRO A 581 18.06 -10.09 10.23
C PRO A 581 18.49 -11.51 10.58
N HIS A 582 19.67 -11.58 11.20
CA HIS A 582 20.11 -12.84 11.76
C HIS A 582 19.16 -13.27 12.86
N PRO A 583 18.67 -14.51 12.84
CA PRO A 583 17.73 -14.94 13.90
C PRO A 583 18.30 -14.82 15.31
N ALA A 584 19.62 -14.97 15.46
CA ALA A 584 20.22 -14.77 16.77
C ALA A 584 20.08 -13.31 17.22
N TYR A 585 20.24 -12.37 16.29
CA TYR A 585 20.05 -10.96 16.63
C TYR A 585 18.61 -10.68 17.04
N VAL A 586 17.65 -11.29 16.36
CA VAL A 586 16.24 -11.13 16.73
C VAL A 586 16.01 -11.70 18.12
N GLN A 587 16.55 -12.88 18.40
CA GLN A 587 16.42 -13.44 19.74
C GLN A 587 17.03 -12.52 20.78
N LEU A 588 18.17 -11.90 20.46
CA LEU A 588 18.79 -10.93 21.37
C LEU A 588 17.90 -9.73 21.60
N LEU A 589 17.25 -9.24 20.53
CA LEU A 589 16.36 -8.09 20.68
C LEU A 589 15.21 -8.40 21.61
N GLU A 590 14.50 -9.51 21.37
CA GLU A 590 13.40 -9.89 22.25
C GLU A 590 13.86 -10.25 23.66
N LYS A 591 15.07 -10.75 23.82
CA LYS A 591 15.55 -11.03 25.18
C LYS A 591 15.94 -9.76 25.91
N ALA A 592 16.43 -8.74 25.20
CA ALA A 592 16.86 -7.51 25.84
C ALA A 592 15.68 -6.78 26.48
N ALA A 593 14.53 -6.76 25.80
CA ALA A 593 13.36 -6.02 26.26
C ALA A 593 13.70 -4.56 26.49
N GLU A 594 14.08 -3.88 25.41
CA GLU A 594 14.45 -2.48 25.50
C GLU A 594 13.25 -1.67 25.99
N PRO A 595 13.42 -0.81 26.99
CA PRO A 595 12.27 -0.09 27.55
C PRO A 595 11.82 1.10 26.72
N THR A 596 12.56 1.47 25.68
CA THR A 596 12.28 2.69 24.93
C THR A 596 12.20 2.38 23.44
N LEU A 597 11.17 2.90 22.80
CA LEU A 597 11.05 2.86 21.35
C LEU A 597 11.77 4.09 20.77
N THR A 598 11.56 4.35 19.49
CA THR A 598 12.10 5.53 18.85
C THR A 598 11.22 5.92 17.68
N PHE A 599 10.81 7.17 17.64
CA PHE A 599 9.90 7.67 16.62
C PHE A 599 10.57 8.77 15.82
N GLU A 600 10.25 8.82 14.53
CA GLU A 600 10.68 9.94 13.71
C GLU A 600 9.96 11.21 14.16
N ALA A 601 10.50 12.36 13.73
CA ALA A 601 9.91 13.64 14.11
C ALA A 601 8.49 13.78 13.57
N VAL A 602 8.28 13.34 12.33
CA VAL A 602 6.96 13.49 11.71
C VAL A 602 5.94 12.56 12.37
N ASP A 603 6.39 11.38 12.83
CA ASP A 603 5.46 10.40 13.36
C ASP A 603 4.73 10.92 14.59
N VAL A 604 5.44 11.53 15.52
CA VAL A 604 4.83 12.00 16.77
C VAL A 604 3.98 13.24 16.47
N PRO A 605 2.83 13.41 17.11
CA PRO A 605 2.04 14.63 16.90
C PRO A 605 2.78 15.86 17.41
N MET A 606 2.48 17.00 16.79
CA MET A 606 3.10 18.25 17.19
C MET A 606 2.74 18.60 18.63
N LEU A 607 3.66 19.28 19.31
CA LEU A 607 3.38 19.83 20.62
C LEU A 607 3.01 21.31 20.56
N CYS A 608 3.03 21.91 19.39
CA CYS A 608 2.72 23.32 19.17
C CYS A 608 1.81 23.42 17.96
N PRO A 609 1.07 24.52 17.84
CA PRO A 609 0.14 24.66 16.71
C PRO A 609 0.85 24.57 15.38
N PRO A 610 0.20 24.02 14.36
CA PRO A 610 0.83 23.89 13.05
C PRO A 610 1.05 25.23 12.39
N LEU A 611 2.02 25.26 11.47
CA LEU A 611 2.22 26.42 10.63
C LEU A 611 1.04 26.57 9.67
N PRO A 612 0.64 27.80 9.36
CA PRO A 612 -0.40 27.99 8.35
C PRO A 612 0.05 27.52 6.98
N TRP A 613 -0.91 27.03 6.20
CA TRP A 613 -0.65 26.57 4.84
C TRP A 613 -0.74 27.75 3.88
N THR A 614 0.29 28.60 3.95
CA THR A 614 0.31 29.80 3.12
C THR A 614 0.57 29.50 1.65
N SER A 615 1.18 28.36 1.36
CA SER A 615 1.54 28.01 -0.01
C SER A 615 1.73 26.50 -0.06
N PRO A 616 1.65 25.90 -1.25
CA PRO A 616 1.96 24.46 -1.35
C PRO A 616 3.33 24.11 -0.82
N HIS A 617 4.29 25.03 -0.93
CA HIS A 617 5.65 24.74 -0.48
C HIS A 617 5.75 24.72 1.05
N SER A 618 5.14 25.68 1.73
CA SER A 618 5.33 25.87 3.16
C SER A 618 4.03 25.57 3.91
N GLY A 619 4.16 24.82 4.99
CA GLY A 619 3.01 24.51 5.82
C GLY A 619 3.31 23.35 6.74
N ALA A 620 2.32 23.03 7.57
CA ALA A 620 2.39 21.90 8.49
C ALA A 620 3.56 22.03 9.45
N PHE A 621 4.57 21.18 9.29
CA PHE A 621 5.66 21.14 10.24
C PHE A 621 6.58 22.36 10.10
N LEU A 622 7.24 22.70 11.20
CA LEU A 622 8.09 23.89 11.24
C LEU A 622 9.27 23.75 10.28
N LEU A 623 10.02 22.67 10.39
CA LEU A 623 11.27 22.48 9.67
C LEU A 623 11.21 21.36 8.66
N SER A 624 10.69 20.19 9.06
CA SER A 624 10.65 19.04 8.17
C SER A 624 9.74 19.32 6.98
N PRO A 625 10.07 18.80 5.80
CA PRO A 625 9.25 19.08 4.62
C PRO A 625 8.02 18.20 4.56
N THR A 626 6.92 18.79 4.14
CA THR A 626 5.67 18.08 3.94
C THR A 626 5.01 18.56 2.66
N LYS A 627 4.71 17.62 1.77
CA LYS A 627 4.03 17.95 0.49
C LYS A 627 2.53 18.08 0.76
N LEU A 628 1.86 18.96 0.03
CA LEU A 628 0.42 19.16 0.21
C LEU A 628 -0.36 17.91 -0.17
N MET A 629 -0.12 17.39 -1.37
CA MET A 629 -0.85 16.22 -1.86
C MET A 629 0.00 14.98 -1.66
N ARG A 630 -0.46 14.05 -0.83
CA ARG A 630 0.23 12.78 -0.68
C ARG A 630 0.25 12.01 -1.98
N THR A 631 1.43 11.56 -2.38
CA THR A 631 1.62 10.82 -3.62
C THR A 631 2.96 10.10 -3.54
N VAL A 632 3.34 9.51 -4.66
CA VAL A 632 4.62 8.75 -4.73
C VAL A 632 5.78 9.73 -4.83
N GLU A 633 7.00 9.31 -4.56
CA GLU A 633 8.16 10.21 -4.45
C GLU A 633 8.42 10.95 -5.75
N GLY A 634 8.47 10.27 -6.87
CA GLY A 634 8.83 11.06 -8.06
C GLY A 634 7.67 11.83 -8.63
N ALA A 635 6.49 11.72 -8.03
CA ALA A 635 5.30 12.34 -8.65
C ALA A 635 5.34 13.85 -8.53
N THR A 636 5.41 14.54 -9.67
CA THR A 636 5.49 16.01 -9.62
C THR A 636 4.47 16.66 -10.53
N GLN A 637 3.42 15.94 -10.91
CA GLN A 637 2.35 16.53 -11.72
C GLN A 637 1.20 17.06 -10.88
N HIS A 638 1.13 16.68 -9.60
CA HIS A 638 0.14 17.27 -8.71
C HIS A 638 0.61 18.62 -8.19
N GLN A 639 1.84 18.65 -7.65
CA GLN A 639 2.39 19.91 -7.16
C GLN A 639 2.55 20.92 -8.28
N GLU A 640 2.80 20.46 -9.51
CA GLU A 640 2.92 21.38 -10.62
C GLU A 640 1.61 22.12 -10.86
N LEU A 641 0.48 21.40 -10.85
CA LEU A 641 -0.81 22.06 -11.04
C LEU A 641 -1.16 22.91 -9.83
N LEU A 642 -0.81 22.46 -8.63
CA LEU A 642 -1.07 23.28 -7.44
C LEU A 642 -0.32 24.60 -7.50
N GLU A 643 0.94 24.57 -7.97
CA GLU A 643 1.73 25.79 -8.01
C GLU A 643 1.36 26.68 -9.19
N THR A 644 0.97 26.11 -10.33
CA THR A 644 0.67 26.93 -11.49
C THR A 644 -0.70 27.57 -11.45
N CYS A 645 -1.55 27.18 -10.49
CA CYS A 645 -2.87 27.77 -10.38
C CYS A 645 -2.76 29.20 -9.86
N PRO A 646 -3.74 30.04 -10.18
CA PRO A 646 -3.74 31.41 -9.64
C PRO A 646 -3.72 31.39 -8.12
N PRO A 647 -2.92 32.26 -7.49
CA PRO A 647 -2.71 32.16 -6.04
C PRO A 647 -3.97 32.26 -5.22
N THR A 648 -4.97 33.03 -5.69
CA THR A 648 -6.21 33.17 -4.93
C THR A 648 -7.04 31.89 -4.95
N ALA A 649 -6.96 31.12 -6.03
CA ALA A 649 -7.88 30.00 -6.22
C ALA A 649 -7.69 28.94 -5.12
N LEU A 650 -6.45 28.64 -4.77
CA LEU A 650 -6.17 27.59 -3.80
C LEU A 650 -6.55 27.96 -2.38
N HIS A 651 -6.78 29.25 -2.12
CA HIS A 651 -6.92 29.74 -0.74
C HIS A 651 -7.97 28.95 0.03
N GLY A 652 -9.14 28.73 -0.56
CA GLY A 652 -10.20 28.06 0.15
C GLY A 652 -9.79 26.70 0.67
N ALA A 653 -9.01 25.96 -0.13
CA ALA A 653 -8.47 24.71 0.36
C ALA A 653 -7.51 24.94 1.52
N LEU A 654 -6.51 25.81 1.30
CA LEU A 654 -5.43 25.95 2.27
C LEU A 654 -5.97 26.34 3.63
N ASP A 655 -6.78 27.41 3.68
CA ASP A 655 -7.37 27.85 4.93
C ASP A 655 -8.08 26.70 5.64
N ALA A 656 -8.86 25.93 4.88
CA ALA A 656 -9.56 24.80 5.49
C ALA A 656 -8.59 23.89 6.21
N LEU A 657 -7.53 23.47 5.53
CA LEU A 657 -6.55 22.61 6.16
C LEU A 657 -5.99 23.24 7.42
N THR A 658 -5.70 24.54 7.35
CA THR A 658 -5.17 25.24 8.52
C THR A 658 -6.09 25.05 9.71
N GLN A 659 -7.40 25.24 9.52
CA GLN A 659 -8.32 25.08 10.63
C GLN A 659 -8.27 23.66 11.17
N LEU A 660 -8.25 22.68 10.27
CA LEU A 660 -8.22 21.29 10.71
C LEU A 660 -6.94 20.99 11.48
N GLY A 661 -5.89 21.76 11.23
CA GLY A 661 -4.67 21.60 12.00
C GLY A 661 -4.70 22.33 13.32
N ASN A 662 -5.46 23.42 13.40
CA ASN A 662 -5.46 24.23 14.61
C ASN A 662 -6.23 23.58 15.75
N CYS A 663 -7.10 22.62 15.44
CA CYS A 663 -7.93 21.99 16.47
C CYS A 663 -7.05 21.24 17.46
N ALA A 664 -7.16 21.59 18.73
CA ALA A 664 -6.38 20.95 19.77
C ALA A 664 -6.94 19.57 20.10
N TRP A 665 -6.15 18.80 20.84
CA TRP A 665 -6.54 17.45 21.23
C TRP A 665 -5.94 17.14 22.58
N ARG A 666 -6.41 16.05 23.19
CA ARG A 666 -5.80 15.53 24.40
C ARG A 666 -6.25 14.08 24.58
N VAL A 667 -5.59 13.39 25.50
CA VAL A 667 -5.79 11.96 25.70
C VAL A 667 -6.74 11.73 26.86
N ASN A 668 -7.73 10.85 26.63
CA ASN A 668 -8.70 10.50 27.67
C ASN A 668 -8.03 9.56 28.66
N GLY A 669 -7.80 10.05 29.89
CA GLY A 669 -7.04 9.28 30.85
C GLY A 669 -7.73 8.00 31.31
N ARG A 670 -9.03 8.09 31.62
CA ARG A 670 -9.70 6.95 32.22
C ARG A 670 -9.92 5.83 31.21
N VAL A 671 -10.17 6.17 29.95
CA VAL A 671 -10.24 5.14 28.90
C VAL A 671 -8.87 4.52 28.68
N LEU A 672 -7.83 5.35 28.65
CA LEU A 672 -6.48 4.86 28.40
C LEU A 672 -6.00 3.93 29.50
N ASP A 673 -6.37 4.19 30.75
CA ASP A 673 -5.97 3.30 31.83
C ASP A 673 -6.54 1.90 31.63
N LEU A 674 -7.82 1.82 31.26
CA LEU A 674 -8.44 0.52 31.02
C LEU A 674 -7.80 -0.19 29.82
N VAL A 675 -7.55 0.56 28.75
CA VAL A 675 -6.94 -0.06 27.57
C VAL A 675 -5.55 -0.57 27.90
N LEU A 676 -4.77 0.20 28.68
CA LEU A 676 -3.46 -0.26 29.10
C LEU A 676 -3.56 -1.50 29.97
N GLN A 677 -4.53 -1.54 30.89
CA GLN A 677 -4.68 -2.71 31.74
C GLN A 677 -4.99 -3.95 30.92
N LEU A 678 -5.86 -3.82 29.91
CA LEU A 678 -6.15 -4.97 29.06
C LEU A 678 -4.94 -5.37 28.22
N PHE A 679 -4.26 -4.40 27.62
CA PHE A 679 -3.17 -4.68 26.70
C PHE A 679 -2.01 -5.38 27.40
N GLN A 680 -1.68 -4.95 28.61
CA GLN A 680 -0.53 -5.50 29.32
C GLN A 680 -0.73 -6.93 29.80
N ALA A 681 -1.91 -7.28 30.32
CA ALA A 681 -2.04 -8.55 31.01
C ALA A 681 -2.52 -9.67 30.10
N LYS A 682 -3.74 -9.54 29.56
CA LYS A 682 -4.38 -10.65 28.86
C LYS A 682 -4.84 -10.32 27.45
N GLY A 683 -5.29 -9.10 27.20
CA GLY A 683 -5.88 -8.77 25.92
C GLY A 683 -7.34 -9.19 25.83
N CYS A 684 -8.00 -8.72 24.79
CA CYS A 684 -9.42 -9.02 24.56
C CYS A 684 -9.72 -8.86 23.09
N PRO A 685 -9.46 -9.89 22.28
CA PRO A 685 -9.62 -9.75 20.82
C PRO A 685 -11.03 -9.43 20.38
N GLN A 686 -12.04 -9.89 21.14
CA GLN A 686 -13.42 -9.54 20.80
C GLN A 686 -13.66 -8.05 20.94
N LEU A 687 -13.07 -7.43 21.97
CA LEU A 687 -13.23 -6.00 22.17
C LEU A 687 -12.44 -5.20 21.15
N GLY A 688 -11.19 -5.58 20.89
CA GLY A 688 -10.36 -4.84 19.96
C GLY A 688 -8.91 -4.77 20.38
N VAL A 689 -8.63 -5.07 21.65
CA VAL A 689 -7.27 -5.09 22.16
C VAL A 689 -6.63 -6.42 21.76
N PRO A 690 -5.58 -6.40 20.94
CA PRO A 690 -4.98 -7.67 20.49
C PRO A 690 -4.36 -8.44 21.64
N ALA A 691 -4.38 -9.76 21.50
CA ALA A 691 -3.82 -10.63 22.51
C ALA A 691 -2.29 -10.66 22.42
N PRO A 692 -1.61 -10.86 23.54
CA PRO A 692 -0.15 -10.88 23.49
C PRO A 692 0.35 -12.05 22.69
N PRO A 693 1.51 -11.92 22.05
CA PRO A 693 2.11 -13.07 21.36
C PRO A 693 2.42 -14.24 22.27
N SER A 694 2.76 -13.98 23.53
CA SER A 694 3.16 -15.04 24.45
C SER A 694 2.00 -16.01 24.70
N GLU A 695 0.79 -15.49 24.88
CA GLU A 695 -0.36 -16.34 25.14
C GLU A 695 -0.74 -17.10 23.86
N ALA A 696 -1.38 -18.25 24.07
CA ALA A 696 -1.80 -19.06 22.94
C ALA A 696 -2.89 -18.36 22.15
N PRO A 697 -2.74 -18.26 20.81
CA PRO A 697 -3.74 -17.62 19.95
C PRO A 697 -5.09 -18.35 19.95
N LEU A 720 -0.99 -26.81 12.43
CA LEU A 720 0.09 -25.99 13.04
C LEU A 720 0.36 -24.80 12.11
N ALA A 721 0.25 -25.01 10.80
CA ALA A 721 0.42 -23.90 9.85
C ALA A 721 -0.69 -22.85 10.05
N HIS A 722 -1.92 -23.30 10.31
CA HIS A 722 -3.01 -22.34 10.58
C HIS A 722 -2.64 -21.56 11.83
N CYS A 723 -2.11 -22.28 12.83
CA CYS A 723 -1.74 -21.62 14.10
C CYS A 723 -0.70 -20.55 13.77
N GLN A 724 0.30 -20.87 12.95
CA GLN A 724 1.36 -19.90 12.58
C GLN A 724 0.82 -18.69 11.78
N LYS A 725 -0.10 -18.88 10.85
CA LYS A 725 -0.69 -17.71 10.14
C LYS A 725 -1.45 -16.80 11.13
N VAL A 726 -2.19 -17.44 12.05
CA VAL A 726 -2.93 -16.65 13.06
C VAL A 726 -1.89 -15.87 13.86
N ALA A 727 -0.78 -16.53 14.20
CA ALA A 727 0.27 -15.89 15.02
C ALA A 727 0.81 -14.67 14.28
N ARG A 728 1.06 -14.81 12.98
CA ARG A 728 1.60 -13.67 12.20
C ARG A 728 0.61 -12.50 12.21
N GLU A 729 -0.68 -12.76 11.95
CA GLU A 729 -1.58 -11.56 11.97
C GLU A 729 -1.61 -10.95 13.38
N MET A 730 -1.64 -11.80 14.40
CA MET A 730 -1.74 -11.27 15.78
C MET A 730 -0.50 -10.46 16.13
N HIS A 731 0.69 -10.89 15.71
CA HIS A 731 1.94 -10.15 15.97
C HIS A 731 1.87 -8.81 15.26
N SER A 732 1.40 -8.79 14.01
CA SER A 732 1.31 -7.45 13.39
C SER A 732 0.37 -6.54 14.19
N LEU A 733 -0.79 -7.07 14.59
CA LEU A 733 -1.73 -6.17 15.30
C LEU A 733 -1.09 -5.70 16.62
N ARG A 734 -0.41 -6.59 17.34
CA ARG A 734 0.18 -6.24 18.65
C ARG A 734 1.24 -5.16 18.43
N ALA A 735 2.03 -5.27 17.37
CA ALA A 735 3.01 -4.21 17.08
C ALA A 735 2.32 -2.86 16.80
N GLU A 736 1.27 -2.85 15.99
CA GLU A 736 0.63 -1.52 15.79
C GLU A 736 0.15 -1.01 17.15
N ALA A 737 -0.41 -1.89 17.98
CA ALA A 737 -0.93 -1.42 19.27
C ALA A 737 0.18 -0.87 20.18
N LEU A 738 1.34 -1.52 20.26
CA LEU A 738 2.44 -0.97 21.08
C LEU A 738 2.79 0.40 20.50
N TYR A 739 2.87 0.55 19.18
CA TYR A 739 3.22 1.92 18.70
C TYR A 739 2.15 2.94 19.08
N ARG A 740 0.86 2.65 18.93
CA ARG A 740 -0.21 3.65 19.18
C ARG A 740 -0.47 3.84 20.67
N LEU A 741 -0.42 2.79 21.48
CA LEU A 741 -0.58 2.99 22.91
C LEU A 741 0.64 3.64 23.54
N SER A 742 1.83 3.38 23.01
CA SER A 742 3.01 4.08 23.52
C SER A 742 2.92 5.58 23.21
N LEU A 743 2.49 5.94 22.01
CA LEU A 743 2.29 7.35 21.71
C LEU A 743 1.24 7.97 22.62
N ALA A 744 0.13 7.27 22.83
CA ALA A 744 -0.94 7.82 23.68
C ALA A 744 -0.47 7.99 25.12
N GLN A 745 0.29 7.02 25.63
CA GLN A 745 0.84 7.14 26.99
C GLN A 745 1.83 8.30 27.08
N HIS A 746 2.59 8.54 26.00
CA HIS A 746 3.54 9.64 26.01
C HIS A 746 2.85 10.99 26.02
N LEU A 747 1.69 11.11 25.37
CA LEU A 747 0.97 12.37 25.24
C LEU A 747 -0.24 12.45 26.15
N ARG A 748 -0.21 11.78 27.30
CA ARG A 748 -1.41 11.72 28.12
C ARG A 748 -1.66 13.02 28.87
N ASP A 749 -0.60 13.79 29.17
CA ASP A 749 -0.74 15.02 29.94
C ASP A 749 -0.40 16.25 29.12
N ARG A 750 -0.40 16.16 27.80
CA ARG A 750 -0.01 17.27 26.94
C ARG A 750 -1.07 17.50 25.87
N VAL A 751 -1.36 18.77 25.61
CA VAL A 751 -2.17 19.14 24.46
C VAL A 751 -1.31 19.02 23.22
N PHE A 752 -1.85 18.39 22.17
CA PHE A 752 -1.12 18.19 20.94
C PHE A 752 -1.99 18.55 19.74
N TRP A 753 -1.35 18.91 18.65
CA TRP A 753 -2.02 19.24 17.40
C TRP A 753 -1.69 18.19 16.35
N LEU A 754 -2.53 18.10 15.34
CA LEU A 754 -2.31 17.19 14.22
C LEU A 754 -2.45 17.96 12.92
N PRO A 755 -1.37 18.18 12.17
CA PRO A 755 -1.48 18.82 10.86
C PRO A 755 -2.23 17.92 9.89
N HIS A 756 -2.64 18.52 8.78
CA HIS A 756 -3.45 17.83 7.79
C HIS A 756 -2.89 18.12 6.40
N ASN A 757 -3.08 17.18 5.48
CA ASN A 757 -2.75 17.38 4.08
C ASN A 757 -3.68 16.58 3.19
N MET A 758 -3.78 17.00 1.94
CA MET A 758 -4.73 16.44 1.00
C MET A 758 -4.13 15.24 0.27
N ASP A 759 -4.99 14.44 -0.36
CA ASP A 759 -4.53 13.47 -1.33
C ASP A 759 -4.66 14.10 -2.72
N PHE A 760 -4.49 13.29 -3.76
CA PHE A 760 -4.49 13.87 -5.09
C PHE A 760 -5.89 14.27 -5.57
N ARG A 761 -6.94 13.88 -4.86
CA ARG A 761 -8.30 14.25 -5.25
C ARG A 761 -8.85 15.41 -4.42
N GLY A 762 -8.54 15.44 -3.13
CA GLY A 762 -9.02 16.52 -2.30
C GLY A 762 -9.37 16.14 -0.88
N ARG A 763 -9.42 14.85 -0.57
CA ARG A 763 -9.69 14.43 0.80
C ARG A 763 -8.50 14.79 1.68
N THR A 764 -8.77 14.97 2.97
CA THR A 764 -7.77 15.45 3.91
C THR A 764 -7.47 14.38 4.95
N TYR A 765 -6.19 14.14 5.21
CA TYR A 765 -5.74 13.15 6.16
C TYR A 765 -4.73 13.77 7.12
N PRO A 766 -4.70 13.32 8.36
CA PRO A 766 -3.66 13.80 9.29
C PRO A 766 -2.28 13.35 8.84
N CYS A 767 -1.26 14.11 9.23
CA CYS A 767 0.10 13.77 8.88
C CYS A 767 0.67 12.67 9.79
N PRO A 768 0.52 12.74 11.11
CA PRO A 768 0.99 11.64 11.96
C PRO A 768 0.18 10.37 11.73
N PRO A 769 0.80 9.32 11.20
CA PRO A 769 0.01 8.12 10.85
C PRO A 769 -0.27 7.22 12.04
N HIS A 770 0.64 7.15 13.00
CA HIS A 770 0.55 6.16 14.06
C HIS A 770 -0.54 6.45 15.08
N PHE A 771 -1.06 7.67 15.14
CA PHE A 771 -1.99 8.04 16.20
C PHE A 771 -2.80 9.25 15.72
N ASN A 772 -4.03 9.00 15.25
CA ASN A 772 -4.91 10.07 14.81
C ASN A 772 -6.35 9.62 14.98
N HIS A 773 -7.28 10.46 14.54
CA HIS A 773 -8.70 10.20 14.69
C HIS A 773 -9.29 9.42 13.53
N LEU A 774 -8.50 9.10 12.50
CA LEU A 774 -8.94 8.28 11.39
C LEU A 774 -8.66 6.81 11.62
N GLY A 775 -8.47 6.40 12.86
CA GLY A 775 -8.05 5.05 13.19
C GLY A 775 -9.20 4.14 13.59
N SER A 776 -8.88 3.14 14.40
CA SER A 776 -9.83 2.14 14.82
C SER A 776 -10.65 2.67 16.00
N ASP A 777 -11.36 1.78 16.68
CA ASP A 777 -12.21 2.19 17.80
C ASP A 777 -11.40 2.80 18.93
N VAL A 778 -10.26 2.20 19.26
CA VAL A 778 -9.46 2.72 20.36
C VAL A 778 -8.88 4.08 20.02
N ALA A 779 -8.46 4.27 18.76
CA ALA A 779 -7.89 5.55 18.35
C ALA A 779 -8.88 6.68 18.56
N ARG A 780 -10.12 6.51 18.08
CA ARG A 780 -11.14 7.52 18.29
C ARG A 780 -11.64 7.57 19.72
N ALA A 781 -11.42 6.50 20.50
CA ALA A 781 -11.86 6.51 21.89
C ALA A 781 -10.96 7.35 22.76
N LEU A 782 -9.65 7.31 22.52
CA LEU A 782 -8.73 8.05 23.37
C LEU A 782 -8.80 9.55 23.10
N LEU A 783 -8.93 9.94 21.84
CA LEU A 783 -8.89 11.36 21.50
C LEU A 783 -10.13 12.10 22.00
N GLU A 784 -9.92 13.34 22.44
CA GLU A 784 -11.00 14.24 22.79
C GLU A 784 -10.47 15.66 22.73
N PHE A 785 -11.38 16.61 22.54
CA PHE A 785 -10.98 18.00 22.41
C PHE A 785 -10.28 18.48 23.67
N ALA A 786 -9.22 19.27 23.51
CA ALA A 786 -8.50 19.80 24.66
C ALA A 786 -9.30 20.92 25.31
N GLN A 787 -9.98 21.73 24.50
CA GLN A 787 -10.84 22.78 25.00
C GLN A 787 -12.13 22.18 25.54
N GLY A 788 -13.07 23.06 25.91
CA GLY A 788 -14.35 22.63 26.38
C GLY A 788 -15.41 23.69 26.10
N ARG A 789 -16.66 23.23 26.05
CA ARG A 789 -17.80 24.12 25.92
C ARG A 789 -18.90 23.65 26.85
N PRO A 790 -19.62 24.59 27.46
CA PRO A 790 -20.73 24.18 28.34
C PRO A 790 -21.85 23.53 27.54
N LEU A 791 -22.51 22.57 28.18
CA LEU A 791 -23.54 21.79 27.48
C LEU A 791 -24.70 22.67 27.05
N GLY A 792 -25.15 23.57 27.93
CA GLY A 792 -26.26 24.43 27.61
C GLY A 792 -27.58 23.69 27.57
N PRO A 793 -28.54 24.22 26.82
CA PRO A 793 -29.88 23.62 26.77
C PRO A 793 -29.93 22.26 26.10
N HIS A 794 -29.41 22.16 24.87
CA HIS A 794 -29.59 20.98 24.03
C HIS A 794 -28.37 20.06 24.04
N GLY A 795 -27.37 20.32 24.86
CA GLY A 795 -26.17 19.50 24.82
C GLY A 795 -26.41 18.06 25.24
N LEU A 796 -27.13 17.87 26.35
CA LEU A 796 -27.30 16.52 26.89
C LEU A 796 -28.15 15.64 25.97
N ASP A 797 -29.14 16.24 25.32
CA ASP A 797 -29.93 15.49 24.34
C ASP A 797 -29.04 14.95 23.23
N TRP A 798 -28.14 15.78 22.71
CA TRP A 798 -27.26 15.33 21.65
C TRP A 798 -26.25 14.32 22.15
N LEU A 799 -25.78 14.45 23.39
CA LEU A 799 -24.91 13.44 23.96
C LEU A 799 -25.59 12.08 24.01
N LYS A 800 -26.85 12.05 24.47
CA LYS A 800 -27.57 10.77 24.55
C LYS A 800 -27.88 10.22 23.16
N ILE A 801 -28.22 11.09 22.22
CA ILE A 801 -28.45 10.64 20.84
C ILE A 801 -27.17 10.04 20.26
N HIS A 802 -26.03 10.66 20.54
CA HIS A 802 -24.75 10.14 20.07
C HIS A 802 -24.46 8.78 20.71
N LEU A 803 -24.75 8.63 22.00
CA LEU A 803 -24.56 7.33 22.65
C LEU A 803 -25.39 6.26 21.95
N VAL A 804 -26.67 6.54 21.71
CA VAL A 804 -27.53 5.58 21.05
C VAL A 804 -27.01 5.25 19.65
N ASN A 805 -26.54 6.28 18.93
CA ASN A 805 -26.00 6.06 17.58
C ASN A 805 -24.78 5.15 17.61
N LEU A 806 -23.92 5.33 18.62
CA LEU A 806 -22.77 4.44 18.76
C LEU A 806 -23.19 3.01 19.06
N THR A 807 -24.23 2.84 19.88
CA THR A 807 -24.72 1.48 20.14
C THR A 807 -25.25 0.84 18.87
N GLY A 808 -25.92 1.61 18.03
CA GLY A 808 -26.41 1.11 16.75
C GLY A 808 -27.68 0.29 16.83
N LEU A 809 -28.26 0.11 18.01
CA LEU A 809 -29.46 -0.71 18.14
C LEU A 809 -30.66 -0.04 17.48
N LYS A 810 -30.73 1.28 17.53
CA LYS A 810 -31.91 2.04 17.13
C LYS A 810 -31.69 2.80 15.82
N LYS A 811 -31.02 2.15 14.87
CA LYS A 811 -30.65 2.82 13.62
C LYS A 811 -31.87 3.27 12.84
N ARG A 812 -32.95 2.50 12.87
CA ARG A 812 -34.14 2.82 12.09
C ARG A 812 -35.08 3.79 12.79
N GLU A 813 -34.86 4.06 14.07
CA GLU A 813 -35.79 4.86 14.84
C GLU A 813 -35.56 6.36 14.60
N PRO A 814 -36.57 7.19 14.84
CA PRO A 814 -36.37 8.64 14.78
C PRO A 814 -35.64 9.14 16.01
N LEU A 815 -35.21 10.40 15.94
CA LEU A 815 -34.42 10.98 17.02
C LEU A 815 -35.16 10.93 18.35
N ARG A 816 -36.47 11.15 18.33
CA ARG A 816 -37.28 11.08 19.54
C ARG A 816 -37.18 9.70 20.17
N LYS A 817 -37.28 8.65 19.36
CA LYS A 817 -37.24 7.30 19.88
C LYS A 817 -35.86 6.97 20.46
N ARG A 818 -34.79 7.43 19.81
CA ARG A 818 -33.46 7.22 20.35
C ARG A 818 -33.28 7.95 21.68
N LEU A 819 -33.77 9.19 21.77
CA LEU A 819 -33.66 9.92 23.02
C LEU A 819 -34.45 9.24 24.14
N ALA A 820 -35.64 8.73 23.82
CA ALA A 820 -36.41 7.99 24.81
C ALA A 820 -35.70 6.71 25.23
N PHE A 821 -35.13 5.98 24.27
CA PHE A 821 -34.44 4.73 24.58
C PHE A 821 -33.22 4.99 25.46
N ALA A 822 -32.55 6.12 25.25
CA ALA A 822 -31.42 6.46 26.10
C ALA A 822 -31.85 6.61 27.56
N GLU A 823 -33.00 7.26 27.78
CA GLU A 823 -33.54 7.35 29.14
C GLU A 823 -33.99 5.99 29.64
N GLU A 824 -34.40 5.10 28.73
CA GLU A 824 -34.87 3.78 29.16
C GLU A 824 -33.74 2.97 29.79
N VAL A 825 -32.52 3.07 29.25
CA VAL A 825 -31.42 2.22 29.67
C VAL A 825 -30.39 3.00 30.46
N MET A 826 -30.82 4.06 31.16
CA MET A 826 -29.88 4.91 31.88
C MET A 826 -29.15 4.14 32.97
N ASP A 827 -29.83 3.16 33.60
CA ASP A 827 -29.19 2.40 34.67
C ASP A 827 -27.97 1.66 34.15
N ASP A 828 -28.08 1.05 32.97
CA ASP A 828 -26.93 0.39 32.37
C ASP A 828 -25.80 1.37 32.09
N ILE A 829 -26.13 2.57 31.63
CA ILE A 829 -25.11 3.57 31.34
C ILE A 829 -24.36 3.95 32.61
N LEU A 830 -25.10 4.21 33.71
CA LEU A 830 -24.44 4.53 34.96
C LEU A 830 -23.57 3.38 35.45
N ASP A 831 -24.07 2.15 35.37
CA ASP A 831 -23.29 1.02 35.88
C ASP A 831 -22.03 0.81 35.04
N SER A 832 -22.14 0.95 33.71
CA SER A 832 -20.97 0.80 32.85
C SER A 832 -19.95 1.90 33.12
N ALA A 833 -20.41 3.14 33.29
CA ALA A 833 -19.48 4.22 33.58
C ALA A 833 -18.79 4.03 34.92
N ASP A 834 -19.54 3.59 35.94
CA ASP A 834 -18.96 3.42 37.26
C ASP A 834 -18.05 2.19 37.31
N GLN A 835 -18.49 1.08 36.73
CA GLN A 835 -17.75 -0.18 36.76
C GLN A 835 -17.64 -0.69 35.33
N PRO A 836 -16.67 -0.20 34.56
CA PRO A 836 -16.56 -0.61 33.16
C PRO A 836 -16.22 -2.08 32.98
N LEU A 837 -15.64 -2.73 33.98
CA LEU A 837 -15.21 -4.12 33.86
C LEU A 837 -15.73 -5.03 34.97
N THR A 838 -16.38 -4.49 36.00
CA THR A 838 -16.91 -5.31 37.09
C THR A 838 -18.41 -5.16 37.26
N GLY A 839 -19.11 -4.56 36.30
CA GLY A 839 -20.53 -4.39 36.39
C GLY A 839 -21.29 -5.21 35.37
N ARG A 840 -22.44 -4.71 34.92
CA ARG A 840 -23.22 -5.41 33.91
C ARG A 840 -22.47 -5.53 32.59
N LYS A 841 -21.48 -4.67 32.36
CA LYS A 841 -20.66 -4.70 31.15
C LYS A 841 -21.51 -4.58 29.89
N TRP A 842 -22.56 -3.75 29.97
CA TRP A 842 -23.43 -3.51 28.83
C TRP A 842 -22.70 -2.83 27.69
N TRP A 843 -21.69 -2.01 27.99
CA TRP A 843 -21.06 -1.19 26.97
C TRP A 843 -20.37 -2.03 25.90
N MET A 844 -19.92 -3.23 26.25
CA MET A 844 -19.26 -4.06 25.24
C MET A 844 -20.23 -4.56 24.18
N GLY A 845 -21.54 -4.46 24.42
CA GLY A 845 -22.49 -4.92 23.43
C GLY A 845 -22.69 -4.01 22.25
N ALA A 846 -22.14 -2.79 22.29
CA ALA A 846 -22.36 -1.84 21.22
C ALA A 846 -21.56 -2.22 19.99
N GLU A 847 -21.90 -1.59 18.87
CA GLU A 847 -21.13 -1.78 17.64
C GLU A 847 -19.71 -1.29 17.81
N GLU A 848 -19.52 -0.16 18.48
CA GLU A 848 -18.21 0.36 18.84
C GLU A 848 -18.10 0.41 20.36
N PRO A 849 -17.42 -0.55 20.98
CA PRO A 849 -17.46 -0.63 22.45
C PRO A 849 -16.73 0.51 23.15
N TRP A 850 -15.54 0.87 22.68
CA TRP A 850 -14.74 1.87 23.39
C TRP A 850 -15.33 3.27 23.23
N GLN A 851 -15.76 3.62 22.02
CA GLN A 851 -16.41 4.91 21.82
C GLN A 851 -17.67 5.02 22.66
N THR A 852 -18.44 3.94 22.73
CA THR A 852 -19.64 3.93 23.57
C THR A 852 -19.28 4.07 25.04
N LEU A 853 -18.19 3.44 25.48
CA LEU A 853 -17.76 3.59 26.86
C LEU A 853 -17.40 5.03 27.17
N ALA A 854 -16.66 5.68 26.27
CA ALA A 854 -16.30 7.08 26.48
C ALA A 854 -17.54 7.97 26.53
N CYS A 855 -18.48 7.75 25.60
CA CYS A 855 -19.69 8.56 25.56
C CYS A 855 -20.54 8.35 26.80
N CYS A 856 -20.64 7.11 27.28
CA CYS A 856 -21.43 6.86 28.48
C CYS A 856 -20.76 7.45 29.71
N MET A 857 -19.43 7.41 29.78
CA MET A 857 -18.73 8.07 30.87
C MET A 857 -19.02 9.57 30.88
N GLU A 858 -18.95 10.20 29.71
CA GLU A 858 -19.23 11.63 29.61
C GLU A 858 -20.67 11.93 30.01
N VAL A 859 -21.62 11.12 29.55
CA VAL A 859 -23.03 11.37 29.85
C VAL A 859 -23.31 11.19 31.35
N ALA A 860 -22.69 10.18 31.96
CA ALA A 860 -22.85 10.00 33.40
C ALA A 860 -22.29 11.17 34.18
N ASN A 861 -21.11 11.67 33.78
CA ASN A 861 -20.56 12.84 34.44
C ASN A 861 -21.47 14.05 34.25
N ALA A 862 -22.09 14.17 33.08
CA ALA A 862 -22.98 15.30 32.83
C ALA A 862 -24.23 15.23 33.70
N VAL A 863 -24.83 14.04 33.81
CA VAL A 863 -26.09 13.93 34.54
C VAL A 863 -25.89 13.89 36.04
N ARG A 864 -24.70 13.54 36.52
CA ARG A 864 -24.43 13.52 37.94
C ARG A 864 -24.02 14.88 38.49
N ALA A 865 -23.89 15.88 37.63
CA ALA A 865 -23.50 17.22 38.07
C ALA A 865 -24.70 17.95 38.67
N SER A 866 -24.41 19.09 39.30
CA SER A 866 -25.48 19.91 39.86
C SER A 866 -26.37 20.49 38.77
N ASP A 867 -25.78 20.99 37.68
CA ASP A 867 -26.51 21.58 36.58
C ASP A 867 -25.98 21.04 35.26
N PRO A 868 -26.75 20.25 34.52
CA PRO A 868 -26.26 19.75 33.23
C PRO A 868 -25.94 20.85 32.24
N ALA A 869 -26.67 21.95 32.25
CA ALA A 869 -26.42 23.02 31.29
C ALA A 869 -25.10 23.74 31.57
N ALA A 870 -24.67 23.75 32.83
CA ALA A 870 -23.41 24.38 33.19
C ALA A 870 -22.21 23.45 33.04
N TYR A 871 -22.44 22.15 32.85
CA TYR A 871 -21.34 21.21 32.70
C TYR A 871 -20.61 21.44 31.38
N VAL A 872 -19.29 21.40 31.44
CA VAL A 872 -18.44 21.60 30.28
C VAL A 872 -17.90 20.24 29.84
N SER A 873 -18.09 19.92 28.56
CA SER A 873 -17.78 18.59 28.04
C SER A 873 -16.79 18.71 26.89
N HIS A 874 -15.72 17.93 26.96
CA HIS A 874 -14.71 17.90 25.91
C HIS A 874 -15.01 16.85 24.84
N LEU A 875 -16.02 16.02 25.04
CA LEU A 875 -16.23 14.88 24.17
C LEU A 875 -16.74 15.32 22.80
N PRO A 876 -16.19 14.78 21.71
CA PRO A 876 -16.74 15.08 20.39
C PRO A 876 -18.06 14.37 20.16
N VAL A 877 -18.76 14.84 19.13
CA VAL A 877 -20.02 14.25 18.69
C VAL A 877 -20.00 14.19 17.18
N HIS A 878 -20.37 13.02 16.63
CA HIS A 878 -20.29 12.78 15.17
C HIS A 878 -21.66 12.84 14.53
N GLN A 879 -21.73 13.36 13.32
CA GLN A 879 -22.99 13.43 12.57
C GLN A 879 -22.70 12.83 11.20
N ASP A 880 -22.73 11.50 11.09
CA ASP A 880 -22.37 10.81 9.82
C ASP A 880 -23.39 11.08 8.73
N GLY A 881 -22.93 11.11 7.48
CA GLY A 881 -23.84 11.29 6.34
C GLY A 881 -24.57 9.99 6.04
N SER A 882 -25.66 10.03 5.28
CA SER A 882 -26.29 8.74 4.92
C SER A 882 -25.90 8.37 3.49
N CYS A 883 -25.08 7.33 3.31
CA CYS A 883 -24.59 6.96 1.95
C CYS A 883 -24.15 8.23 1.22
N ASN A 884 -23.07 8.89 1.67
CA ASN A 884 -22.71 10.21 1.10
C ASN A 884 -22.48 10.11 -0.41
N GLY A 885 -21.90 9.02 -0.91
CA GLY A 885 -21.67 8.99 -2.36
C GLY A 885 -22.97 9.04 -3.11
N LEU A 886 -23.95 8.30 -2.63
CA LEU A 886 -25.28 8.34 -3.27
C LEU A 886 -25.88 9.73 -3.04
N GLN A 887 -25.69 10.31 -1.85
CA GLN A 887 -26.21 11.67 -1.57
C GLN A 887 -25.73 12.69 -2.61
N HIS A 888 -24.55 12.48 -3.21
CA HIS A 888 -24.05 13.39 -4.24
C HIS A 888 -24.53 12.99 -5.62
N TYR A 889 -24.59 11.69 -5.91
CA TYR A 889 -25.27 11.23 -7.13
C TYR A 889 -26.69 11.79 -7.24
N ALA A 890 -27.47 11.67 -6.17
CA ALA A 890 -28.83 12.18 -6.19
C ALA A 890 -28.86 13.68 -6.42
N ALA A 891 -27.97 14.42 -5.78
CA ALA A 891 -27.95 15.87 -5.92
C ALA A 891 -27.57 16.28 -7.34
N LEU A 892 -26.54 15.64 -7.92
CA LEU A 892 -26.15 15.97 -9.29
C LEU A 892 -27.25 15.63 -10.27
N GLY A 893 -27.88 14.46 -10.11
CA GLY A 893 -28.92 14.05 -11.03
C GLY A 893 -30.30 14.57 -10.74
N ARG A 894 -30.50 15.18 -9.57
CA ARG A 894 -31.83 15.62 -9.13
C ARG A 894 -32.81 14.44 -9.14
N ASP A 895 -32.33 13.29 -8.69
CA ASP A 895 -33.17 12.11 -8.64
C ASP A 895 -34.26 12.29 -7.59
N SER A 896 -35.48 11.88 -7.95
CA SER A 896 -36.64 12.08 -7.08
C SER A 896 -36.85 10.89 -6.14
N VAL A 897 -36.96 9.68 -6.71
CA VAL A 897 -37.16 8.50 -5.88
C VAL A 897 -35.90 8.19 -5.07
N GLY A 898 -34.73 8.40 -5.66
CA GLY A 898 -33.50 8.11 -4.95
C GLY A 898 -33.26 9.05 -3.78
N ALA A 899 -33.58 10.33 -3.95
CA ALA A 899 -33.34 11.30 -2.90
C ALA A 899 -34.12 10.97 -1.64
N ALA A 900 -35.38 10.56 -1.80
CA ALA A 900 -36.17 10.17 -0.64
C ALA A 900 -35.58 8.96 0.06
N SER A 901 -34.89 8.10 -0.68
CA SER A 901 -34.29 6.90 -0.09
C SER A 901 -33.03 7.21 0.69
N VAL A 902 -32.31 8.27 0.33
CA VAL A 902 -31.03 8.58 0.94
C VAL A 902 -31.17 9.67 2.01
N ASN A 903 -32.37 9.86 2.55
CA ASN A 903 -32.66 10.84 3.59
C ASN A 903 -32.44 12.27 3.13
N LEU A 904 -32.44 12.50 1.82
CA LEU A 904 -32.23 13.83 1.27
C LEU A 904 -33.52 14.63 1.17
N GLU A 905 -34.66 14.01 1.50
CA GLU A 905 -35.97 14.63 1.53
C GLU A 905 -36.55 14.53 2.94
N PRO A 906 -37.24 15.56 3.42
CA PRO A 906 -37.75 15.53 4.80
C PRO A 906 -38.69 14.36 5.04
N SER A 907 -38.56 13.75 6.21
CA SER A 907 -39.43 12.65 6.60
C SER A 907 -39.40 12.52 8.12
N ASP A 908 -40.43 11.87 8.66
CA ASP A 908 -40.51 11.67 10.11
C ASP A 908 -39.60 10.56 10.59
N VAL A 909 -39.30 9.58 9.74
CA VAL A 909 -38.50 8.42 10.14
C VAL A 909 -37.34 8.29 9.16
N PRO A 910 -36.13 7.95 9.62
CA PRO A 910 -35.01 7.80 8.68
C PRO A 910 -35.27 6.73 7.64
N GLN A 911 -34.83 7.00 6.41
CA GLN A 911 -34.95 6.08 5.30
C GLN A 911 -33.59 5.44 5.04
N ASP A 912 -33.54 4.12 5.11
CA ASP A 912 -32.31 3.36 4.91
C ASP A 912 -32.31 2.79 3.50
N VAL A 913 -31.26 3.08 2.74
CA VAL A 913 -31.15 2.53 1.39
C VAL A 913 -30.97 1.02 1.44
N TYR A 914 -30.23 0.54 2.44
CA TYR A 914 -29.89 -0.88 2.53
C TYR A 914 -31.15 -1.71 2.68
N SER A 915 -32.02 -1.34 3.63
CA SER A 915 -33.25 -2.07 3.85
C SER A 915 -34.22 -1.91 2.68
N GLY A 916 -34.22 -0.76 2.01
CA GLY A 916 -35.06 -0.60 0.84
C GLY A 916 -34.66 -1.55 -0.28
N VAL A 917 -33.36 -1.66 -0.54
CA VAL A 917 -32.88 -2.60 -1.55
C VAL A 917 -33.22 -4.03 -1.15
N ALA A 918 -33.03 -4.37 0.14
CA ALA A 918 -33.37 -5.71 0.60
C ALA A 918 -34.86 -6.00 0.43
N ALA A 919 -35.71 -5.01 0.71
CA ALA A 919 -37.15 -5.20 0.55
C ALA A 919 -37.55 -5.40 -0.90
N GLN A 920 -36.96 -4.62 -1.82
CA GLN A 920 -37.25 -4.83 -3.23
C GLN A 920 -36.79 -6.21 -3.69
N VAL A 921 -35.62 -6.65 -3.24
CA VAL A 921 -35.13 -7.98 -3.59
C VAL A 921 -36.08 -9.05 -3.04
N GLU A 922 -36.57 -8.87 -1.81
CA GLU A 922 -37.48 -9.85 -1.24
C GLU A 922 -38.81 -9.89 -1.98
N VAL A 923 -39.29 -8.72 -2.43
CA VAL A 923 -40.51 -8.69 -3.23
C VAL A 923 -40.31 -9.46 -4.53
N PHE A 924 -39.15 -9.26 -5.18
CA PHE A 924 -38.83 -10.03 -6.38
C PHE A 924 -38.74 -11.51 -6.08
N ARG A 925 -38.20 -11.88 -4.92
CA ARG A 925 -38.10 -13.28 -4.55
C ARG A 925 -39.47 -13.92 -4.40
N ARG A 926 -40.39 -13.21 -3.73
CA ARG A 926 -41.74 -13.74 -3.59
C ARG A 926 -42.46 -13.83 -4.94
N GLN A 927 -42.24 -12.83 -5.81
CA GLN A 927 -42.85 -12.89 -7.14
C GLN A 927 -42.34 -14.08 -7.93
N ASP A 928 -41.04 -14.38 -7.83
CA ASP A 928 -40.49 -15.52 -8.54
C ASP A 928 -40.92 -16.85 -7.91
N ALA A 929 -41.04 -16.89 -6.59
CA ALA A 929 -41.52 -18.11 -5.93
C ALA A 929 -42.97 -18.39 -6.29
N GLN A 930 -43.75 -17.35 -6.53
CA GLN A 930 -45.11 -17.53 -7.04
C GLN A 930 -45.12 -18.15 -8.44
N ARG A 931 -43.98 -18.11 -9.15
CA ARG A 931 -43.85 -18.76 -10.44
C ARG A 931 -43.31 -20.18 -10.34
N GLY A 932 -43.11 -20.69 -9.12
CA GLY A 932 -42.63 -22.05 -8.94
C GLY A 932 -41.24 -22.31 -9.48
N MET A 933 -40.32 -21.38 -9.21
CA MET A 933 -38.91 -21.51 -9.64
C MET A 933 -38.09 -21.97 -8.42
N ARG A 934 -37.23 -22.97 -8.61
CA ARG A 934 -36.49 -23.55 -7.47
C ARG A 934 -35.57 -22.50 -6.83
N VAL A 935 -34.94 -21.62 -7.63
CA VAL A 935 -33.95 -20.66 -7.03
C VAL A 935 -34.66 -19.80 -5.98
N ALA A 936 -35.87 -19.33 -6.30
CA ALA A 936 -36.64 -18.54 -5.31
C ALA A 936 -37.09 -19.44 -4.17
N GLN A 937 -37.68 -20.59 -4.49
CA GLN A 937 -38.20 -21.49 -3.47
C GLN A 937 -37.16 -21.82 -2.42
N VAL A 938 -35.88 -21.84 -2.80
CA VAL A 938 -34.81 -22.05 -1.82
C VAL A 938 -34.78 -20.89 -0.82
N LEU A 939 -34.91 -19.67 -1.32
CA LEU A 939 -34.86 -18.49 -0.45
C LEU A 939 -36.16 -18.33 0.32
N GLU A 940 -36.05 -18.16 1.64
CA GLU A 940 -37.21 -17.91 2.49
C GLU A 940 -36.72 -17.03 3.65
N GLY A 941 -36.88 -15.71 3.49
CA GLY A 941 -36.44 -14.79 4.50
C GLY A 941 -34.95 -14.60 4.57
N PHE A 942 -34.19 -15.14 3.62
CA PHE A 942 -32.74 -15.00 3.62
C PHE A 942 -32.29 -13.62 3.18
N ILE A 943 -33.14 -12.88 2.47
CA ILE A 943 -32.76 -11.57 1.95
C ILE A 943 -32.86 -10.56 3.09
N THR A 944 -31.75 -9.90 3.40
CA THR A 944 -31.69 -8.91 4.46
C THR A 944 -30.67 -7.86 4.11
N ARG A 945 -30.69 -6.75 4.86
CA ARG A 945 -29.71 -5.69 4.62
C ARG A 945 -28.29 -6.16 4.91
N LYS A 946 -28.14 -7.12 5.82
CA LYS A 946 -26.82 -7.69 6.10
C LYS A 946 -26.24 -8.36 4.86
N VAL A 947 -27.08 -9.06 4.10
CA VAL A 947 -26.62 -9.79 2.93
C VAL A 947 -26.17 -8.84 1.83
N VAL A 948 -26.89 -7.74 1.64
CA VAL A 948 -26.74 -6.92 0.44
C VAL A 948 -26.13 -5.56 0.74
N LYS A 949 -25.67 -5.33 1.97
CA LYS A 949 -25.09 -4.02 2.29
C LYS A 949 -23.80 -3.77 1.52
N GLN A 950 -22.91 -4.77 1.50
CA GLN A 950 -21.60 -4.59 0.89
C GLN A 950 -21.72 -4.38 -0.62
N THR A 951 -22.68 -5.04 -1.26
CA THR A 951 -22.85 -4.86 -2.70
C THR A 951 -23.27 -3.44 -3.05
N VAL A 952 -24.16 -2.85 -2.26
CA VAL A 952 -24.74 -1.57 -2.65
C VAL A 952 -23.85 -0.41 -2.18
N MET A 953 -23.13 -0.59 -1.07
CA MET A 953 -22.28 0.50 -0.59
C MET A 953 -21.15 0.80 -1.55
N THR A 954 -20.74 -0.17 -2.36
CA THR A 954 -19.66 0.00 -3.31
C THR A 954 -20.17 0.37 -4.71
N VAL A 955 -21.45 0.69 -4.86
CA VAL A 955 -21.97 1.08 -6.16
C VAL A 955 -21.34 2.41 -6.59
N VAL A 956 -21.08 3.30 -5.64
CA VAL A 956 -20.35 4.53 -5.93
C VAL A 956 -18.95 4.21 -6.42
N TYR A 957 -18.35 3.13 -5.93
CA TYR A 957 -17.02 2.72 -6.37
C TYR A 957 -17.03 2.06 -7.74
N GLY A 958 -18.19 1.81 -8.32
CA GLY A 958 -18.27 1.26 -9.65
C GLY A 958 -18.27 -0.26 -9.73
N VAL A 959 -18.74 -0.94 -8.68
CA VAL A 959 -18.69 -2.40 -8.68
C VAL A 959 -19.61 -2.96 -9.75
N THR A 960 -19.19 -4.06 -10.37
CA THR A 960 -19.98 -4.70 -11.44
C THR A 960 -20.59 -5.99 -10.88
N ARG A 961 -21.36 -6.70 -11.71
CA ARG A 961 -22.05 -7.92 -11.28
C ARG A 961 -21.06 -8.98 -10.81
N TYR A 962 -19.96 -9.13 -11.53
CA TYR A 962 -18.94 -10.11 -11.11
C TYR A 962 -18.48 -9.78 -9.69
N GLY A 963 -18.10 -8.52 -9.44
CA GLY A 963 -17.59 -8.16 -8.13
C GLY A 963 -18.61 -8.35 -7.02
N GLY A 964 -19.85 -7.95 -7.27
CA GLY A 964 -20.88 -8.10 -6.27
C GLY A 964 -21.22 -9.55 -5.98
N ARG A 965 -21.09 -10.42 -6.98
CA ARG A 965 -21.39 -11.83 -6.77
C ARG A 965 -20.44 -12.44 -5.74
N LEU A 966 -19.17 -12.05 -5.78
CA LEU A 966 -18.21 -12.59 -4.82
C LEU A 966 -18.58 -12.20 -3.39
N GLN A 967 -18.98 -10.94 -3.18
CA GLN A 967 -19.37 -10.51 -1.84
C GLN A 967 -20.67 -11.16 -1.39
N ILE A 968 -21.62 -11.36 -2.30
CA ILE A 968 -22.85 -12.07 -1.94
C ILE A 968 -22.54 -13.51 -1.55
N GLU A 969 -21.64 -14.17 -2.29
CA GLU A 969 -21.21 -15.51 -1.93
C GLU A 969 -20.58 -15.53 -0.55
N LYS A 970 -19.70 -14.56 -0.28
CA LYS A 970 -19.07 -14.48 1.03
C LYS A 970 -20.11 -14.33 2.13
N ARG A 971 -21.10 -13.46 1.91
CA ARG A 971 -22.14 -13.27 2.92
C ARG A 971 -22.97 -14.52 3.12
N LEU A 972 -23.29 -15.23 2.03
CA LEU A 972 -24.05 -16.46 2.15
C LEU A 972 -23.27 -17.56 2.86
N ARG A 973 -21.94 -17.52 2.76
CA ARG A 973 -21.14 -18.64 3.28
C ARG A 973 -21.30 -18.80 4.79
N GLU A 974 -21.35 -17.71 5.55
CA GLU A 974 -21.54 -17.87 7.00
C GLU A 974 -22.92 -18.40 7.32
N LEU A 975 -23.90 -18.13 6.45
CA LEU A 975 -25.28 -18.50 6.71
C LEU A 975 -25.44 -20.03 6.65
N SER A 976 -25.54 -20.66 7.82
CA SER A 976 -25.57 -22.12 7.86
C SER A 976 -26.87 -22.69 7.30
N ASP A 977 -27.98 -21.98 7.49
CA ASP A 977 -29.27 -22.51 7.05
C ASP A 977 -29.30 -22.73 5.54
N PHE A 978 -28.66 -21.86 4.79
CA PHE A 978 -28.71 -21.95 3.33
C PHE A 978 -27.96 -23.18 2.84
N PRO A 979 -28.56 -24.02 1.94
CA PRO A 979 -27.87 -25.17 1.34
C PRO A 979 -26.73 -24.78 0.38
N GLN A 980 -25.56 -25.38 0.55
CA GLN A 980 -24.36 -25.00 -0.25
C GLN A 980 -24.57 -25.24 -1.75
N GLU A 981 -25.32 -26.26 -2.14
CA GLU A 981 -25.40 -26.60 -3.59
C GLU A 981 -25.98 -25.42 -4.39
N PHE A 982 -26.84 -24.61 -3.79
CA PHE A 982 -27.52 -23.53 -4.56
C PHE A 982 -26.68 -22.23 -4.58
N VAL A 983 -25.47 -22.24 -4.01
CA VAL A 983 -24.71 -20.97 -3.89
C VAL A 983 -24.46 -20.34 -5.27
N TRP A 984 -24.04 -21.12 -6.27
CA TRP A 984 -23.72 -20.50 -7.59
C TRP A 984 -25.00 -19.91 -8.19
N GLU A 985 -26.10 -20.68 -8.13
CA GLU A 985 -27.38 -20.22 -8.71
C GLU A 985 -27.95 -19.03 -7.94
N ALA A 986 -27.90 -19.09 -6.60
CA ALA A 986 -28.46 -18.01 -5.75
C ALA A 986 -27.68 -16.72 -5.98
N SER A 987 -26.36 -16.82 -6.02
CA SER A 987 -25.53 -15.61 -6.16
C SER A 987 -25.85 -14.97 -7.50
N HIS A 988 -26.00 -15.78 -8.55
CA HIS A 988 -26.37 -15.24 -9.88
C HIS A 988 -27.75 -14.59 -9.80
N TYR A 989 -28.68 -15.19 -9.05
CA TYR A 989 -30.04 -14.63 -8.89
C TYR A 989 -29.98 -13.29 -8.13
N LEU A 990 -29.47 -13.29 -6.90
CA LEU A 990 -29.42 -12.10 -6.07
C LEU A 990 -28.70 -10.96 -6.77
N VAL A 991 -27.66 -11.27 -7.55
CA VAL A 991 -26.92 -10.20 -8.22
C VAL A 991 -27.85 -9.41 -9.13
N ARG A 992 -28.58 -10.10 -10.00
CA ARG A 992 -29.42 -9.36 -10.94
C ARG A 992 -30.63 -8.75 -10.23
N GLN A 993 -31.13 -9.39 -9.18
CA GLN A 993 -32.21 -8.77 -8.42
C GLN A 993 -31.77 -7.45 -7.79
N VAL A 994 -30.58 -7.45 -7.16
CA VAL A 994 -30.06 -6.23 -6.56
C VAL A 994 -29.81 -5.17 -7.62
N PHE A 995 -29.24 -5.57 -8.76
CA PHE A 995 -28.93 -4.59 -9.79
C PHE A 995 -30.19 -3.98 -10.38
N LYS A 996 -31.24 -4.78 -10.59
CA LYS A 996 -32.50 -4.22 -11.06
C LYS A 996 -33.13 -3.32 -10.01
N SER A 997 -33.04 -3.68 -8.73
CA SER A 997 -33.53 -2.80 -7.67
C SER A 997 -32.85 -1.45 -7.73
N LEU A 998 -31.51 -1.44 -7.82
CA LEU A 998 -30.79 -0.17 -7.91
C LEU A 998 -31.11 0.58 -9.19
N GLN A 999 -31.30 -0.13 -10.30
CA GLN A 999 -31.67 0.55 -11.54
C GLN A 999 -33.02 1.24 -11.40
N GLU A 1000 -33.96 0.63 -10.69
CA GLU A 1000 -35.25 1.27 -10.49
C GLU A 1000 -35.15 2.45 -9.52
N MET A 1001 -34.45 2.28 -8.40
CA MET A 1001 -34.30 3.37 -7.44
C MET A 1001 -33.35 4.44 -7.98
N PHE A 1002 -32.21 4.04 -8.52
CA PHE A 1002 -31.16 4.95 -8.95
C PHE A 1002 -30.96 4.79 -10.45
N SER A 1003 -31.64 5.64 -11.23
CA SER A 1003 -31.44 5.68 -12.67
C SER A 1003 -30.50 6.81 -13.08
N GLY A 1004 -30.68 7.99 -12.48
CA GLY A 1004 -29.75 9.08 -12.70
C GLY A 1004 -28.34 8.72 -12.27
N THR A 1005 -28.21 7.96 -11.18
CA THR A 1005 -26.89 7.49 -10.75
C THR A 1005 -26.22 6.67 -11.85
N ARG A 1006 -26.96 5.74 -12.45
CA ARG A 1006 -26.39 4.91 -13.50
C ARG A 1006 -26.05 5.74 -14.73
N ALA A 1007 -26.91 6.70 -15.08
CA ALA A 1007 -26.60 7.55 -16.23
C ALA A 1007 -25.33 8.36 -15.99
N ILE A 1008 -25.18 8.92 -14.80
CA ILE A 1008 -23.99 9.70 -14.49
C ILE A 1008 -22.74 8.83 -14.52
N GLN A 1009 -22.83 7.64 -13.92
CA GLN A 1009 -21.67 6.75 -13.93
C GLN A 1009 -21.29 6.36 -15.35
N HIS A 1010 -22.27 6.05 -16.19
CA HIS A 1010 -21.97 5.69 -17.56
C HIS A 1010 -21.33 6.86 -18.32
N TRP A 1011 -21.88 8.07 -18.15
CA TRP A 1011 -21.33 9.22 -18.86
C TRP A 1011 -19.91 9.53 -18.42
N LEU A 1012 -19.66 9.49 -17.11
CA LEU A 1012 -18.31 9.75 -16.61
C LEU A 1012 -17.33 8.71 -17.12
N THR A 1013 -17.70 7.43 -17.04
CA THR A 1013 -16.80 6.37 -17.48
C THR A 1013 -16.52 6.48 -18.97
N GLU A 1014 -17.54 6.78 -19.78
CA GLU A 1014 -17.32 6.91 -21.21
C GLU A 1014 -16.42 8.09 -21.53
N SER A 1015 -16.61 9.23 -20.86
CA SER A 1015 -15.75 10.38 -21.09
C SER A 1015 -14.31 10.07 -20.71
N ALA A 1016 -14.11 9.41 -19.57
CA ALA A 1016 -12.76 9.04 -19.15
C ALA A 1016 -12.11 8.09 -20.14
N ARG A 1017 -12.87 7.11 -20.63
CA ARG A 1017 -12.33 6.16 -21.60
C ARG A 1017 -11.92 6.86 -22.89
N LEU A 1018 -12.75 7.78 -23.38
CA LEU A 1018 -12.39 8.52 -24.58
C LEU A 1018 -11.17 9.40 -24.36
N ILE A 1019 -11.08 10.04 -23.19
CA ILE A 1019 -9.91 10.87 -22.90
C ILE A 1019 -8.64 10.03 -22.90
N SER A 1020 -8.68 8.86 -22.24
CA SER A 1020 -7.51 7.99 -22.22
C SER A 1020 -7.16 7.49 -23.63
N HIS A 1021 -8.17 7.17 -24.44
CA HIS A 1021 -7.91 6.80 -25.82
C HIS A 1021 -7.27 7.94 -26.61
N MET A 1022 -7.61 9.19 -26.29
CA MET A 1022 -7.01 10.33 -26.96
C MET A 1022 -5.55 10.54 -26.56
N GLY A 1023 -5.07 9.89 -25.51
CA GLY A 1023 -3.68 9.95 -25.14
C GLY A 1023 -3.33 10.89 -24.01
N SER A 1024 -4.28 11.24 -23.16
CA SER A 1024 -4.03 12.13 -22.04
C SER A 1024 -4.75 11.63 -20.80
N VAL A 1025 -4.22 11.99 -19.64
CA VAL A 1025 -4.85 11.63 -18.37
C VAL A 1025 -6.05 12.53 -18.15
N VAL A 1026 -6.88 12.19 -17.16
CA VAL A 1026 -8.11 12.92 -16.89
C VAL A 1026 -7.87 13.89 -15.73
N GLU A 1027 -8.16 15.16 -15.96
CA GLU A 1027 -8.03 16.19 -14.95
C GLU A 1027 -9.28 17.06 -14.92
N TRP A 1028 -9.61 17.56 -13.75
CA TRP A 1028 -10.79 18.41 -13.59
C TRP A 1028 -10.57 19.38 -12.44
N VAL A 1029 -11.33 20.48 -12.46
CA VAL A 1029 -11.28 21.49 -11.41
C VAL A 1029 -12.46 21.26 -10.47
N THR A 1030 -12.17 21.25 -9.17
CA THR A 1030 -13.23 21.16 -8.18
C THR A 1030 -14.03 22.47 -8.17
N PRO A 1031 -15.25 22.44 -7.66
CA PRO A 1031 -16.03 23.70 -7.61
C PRO A 1031 -15.37 24.78 -6.80
N LEU A 1032 -14.61 24.42 -5.76
CA LEU A 1032 -13.87 25.42 -5.00
C LEU A 1032 -12.80 26.09 -5.86
N GLY A 1033 -12.08 25.32 -6.65
CA GLY A 1033 -11.05 25.86 -7.51
C GLY A 1033 -9.80 25.02 -7.57
N VAL A 1034 -9.73 24.00 -6.71
CA VAL A 1034 -8.56 23.12 -6.68
C VAL A 1034 -8.55 22.26 -7.94
N PRO A 1035 -7.44 22.18 -8.67
CA PRO A 1035 -7.36 21.26 -9.80
C PRO A 1035 -6.82 19.90 -9.39
N VAL A 1036 -7.31 18.86 -10.07
CA VAL A 1036 -6.99 17.48 -9.74
C VAL A 1036 -6.65 16.74 -11.03
N ILE A 1037 -5.56 15.96 -10.99
CA ILE A 1037 -5.12 15.16 -12.18
C ILE A 1037 -5.00 13.71 -11.70
N GLN A 1038 -5.28 12.74 -12.57
CA GLN A 1038 -5.30 11.31 -12.16
C GLN A 1038 -3.94 10.67 -12.41
N PRO A 1039 -3.34 9.94 -11.44
CA PRO A 1039 -1.99 9.40 -11.60
C PRO A 1039 -1.93 7.97 -12.12
N TYR A 1040 -2.38 7.70 -13.35
CA TYR A 1040 -2.45 6.35 -13.87
C TYR A 1040 -1.74 6.31 -15.22
N ARG A 1041 -0.58 5.67 -15.26
CA ARG A 1041 0.21 5.54 -16.48
C ARG A 1041 0.82 4.16 -16.55
N LEU A 1042 1.20 3.75 -17.76
CA LEU A 1042 1.64 2.38 -18.01
C LEU A 1042 3.13 2.25 -17.79
N ASP A 1043 3.53 1.25 -16.99
CA ASP A 1043 4.93 0.93 -16.76
C ASP A 1043 5.38 -0.01 -17.86
N SER A 1044 5.85 0.55 -18.97
CA SER A 1044 6.26 -0.26 -20.11
C SER A 1044 7.77 -0.47 -20.12
N LYS A 1045 8.53 0.61 -20.23
CA LYS A 1045 10.02 0.50 -20.19
C LYS A 1045 10.45 0.17 -18.77
N VAL A 1046 11.34 -0.80 -18.62
CA VAL A 1046 11.85 -1.18 -17.31
C VAL A 1046 13.00 -0.25 -16.92
N LYS A 1047 13.01 0.15 -15.66
CA LYS A 1047 14.08 0.96 -15.09
C LYS A 1047 14.73 0.18 -13.97
N GLN A 1048 16.07 0.13 -13.97
CA GLN A 1048 16.81 -0.72 -13.05
C GLN A 1048 18.21 -0.14 -12.84
N ILE A 1049 18.73 -0.33 -11.64
CA ILE A 1049 20.05 0.17 -11.27
C ILE A 1049 20.91 -1.03 -10.87
N GLY A 1050 22.12 -1.09 -11.45
CA GLY A 1050 23.02 -2.20 -11.21
C GLY A 1050 23.85 -2.04 -9.96
N GLY A 1051 23.73 -2.99 -9.04
CA GLY A 1051 24.51 -2.96 -7.82
C GLY A 1051 25.13 -4.32 -7.55
N GLY A 1052 26.14 -4.31 -6.67
CA GLY A 1052 26.83 -5.54 -6.35
C GLY A 1052 25.94 -6.56 -5.66
N ILE A 1053 25.18 -6.11 -4.66
CA ILE A 1053 24.34 -7.03 -3.90
C ILE A 1053 23.15 -7.49 -4.75
N GLN A 1054 22.52 -6.56 -5.47
CA GLN A 1054 21.27 -6.84 -6.17
C GLN A 1054 20.98 -5.66 -7.08
N SER A 1055 20.24 -5.92 -8.15
CA SER A 1055 19.81 -4.88 -9.08
C SER A 1055 18.38 -4.48 -8.74
N ILE A 1056 18.21 -3.26 -8.22
CA ILE A 1056 16.89 -2.79 -7.83
C ILE A 1056 16.06 -2.46 -9.07
N THR A 1057 14.84 -2.98 -9.10
CA THR A 1057 13.85 -2.60 -10.09
C THR A 1057 12.91 -1.57 -9.46
N TYR A 1058 12.88 -0.38 -10.05
CA TYR A 1058 12.05 0.72 -9.55
C TYR A 1058 11.19 1.25 -10.68
N THR A 1059 10.16 1.99 -10.30
CA THR A 1059 9.28 2.61 -11.30
C THR A 1059 9.61 4.10 -11.30
N HIS A 1060 9.77 4.69 -12.47
CA HIS A 1060 10.02 6.15 -12.55
C HIS A 1060 8.66 6.82 -12.42
N ASN A 1061 8.28 7.21 -11.20
CA ASN A 1061 6.92 7.74 -10.96
C ASN A 1061 6.73 9.02 -11.76
N GLY A 1062 7.75 9.86 -11.81
CA GLY A 1062 7.65 11.09 -12.60
C GLY A 1062 8.05 10.88 -14.05
N ASP A 1063 7.27 10.11 -14.80
CA ASP A 1063 7.56 10.01 -16.26
C ASP A 1063 6.32 10.50 -17.00
N ILE A 1064 6.41 11.63 -17.68
CA ILE A 1064 5.23 12.22 -18.37
C ILE A 1064 5.18 11.65 -19.77
N SER A 1065 6.16 10.80 -20.10
CA SER A 1065 6.22 10.24 -21.47
C SER A 1065 5.38 8.96 -21.52
N ARG A 1066 5.16 8.33 -20.37
CA ARG A 1066 4.43 7.08 -20.33
C ARG A 1066 3.01 7.27 -20.86
N LYS A 1067 2.48 6.21 -21.47
CA LYS A 1067 1.13 6.23 -22.04
C LYS A 1067 0.09 6.12 -20.93
N PRO A 1068 -1.03 6.84 -21.05
CA PRO A 1068 -2.09 6.74 -20.04
C PRO A 1068 -2.63 5.33 -19.94
N ASN A 1069 -2.97 4.92 -18.71
CA ASN A 1069 -3.52 3.59 -18.45
C ASN A 1069 -5.04 3.68 -18.52
N THR A 1070 -5.61 3.35 -19.69
CA THR A 1070 -7.07 3.52 -19.94
C THR A 1070 -7.93 2.71 -18.98
N ARG A 1071 -7.51 1.53 -18.61
CA ARG A 1071 -8.41 0.80 -17.71
C ARG A 1071 -8.50 1.59 -16.42
N LYS A 1072 -7.38 1.80 -15.74
CA LYS A 1072 -7.45 2.42 -14.42
C LYS A 1072 -7.94 3.86 -14.48
N GLN A 1073 -7.77 4.54 -15.61
CA GLN A 1073 -8.29 5.90 -15.74
C GLN A 1073 -9.81 5.90 -15.81
N LYS A 1074 -10.40 5.06 -16.67
CA LYS A 1074 -11.85 5.07 -16.81
C LYS A 1074 -12.55 4.32 -15.69
N ASN A 1075 -11.83 3.56 -14.88
CA ASN A 1075 -12.41 2.84 -13.76
C ASN A 1075 -12.29 3.58 -12.45
N GLY A 1076 -11.73 4.80 -12.47
CA GLY A 1076 -11.56 5.55 -11.24
C GLY A 1076 -12.13 6.94 -11.30
N PHE A 1077 -12.56 7.38 -12.50
CA PHE A 1077 -13.04 8.74 -12.63
C PHE A 1077 -14.27 9.03 -11.78
N PRO A 1078 -15.33 8.22 -11.78
CA PRO A 1078 -16.53 8.57 -11.02
C PRO A 1078 -16.29 8.59 -9.51
N PRO A 1079 -15.70 7.55 -8.91
CA PRO A 1079 -15.42 7.65 -7.46
C PRO A 1079 -14.48 8.79 -7.11
N ASN A 1080 -13.50 9.09 -7.95
CA ASN A 1080 -12.63 10.23 -7.68
C ASN A 1080 -13.39 11.54 -7.70
N PHE A 1081 -14.29 11.70 -8.67
CA PHE A 1081 -15.11 12.92 -8.74
C PHE A 1081 -16.00 13.04 -7.51
N ILE A 1082 -16.58 11.93 -7.07
CA ILE A 1082 -17.45 11.97 -5.90
C ILE A 1082 -16.66 12.30 -4.64
N HIS A 1083 -15.45 11.75 -4.51
CA HIS A 1083 -14.64 12.10 -3.35
C HIS A 1083 -14.20 13.55 -3.39
N SER A 1084 -13.93 14.09 -4.57
CA SER A 1084 -13.60 15.52 -4.67
C SER A 1084 -14.78 16.38 -4.23
N LEU A 1085 -16.00 16.04 -4.66
CA LEU A 1085 -17.16 16.80 -4.23
C LEU A 1085 -17.40 16.67 -2.73
N ASP A 1086 -17.20 15.47 -2.18
CA ASP A 1086 -17.32 15.29 -0.74
C ASP A 1086 -16.34 16.18 0.01
N SER A 1087 -15.09 16.24 -0.45
CA SER A 1087 -14.11 17.12 0.17
C SER A 1087 -14.50 18.58 0.05
N SER A 1088 -15.04 18.99 -1.10
CA SER A 1088 -15.48 20.37 -1.27
C SER A 1088 -16.56 20.73 -0.26
N HIS A 1089 -17.54 19.83 -0.09
CA HIS A 1089 -18.59 20.08 0.90
C HIS A 1089 -18.00 20.17 2.31
N MET A 1090 -17.08 19.27 2.63
CA MET A 1090 -16.47 19.31 3.96
C MET A 1090 -15.73 20.62 4.20
N MET A 1091 -15.01 21.10 3.20
CA MET A 1091 -14.27 22.36 3.34
C MET A 1091 -15.23 23.52 3.54
N LEU A 1092 -16.32 23.56 2.76
CA LEU A 1092 -17.27 24.66 2.90
C LEU A 1092 -17.87 24.68 4.31
N THR A 1093 -18.31 23.52 4.81
CA THR A 1093 -18.87 23.49 6.15
C THR A 1093 -17.82 23.84 7.20
N ALA A 1094 -16.57 23.40 7.03
CA ALA A 1094 -15.54 23.72 7.99
C ALA A 1094 -15.30 25.23 8.09
N LEU A 1095 -15.21 25.89 6.93
CA LEU A 1095 -14.98 27.33 6.94
C LEU A 1095 -16.16 28.09 7.54
N HIS A 1096 -17.39 27.74 7.12
CA HIS A 1096 -18.53 28.48 7.62
C HIS A 1096 -18.82 28.17 9.09
N CYS A 1097 -18.35 27.02 9.58
CA CYS A 1097 -18.41 26.76 11.02
C CYS A 1097 -17.37 27.57 11.77
N TYR A 1098 -16.16 27.67 11.21
CA TYR A 1098 -15.13 28.49 11.85
C TYR A 1098 -15.57 29.93 11.98
N ARG A 1099 -16.31 30.44 10.98
CA ARG A 1099 -16.78 31.83 11.06
C ARG A 1099 -17.69 32.07 12.25
N LYS A 1100 -18.25 31.02 12.85
CA LYS A 1100 -19.14 31.15 13.99
C LYS A 1100 -18.54 30.58 15.27
N GLY A 1101 -17.23 30.46 15.34
CA GLY A 1101 -16.59 29.93 16.54
C GLY A 1101 -16.87 28.46 16.81
N LEU A 1102 -16.82 27.63 15.78
CA LEU A 1102 -17.08 26.20 15.89
C LEU A 1102 -15.76 25.43 15.80
N THR A 1103 -15.56 24.51 16.73
CA THR A 1103 -14.51 23.51 16.57
C THR A 1103 -15.03 22.41 15.64
N PHE A 1104 -14.26 22.09 14.61
CA PHE A 1104 -14.77 21.21 13.55
C PHE A 1104 -13.64 20.35 13.02
N VAL A 1105 -13.79 19.03 13.16
CA VAL A 1105 -12.87 18.05 12.58
C VAL A 1105 -13.72 16.93 11.99
N SER A 1106 -13.30 16.41 10.84
CA SER A 1106 -14.15 15.53 10.04
C SER A 1106 -13.36 14.32 9.54
N VAL A 1107 -13.94 13.12 9.69
CA VAL A 1107 -13.41 11.95 9.02
C VAL A 1107 -14.13 11.76 7.68
N HIS A 1108 -13.78 12.59 6.71
CA HIS A 1108 -14.12 12.47 5.29
C HIS A 1108 -15.60 12.62 4.98
N ASP A 1109 -16.48 12.27 5.93
CA ASP A 1109 -17.88 12.68 5.86
C ASP A 1109 -18.52 12.73 7.25
N CYS A 1110 -17.78 12.41 8.30
CA CYS A 1110 -18.31 12.31 9.65
C CYS A 1110 -17.86 13.57 10.39
N TYR A 1111 -18.73 14.55 10.45
CA TYR A 1111 -18.38 15.84 11.04
C TYR A 1111 -18.46 15.75 12.54
N TRP A 1112 -17.35 16.03 13.22
CA TRP A 1112 -17.30 16.06 14.67
C TRP A 1112 -17.45 17.50 15.15
N THR A 1113 -18.05 17.66 16.32
CA THR A 1113 -18.16 18.99 16.93
C THR A 1113 -18.45 18.80 18.42
N HIS A 1114 -18.48 19.91 19.14
CA HIS A 1114 -18.83 19.87 20.55
C HIS A 1114 -20.32 19.56 20.70
N ALA A 1115 -20.67 18.99 21.85
CA ALA A 1115 -22.05 18.56 22.07
C ALA A 1115 -23.01 19.74 22.01
N ALA A 1116 -22.66 20.86 22.61
CA ALA A 1116 -23.54 22.02 22.63
C ALA A 1116 -23.67 22.66 21.26
N ASP A 1117 -22.76 22.39 20.34
CA ASP A 1117 -22.71 23.07 19.06
C ASP A 1117 -23.36 22.30 17.93
N VAL A 1118 -23.80 21.06 18.19
CA VAL A 1118 -24.15 20.14 17.11
C VAL A 1118 -25.21 20.75 16.20
N SER A 1119 -26.30 21.24 16.79
CA SER A 1119 -27.38 21.81 16.00
C SER A 1119 -26.86 22.89 15.07
N VAL A 1120 -26.01 23.79 15.59
CA VAL A 1120 -25.49 24.87 14.77
C VAL A 1120 -24.79 24.31 13.55
N MET A 1121 -23.93 23.31 13.74
CA MET A 1121 -23.24 22.70 12.61
C MET A 1121 -24.25 22.21 11.58
N ASN A 1122 -25.28 21.51 12.04
CA ASN A 1122 -26.28 21.01 11.11
C ASN A 1122 -26.84 22.14 10.26
N GLN A 1123 -27.13 23.28 10.89
CA GLN A 1123 -27.77 24.37 10.17
C GLN A 1123 -26.94 24.80 8.97
N VAL A 1124 -25.61 24.72 9.08
CA VAL A 1124 -24.79 25.10 7.94
C VAL A 1124 -24.45 23.87 7.10
N CYS A 1125 -24.33 22.71 7.74
CA CYS A 1125 -23.96 21.50 7.02
C CYS A 1125 -24.93 21.22 5.89
N ARG A 1126 -26.23 21.40 6.15
CA ARG A 1126 -27.20 21.32 5.07
C ARG A 1126 -27.09 22.50 4.13
N GLU A 1127 -27.00 23.71 4.68
CA GLU A 1127 -27.10 24.90 3.84
C GLU A 1127 -25.98 24.94 2.80
N GLN A 1128 -24.75 24.66 3.23
CA GLN A 1128 -23.66 24.62 2.27
C GLN A 1128 -23.91 23.58 1.18
N PHE A 1129 -24.39 22.39 1.58
CA PHE A 1129 -24.77 21.40 0.58
C PHE A 1129 -25.72 22.02 -0.43
N VAL A 1130 -26.73 22.72 0.05
CA VAL A 1130 -27.75 23.29 -0.84
C VAL A 1130 -27.10 24.24 -1.84
N ARG A 1131 -26.10 25.01 -1.39
CA ARG A 1131 -25.46 25.91 -2.34
C ARG A 1131 -24.38 25.20 -3.14
N LEU A 1132 -23.75 24.16 -2.56
CA LEU A 1132 -22.68 23.48 -3.27
C LEU A 1132 -23.17 22.88 -4.58
N HIS A 1133 -24.34 22.24 -4.54
CA HIS A 1133 -24.95 21.71 -5.75
C HIS A 1133 -25.82 22.72 -6.45
N SER A 1134 -25.99 23.92 -5.90
CA SER A 1134 -26.75 24.96 -6.59
C SER A 1134 -26.02 25.43 -7.84
N GLU A 1135 -24.69 25.45 -7.79
CA GLU A 1135 -23.90 25.74 -8.98
C GLU A 1135 -24.01 24.57 -9.96
N PRO A 1136 -24.01 24.85 -11.25
CA PRO A 1136 -24.14 23.76 -12.23
C PRO A 1136 -22.86 22.95 -12.33
N ILE A 1137 -22.71 21.98 -11.42
CA ILE A 1137 -21.47 21.20 -11.34
C ILE A 1137 -21.23 20.44 -12.64
N LEU A 1138 -22.26 19.76 -13.14
CA LEU A 1138 -22.07 18.93 -14.32
C LEU A 1138 -21.82 19.76 -15.57
N GLN A 1139 -22.58 20.84 -15.76
CA GLN A 1139 -22.37 21.69 -16.92
C GLN A 1139 -21.00 22.34 -16.90
N ASP A 1140 -20.55 22.78 -15.73
CA ASP A 1140 -19.22 23.38 -15.62
C ASP A 1140 -18.13 22.35 -15.86
N LEU A 1141 -18.31 21.12 -15.35
CA LEU A 1141 -17.37 20.06 -15.63
C LEU A 1141 -17.28 19.76 -17.12
N SER A 1142 -18.44 19.71 -17.79
CA SER A 1142 -18.44 19.49 -19.23
C SER A 1142 -17.73 20.61 -19.97
N ARG A 1143 -17.99 21.86 -19.57
CA ARG A 1143 -17.32 22.98 -20.22
C ARG A 1143 -15.82 22.93 -20.03
N PHE A 1144 -15.37 22.62 -18.82
CA PHE A 1144 -13.94 22.54 -18.56
C PHE A 1144 -13.29 21.41 -19.36
N LEU A 1145 -13.93 20.25 -19.40
CA LEU A 1145 -13.34 19.13 -20.13
C LEU A 1145 -13.30 19.41 -21.62
N VAL A 1146 -14.34 20.07 -22.15
CA VAL A 1146 -14.32 20.45 -23.56
C VAL A 1146 -13.20 21.46 -23.83
N LYS A 1147 -13.03 22.44 -22.95
CA LYS A 1147 -12.00 23.44 -23.18
C LYS A 1147 -10.60 22.83 -23.08
N ARG A 1148 -10.41 21.87 -22.19
CA ARG A 1148 -9.08 21.33 -21.93
C ARG A 1148 -8.71 20.22 -22.92
N PHE A 1149 -9.52 19.17 -23.00
CA PHE A 1149 -9.16 17.97 -23.75
C PHE A 1149 -9.70 17.96 -25.17
N CYS A 1150 -10.33 19.04 -25.63
CA CYS A 1150 -10.96 19.03 -26.94
C CYS A 1150 -10.74 20.31 -27.74
N SER A 1151 -9.85 21.20 -27.29
CA SER A 1151 -9.60 22.43 -28.02
C SER A 1151 -8.52 22.29 -29.09
N GLU A 1152 -7.83 21.15 -29.15
CA GLU A 1152 -6.78 20.95 -30.14
C GLU A 1152 -7.36 20.78 -31.55
N GLU A 1158 -11.52 11.91 -34.83
CA GLU A 1158 -11.66 11.20 -33.56
C GLU A 1158 -12.13 12.13 -32.45
N ALA A 1159 -11.81 13.42 -32.59
CA ALA A 1159 -12.23 14.40 -31.59
C ALA A 1159 -13.74 14.58 -31.56
N SER A 1160 -14.44 14.22 -32.64
CA SER A 1160 -15.89 14.36 -32.67
C SER A 1160 -16.55 13.49 -31.61
N GLN A 1161 -16.08 12.24 -31.44
CA GLN A 1161 -16.66 11.37 -30.43
C GLN A 1161 -16.45 11.92 -29.03
N LEU A 1162 -15.24 12.41 -28.74
CA LEU A 1162 -14.97 13.01 -27.45
C LEU A 1162 -15.86 14.22 -27.20
N LYS A 1163 -15.99 15.09 -28.21
CA LYS A 1163 -16.81 16.29 -28.06
C LYS A 1163 -18.27 15.92 -27.84
N GLU A 1164 -18.77 14.91 -28.55
CA GLU A 1164 -20.17 14.53 -28.38
C GLU A 1164 -20.41 13.87 -27.03
N THR A 1165 -19.46 13.05 -26.56
CA THR A 1165 -19.63 12.43 -25.26
C THR A 1165 -19.62 13.47 -24.14
N LEU A 1166 -18.78 14.50 -24.27
CA LEU A 1166 -18.76 15.52 -23.23
C LEU A 1166 -19.87 16.56 -23.37
N GLN A 1167 -20.37 16.78 -24.58
CA GLN A 1167 -21.43 17.78 -24.79
C GLN A 1167 -22.78 17.28 -24.32
N ALA A 1168 -22.98 15.97 -24.30
CA ALA A 1168 -24.24 15.38 -23.87
C ALA A 1168 -24.16 15.07 -22.38
N VAL A 1169 -24.66 15.99 -21.55
CA VAL A 1169 -24.72 15.81 -20.12
C VAL A 1169 -26.10 15.29 -19.77
N PRO A 1170 -26.23 14.32 -18.86
CA PRO A 1170 -27.57 13.79 -18.53
C PRO A 1170 -28.49 14.90 -18.05
N LYS A 1171 -29.75 14.82 -18.45
CA LYS A 1171 -30.72 15.85 -18.11
C LYS A 1171 -31.06 15.77 -16.63
N PRO A 1172 -31.11 16.91 -15.94
CA PRO A 1172 -31.43 16.88 -14.50
C PRO A 1172 -32.86 16.43 -14.26
N GLY A 1173 -33.05 15.77 -13.12
CA GLY A 1173 -34.37 15.32 -12.73
C GLY A 1173 -35.22 16.45 -12.18
N ALA A 1174 -36.43 16.08 -11.74
CA ALA A 1174 -37.36 17.03 -11.16
C ALA A 1174 -37.24 16.95 -9.65
N PHE A 1175 -36.63 17.98 -9.05
CA PHE A 1175 -36.43 18.02 -7.62
C PHE A 1175 -36.04 19.43 -7.22
N ASP A 1176 -36.48 19.85 -6.03
CA ASP A 1176 -36.10 21.12 -5.45
C ASP A 1176 -35.13 20.85 -4.31
N LEU A 1177 -33.90 21.37 -4.46
CA LEU A 1177 -32.83 21.05 -3.52
C LEU A 1177 -32.99 21.76 -2.18
N GLU A 1178 -33.67 22.90 -2.15
CA GLU A 1178 -33.74 23.71 -0.93
C GLU A 1178 -34.36 22.96 0.23
N GLN A 1179 -35.14 21.90 -0.03
CA GLN A 1179 -35.75 21.15 1.06
C GLN A 1179 -34.74 20.34 1.85
N VAL A 1180 -33.48 20.25 1.41
CA VAL A 1180 -32.46 19.58 2.19
C VAL A 1180 -32.28 20.28 3.54
N LYS A 1181 -32.55 21.59 3.60
CA LYS A 1181 -32.40 22.33 4.84
C LYS A 1181 -33.31 21.78 5.93
N ARG A 1182 -34.56 21.47 5.58
CA ARG A 1182 -35.51 20.97 6.55
C ARG A 1182 -35.36 19.48 6.83
N SER A 1183 -34.53 18.77 6.06
CA SER A 1183 -34.31 17.35 6.30
C SER A 1183 -33.67 17.15 7.66
N THR A 1184 -34.22 16.20 8.42
CA THR A 1184 -33.75 15.97 9.77
C THR A 1184 -32.67 14.90 9.84
N TYR A 1185 -32.66 13.96 8.90
CA TYR A 1185 -31.74 12.84 8.92
C TYR A 1185 -30.77 12.85 7.75
N PHE A 1186 -30.56 14.02 7.14
CA PHE A 1186 -29.57 14.13 6.08
C PHE A 1186 -28.18 13.80 6.59
N PHE A 1187 -27.83 14.32 7.77
CA PHE A 1187 -26.57 14.01 8.43
C PHE A 1187 -26.90 13.66 9.88
N SER A 1188 -26.80 12.39 10.23
CA SER A 1188 -27.10 11.96 11.58
C SER A 1188 -26.55 10.56 11.83
N PHE D 12 -6.49 -27.86 -24.23
CA PHE D 12 -7.12 -28.88 -25.06
C PHE D 12 -6.64 -30.28 -24.66
N LYS D 13 -7.21 -31.30 -25.29
CA LYS D 13 -6.84 -32.67 -25.01
C LYS D 13 -6.86 -33.45 -26.32
N ARG D 14 -6.11 -34.55 -26.36
CA ARG D 14 -6.01 -35.39 -27.54
C ARG D 14 -6.21 -36.85 -27.15
N TYR D 15 -6.89 -37.60 -28.01
CA TYR D 15 -7.11 -39.02 -27.80
C TYR D 15 -6.79 -39.77 -29.09
N VAL D 16 -6.47 -41.06 -28.93
CA VAL D 16 -6.10 -41.89 -30.07
C VAL D 16 -7.31 -42.12 -30.96
N THR D 17 -7.09 -42.06 -32.28
CA THR D 17 -8.14 -42.33 -33.26
C THR D 17 -7.76 -43.46 -34.21
N ASP D 18 -6.71 -44.21 -33.92
CA ASP D 18 -6.25 -45.29 -34.78
C ASP D 18 -6.24 -46.61 -34.01
N ARG D 19 -6.71 -47.67 -34.66
CA ARG D 19 -6.70 -48.99 -34.03
C ARG D 19 -5.28 -49.48 -33.76
N ARG D 20 -4.36 -49.27 -34.71
CA ARG D 20 -3.01 -49.78 -34.56
C ARG D 20 -2.28 -49.09 -33.41
N LEU D 21 -2.46 -47.78 -33.26
CA LEU D 21 -1.80 -47.06 -32.18
C LEU D 21 -2.29 -47.54 -30.82
N ALA D 22 -3.61 -47.71 -30.67
CA ALA D 22 -4.16 -48.23 -29.43
C ALA D 22 -3.66 -49.65 -29.16
N GLU D 23 -3.59 -50.48 -30.20
CA GLU D 23 -3.08 -51.84 -30.02
C GLU D 23 -1.63 -51.83 -29.57
N THR D 24 -0.80 -50.96 -30.16
CA THR D 24 0.60 -50.86 -29.75
C THR D 24 0.72 -50.34 -28.33
N LEU D 25 -0.17 -49.44 -27.92
CA LEU D 25 -0.17 -48.97 -26.54
C LEU D 25 -0.63 -50.05 -25.57
N ALA D 26 -1.47 -50.98 -26.03
CA ALA D 26 -2.07 -51.95 -25.12
C ALA D 26 -1.02 -52.77 -24.37
N GLN D 27 -0.05 -53.33 -25.10
CA GLN D 27 0.89 -54.24 -24.43
C GLN D 27 1.89 -53.47 -23.59
N ILE D 28 2.29 -52.27 -24.02
CA ILE D 28 3.23 -51.49 -23.22
C ILE D 28 2.56 -50.99 -21.95
N TYR D 29 1.23 -50.84 -21.99
CA TYR D 29 0.53 -50.37 -20.81
C TYR D 29 0.20 -51.51 -19.86
N LEU D 30 -0.19 -52.67 -20.39
CA LEU D 30 -0.72 -53.76 -19.57
C LEU D 30 0.28 -54.90 -19.35
N GLY D 31 1.01 -55.31 -20.39
CA GLY D 31 1.95 -56.40 -20.26
C GLY D 31 3.28 -56.01 -19.64
N LYS D 32 3.54 -54.71 -19.51
CA LYS D 32 4.73 -54.27 -18.78
C LYS D 32 4.74 -54.79 -17.35
N PRO D 33 3.66 -54.67 -16.57
CA PRO D 33 3.60 -55.42 -15.30
C PRO D 33 3.13 -56.84 -15.56
N SER D 34 4.03 -57.80 -15.36
CA SER D 34 3.69 -59.21 -15.56
C SER D 34 2.68 -59.70 -14.53
N ARG D 35 2.43 -58.93 -13.49
CA ARG D 35 1.50 -59.34 -12.43
C ARG D 35 0.06 -59.02 -12.84
N PRO D 36 -0.83 -60.00 -12.89
CA PRO D 36 -2.23 -59.74 -13.23
C PRO D 36 -2.84 -58.62 -12.42
N PRO D 37 -2.82 -58.68 -11.08
CA PRO D 37 -3.80 -57.90 -10.29
C PRO D 37 -3.66 -56.39 -10.39
N HIS D 38 -2.74 -55.84 -11.17
CA HIS D 38 -2.64 -54.39 -11.28
C HIS D 38 -3.84 -53.84 -12.05
N LEU D 39 -4.66 -53.05 -11.37
CA LEU D 39 -5.72 -52.30 -12.02
C LEU D 39 -5.16 -51.01 -12.60
N LEU D 40 -5.87 -50.47 -13.58
CA LEU D 40 -5.45 -49.27 -14.28
C LEU D 40 -6.47 -48.16 -14.01
N LEU D 41 -5.98 -47.01 -13.59
CA LEU D 41 -6.80 -45.82 -13.37
C LEU D 41 -6.59 -44.90 -14.57
N GLU D 42 -7.28 -45.19 -15.66
CA GLU D 42 -7.10 -44.45 -16.89
C GLU D 42 -7.74 -43.08 -16.79
N CYS D 43 -7.10 -42.08 -17.38
CA CYS D 43 -7.54 -40.69 -17.30
C CYS D 43 -8.00 -40.23 -18.68
N ASN D 44 -9.17 -39.59 -18.72
CA ASN D 44 -9.76 -39.04 -19.94
C ASN D 44 -9.83 -40.09 -21.04
N PRO D 45 -10.75 -41.06 -20.92
CA PRO D 45 -10.85 -42.09 -21.97
C PRO D 45 -11.23 -41.55 -23.33
N GLY D 46 -12.03 -40.49 -23.39
CA GLY D 46 -12.54 -40.00 -24.65
C GLY D 46 -13.56 -40.94 -25.25
N PRO D 47 -13.45 -41.21 -26.56
CA PRO D 47 -14.34 -42.19 -27.18
C PRO D 47 -14.24 -43.57 -26.57
N GLY D 48 -13.07 -43.96 -26.07
CA GLY D 48 -12.90 -45.24 -25.43
C GLY D 48 -12.24 -46.33 -26.24
N ILE D 49 -11.70 -46.00 -27.43
CA ILE D 49 -11.02 -47.00 -28.24
C ILE D 49 -9.81 -47.57 -27.49
N LEU D 50 -9.03 -46.69 -26.84
CA LEU D 50 -7.94 -47.16 -26.00
C LEU D 50 -8.48 -48.02 -24.85
N THR D 51 -9.63 -47.63 -24.29
CA THR D 51 -10.24 -48.47 -23.27
C THR D 51 -10.66 -49.82 -23.84
N GLN D 52 -11.10 -49.85 -25.11
CA GLN D 52 -11.39 -51.13 -25.75
C GLN D 52 -10.14 -51.99 -25.87
N ALA D 53 -9.01 -51.39 -26.22
CA ALA D 53 -7.76 -52.15 -26.29
C ALA D 53 -7.37 -52.70 -24.92
N LEU D 54 -7.46 -51.86 -23.89
CA LEU D 54 -7.09 -52.32 -22.55
C LEU D 54 -8.08 -53.35 -22.01
N LEU D 55 -9.35 -53.28 -22.45
CA LEU D 55 -10.34 -54.26 -22.01
C LEU D 55 -10.14 -55.60 -22.70
N GLU D 56 -9.86 -55.60 -24.01
CA GLU D 56 -9.52 -56.85 -24.67
C GLU D 56 -8.21 -57.40 -24.12
N ALA D 57 -7.34 -56.51 -23.60
CA ALA D 57 -6.20 -56.97 -22.83
C ALA D 57 -6.61 -57.59 -21.50
N GLY D 58 -7.80 -57.28 -20.99
CA GLY D 58 -8.31 -57.91 -19.79
C GLY D 58 -8.01 -57.20 -18.49
N ALA D 59 -7.50 -55.97 -18.53
CA ALA D 59 -7.14 -55.27 -17.31
C ALA D 59 -8.38 -54.64 -16.66
N LYS D 60 -8.25 -54.32 -15.37
CA LYS D 60 -9.30 -53.66 -14.60
C LYS D 60 -9.21 -52.17 -14.87
N VAL D 61 -9.83 -51.73 -15.96
CA VAL D 61 -9.76 -50.34 -16.40
C VAL D 61 -10.82 -49.54 -15.66
N VAL D 62 -10.39 -48.58 -14.85
CA VAL D 62 -11.28 -47.68 -14.13
C VAL D 62 -11.24 -46.34 -14.86
N ALA D 63 -12.19 -46.14 -15.77
CA ALA D 63 -12.22 -44.91 -16.54
C ALA D 63 -12.55 -43.73 -15.64
N LEU D 64 -11.82 -42.63 -15.84
CA LEU D 64 -12.03 -41.39 -15.09
C LEU D 64 -12.26 -40.28 -16.12
N GLU D 65 -13.51 -40.13 -16.53
CA GLU D 65 -13.86 -39.12 -17.54
C GLU D 65 -14.04 -37.76 -16.88
N SER D 66 -13.46 -36.75 -17.50
CA SER D 66 -13.50 -35.40 -16.93
C SER D 66 -14.92 -34.86 -16.89
N ASP D 67 -15.69 -35.07 -17.95
CA ASP D 67 -17.05 -34.55 -18.06
C ASP D 67 -18.06 -35.70 -17.99
N LYS D 68 -19.33 -35.35 -18.15
CA LYS D 68 -20.41 -36.32 -18.16
C LYS D 68 -20.90 -36.65 -19.57
N THR D 69 -20.26 -36.10 -20.60
CA THR D 69 -20.77 -36.24 -21.96
C THR D 69 -20.64 -37.67 -22.46
N PHE D 70 -19.46 -38.28 -22.29
CA PHE D 70 -19.18 -39.58 -22.86
C PHE D 70 -19.27 -40.71 -21.84
N ILE D 71 -19.69 -40.43 -20.61
CA ILE D 71 -19.88 -41.50 -19.62
C ILE D 71 -20.91 -42.52 -20.06
N PRO D 72 -22.09 -42.14 -20.58
CA PRO D 72 -23.09 -43.19 -20.91
C PRO D 72 -22.58 -44.23 -21.89
N HIS D 73 -21.83 -43.84 -22.92
CA HIS D 73 -21.36 -44.80 -23.91
C HIS D 73 -20.41 -45.82 -23.27
N LEU D 74 -19.42 -45.32 -22.53
CA LEU D 74 -18.47 -46.22 -21.88
C LEU D 74 -19.14 -47.09 -20.83
N GLU D 75 -20.08 -46.53 -20.08
CA GLU D 75 -20.76 -47.31 -19.05
C GLU D 75 -21.61 -48.41 -19.67
N SER D 76 -22.29 -48.11 -20.78
CA SER D 76 -23.05 -49.14 -21.49
C SER D 76 -22.13 -50.22 -22.03
N LEU D 77 -20.97 -49.83 -22.56
CA LEU D 77 -20.03 -50.82 -23.06
C LEU D 77 -19.51 -51.71 -21.93
N GLY D 78 -19.22 -51.12 -20.77
CA GLY D 78 -18.72 -51.91 -19.66
C GLY D 78 -19.78 -52.84 -19.07
N LYS D 79 -21.03 -52.36 -19.00
CA LYS D 79 -22.08 -53.14 -18.34
C LYS D 79 -22.69 -54.18 -19.27
N ASN D 80 -22.66 -53.94 -20.58
CA ASN D 80 -23.32 -54.85 -21.52
C ASN D 80 -22.70 -56.25 -21.46
N LEU D 81 -21.37 -56.32 -21.41
CA LEU D 81 -20.66 -57.58 -21.29
C LEU D 81 -20.18 -57.85 -19.87
N ASP D 82 -20.69 -57.09 -18.90
CA ASP D 82 -20.23 -57.17 -17.51
C ASP D 82 -18.74 -56.91 -17.40
N GLY D 83 -18.20 -56.12 -18.32
CA GLY D 83 -16.79 -55.81 -18.28
C GLY D 83 -16.42 -54.90 -17.13
N LYS D 84 -15.16 -54.98 -16.73
CA LYS D 84 -14.65 -54.20 -15.61
C LYS D 84 -14.21 -52.82 -16.11
N LEU D 85 -15.21 -51.98 -16.37
CA LEU D 85 -15.00 -50.61 -16.86
C LEU D 85 -15.90 -49.69 -16.05
N ARG D 86 -15.41 -49.21 -14.91
CA ARG D 86 -16.17 -48.36 -14.01
C ARG D 86 -15.86 -46.90 -14.33
N VAL D 87 -16.82 -46.22 -14.95
CA VAL D 87 -16.60 -44.83 -15.41
C VAL D 87 -17.02 -43.92 -14.26
N ILE D 88 -16.08 -43.68 -13.35
CA ILE D 88 -16.30 -42.73 -12.27
C ILE D 88 -16.13 -41.32 -12.82
N HIS D 89 -17.05 -40.43 -12.46
CA HIS D 89 -17.01 -39.05 -12.93
C HIS D 89 -16.00 -38.28 -12.10
N CYS D 90 -14.77 -38.18 -12.61
CA CYS D 90 -13.72 -37.43 -11.95
C CYS D 90 -12.62 -37.11 -12.96
N ASP D 91 -11.80 -36.12 -12.61
CA ASP D 91 -10.66 -35.73 -13.43
C ASP D 91 -9.41 -35.72 -12.57
N PHE D 92 -8.30 -36.25 -13.12
CA PHE D 92 -7.05 -36.27 -12.38
C PHE D 92 -6.46 -34.88 -12.22
N PHE D 93 -6.73 -33.99 -13.18
CA PHE D 93 -6.17 -32.64 -13.11
C PHE D 93 -6.71 -31.88 -11.91
N LYS D 94 -8.02 -31.98 -11.65
CA LYS D 94 -8.66 -31.25 -10.56
C LYS D 94 -8.82 -32.08 -9.30
N LEU D 95 -8.16 -33.24 -9.23
CA LEU D 95 -8.31 -34.13 -8.09
C LEU D 95 -7.82 -33.45 -6.81
N ASP D 96 -8.64 -33.55 -5.76
CA ASP D 96 -8.33 -33.00 -4.46
C ASP D 96 -8.00 -31.50 -4.50
N PRO D 97 -8.99 -30.65 -4.75
CA PRO D 97 -8.73 -29.20 -4.76
C PRO D 97 -8.79 -28.62 -3.35
N ARG D 98 -7.79 -27.81 -3.00
CA ARG D 98 -7.73 -27.24 -1.66
C ARG D 98 -8.80 -26.17 -1.47
N SER D 99 -9.12 -25.43 -2.53
CA SER D 99 -10.11 -24.36 -2.42
C SER D 99 -11.50 -24.92 -2.14
N GLY D 100 -12.23 -24.26 -1.26
CA GLY D 100 -13.61 -24.61 -0.99
C GLY D 100 -13.78 -25.84 -0.13
N GLY D 101 -15.01 -26.08 0.33
CA GLY D 101 -15.30 -27.25 1.14
C GLY D 101 -16.23 -28.20 0.43
N VAL D 102 -17.15 -27.67 -0.37
CA VAL D 102 -18.02 -28.50 -1.19
C VAL D 102 -17.30 -28.80 -2.50
N ILE D 103 -17.22 -30.08 -2.85
CA ILE D 103 -16.49 -30.52 -4.02
C ILE D 103 -17.47 -30.82 -5.15
N LYS D 104 -17.23 -30.14 -6.27
CA LYS D 104 -18.06 -30.39 -7.48
C LYS D 104 -17.69 -31.79 -7.98
N PRO D 105 -18.62 -32.63 -8.46
CA PRO D 105 -18.34 -34.05 -8.77
C PRO D 105 -17.20 -34.23 -9.76
N PRO D 106 -17.04 -33.35 -10.77
CA PRO D 106 -15.84 -33.48 -11.63
C PRO D 106 -14.53 -33.38 -10.86
N ALA D 107 -14.48 -32.62 -9.78
CA ALA D 107 -13.30 -32.53 -8.93
C ALA D 107 -13.59 -33.26 -7.62
N MET D 108 -13.25 -34.55 -7.58
CA MET D 108 -13.62 -35.42 -6.48
C MET D 108 -12.42 -35.57 -5.52
N SER D 109 -12.72 -35.55 -4.23
CA SER D 109 -11.68 -35.74 -3.22
C SER D 109 -11.03 -37.11 -3.36
N SER D 110 -9.72 -37.16 -3.12
CA SER D 110 -8.97 -38.40 -3.29
C SER D 110 -9.46 -39.49 -2.35
N ARG D 111 -9.74 -39.12 -1.09
CA ARG D 111 -10.13 -40.12 -0.10
C ARG D 111 -11.41 -40.85 -0.53
N GLY D 112 -12.43 -40.09 -0.93
CA GLY D 112 -13.67 -40.71 -1.36
C GLY D 112 -13.51 -41.52 -2.63
N LEU D 113 -12.71 -41.02 -3.58
CA LEU D 113 -12.49 -41.76 -4.81
C LEU D 113 -11.82 -43.11 -4.53
N PHE D 114 -10.84 -43.13 -3.64
CA PHE D 114 -10.18 -44.39 -3.33
C PHE D 114 -11.07 -45.30 -2.49
N LYS D 115 -11.92 -44.71 -1.63
CA LYS D 115 -12.83 -45.53 -0.83
C LYS D 115 -13.87 -46.22 -1.71
N ASN D 116 -14.46 -45.50 -2.65
CA ASN D 116 -15.43 -46.12 -3.55
C ASN D 116 -14.75 -47.00 -4.59
N LEU D 117 -13.50 -46.68 -4.94
CA LEU D 117 -12.76 -47.53 -5.87
C LEU D 117 -12.44 -48.88 -5.25
N GLY D 118 -12.12 -48.90 -3.96
CA GLY D 118 -11.83 -50.13 -3.25
C GLY D 118 -10.38 -50.32 -2.87
N ILE D 119 -9.49 -49.42 -3.27
CA ILE D 119 -8.08 -49.55 -2.93
C ILE D 119 -7.81 -48.86 -1.60
N GLU D 120 -6.81 -49.36 -0.88
CA GLU D 120 -6.45 -48.85 0.44
C GLU D 120 -4.99 -48.43 0.47
N ALA D 121 -4.51 -48.06 1.66
CA ALA D 121 -3.19 -47.50 1.82
C ALA D 121 -2.14 -48.57 2.08
N VAL D 122 -0.91 -48.30 1.65
CA VAL D 122 0.21 -49.19 1.88
C VAL D 122 1.41 -48.38 2.35
N PRO D 123 2.32 -49.01 3.08
CA PRO D 123 3.53 -48.31 3.52
C PRO D 123 4.38 -47.86 2.34
N TRP D 124 5.13 -46.78 2.54
CA TRP D 124 5.99 -46.27 1.48
C TRP D 124 7.04 -47.29 1.07
N THR D 125 7.58 -48.04 2.04
CA THR D 125 8.55 -49.08 1.72
C THR D 125 7.90 -50.27 1.03
N ALA D 126 6.59 -50.43 1.13
CA ALA D 126 5.90 -51.57 0.54
C ALA D 126 5.84 -51.42 -0.98
N ASP D 127 5.14 -52.37 -1.60
CA ASP D 127 5.08 -52.44 -3.06
C ASP D 127 4.07 -51.44 -3.60
N ILE D 128 3.88 -51.47 -4.91
CA ILE D 128 3.04 -50.48 -5.60
C ILE D 128 1.58 -50.92 -5.51
N PRO D 129 0.69 -50.04 -5.06
CA PRO D 129 -0.74 -50.37 -5.08
C PRO D 129 -1.34 -50.45 -6.48
N LEU D 130 -1.16 -49.41 -7.30
CA LEU D 130 -1.84 -49.34 -8.58
C LEU D 130 -1.02 -48.48 -9.55
N LYS D 131 -1.55 -48.31 -10.75
CA LYS D 131 -0.90 -47.57 -11.82
C LYS D 131 -1.87 -46.56 -12.42
N VAL D 132 -1.37 -45.37 -12.71
CA VAL D 132 -2.16 -44.29 -13.28
C VAL D 132 -1.62 -43.99 -14.67
N VAL D 133 -2.51 -43.94 -15.66
CA VAL D 133 -2.14 -43.78 -17.05
C VAL D 133 -3.01 -42.70 -17.69
N GLY D 134 -2.60 -42.24 -18.86
CA GLY D 134 -3.34 -41.23 -19.59
C GLY D 134 -2.38 -40.34 -20.38
N MET D 135 -2.77 -39.07 -20.51
CA MET D 135 -1.97 -38.07 -21.20
C MET D 135 -1.98 -36.77 -20.42
N PHE D 136 -0.85 -36.06 -20.47
CA PHE D 136 -0.72 -34.81 -19.74
C PHE D 136 -1.55 -33.72 -20.41
N PRO D 137 -1.92 -32.68 -19.66
CA PRO D 137 -2.63 -31.55 -20.27
C PRO D 137 -1.80 -30.90 -21.35
N SER D 138 -2.47 -30.39 -22.38
CA SER D 138 -1.76 -29.84 -23.53
C SER D 138 -0.93 -28.63 -23.17
N ARG D 139 -1.46 -27.76 -22.31
CA ARG D 139 -0.79 -26.50 -21.98
C ARG D 139 -0.54 -26.32 -20.49
N GLY D 140 -0.81 -27.32 -19.66
CA GLY D 140 -0.57 -27.18 -18.23
C GLY D 140 0.44 -28.19 -17.71
N GLU D 141 1.42 -28.54 -18.54
CA GLU D 141 2.39 -29.56 -18.17
C GLU D 141 3.20 -29.15 -16.96
N LYS D 142 3.67 -27.90 -16.93
CA LYS D 142 4.46 -27.41 -15.77
C LYS D 142 3.57 -27.45 -14.54
N ARG D 143 2.35 -26.91 -14.68
CA ARG D 143 1.44 -26.86 -13.54
C ARG D 143 1.19 -28.24 -12.96
N ALA D 144 0.87 -29.21 -13.83
CA ALA D 144 0.60 -30.56 -13.37
C ALA D 144 1.84 -31.18 -12.73
N LEU D 145 3.02 -30.95 -13.33
CA LEU D 145 4.25 -31.48 -12.77
C LEU D 145 4.51 -30.90 -11.39
N TRP D 146 4.29 -29.59 -11.22
CA TRP D 146 4.49 -28.98 -9.91
C TRP D 146 3.50 -29.51 -8.89
N LYS D 147 2.23 -29.68 -9.28
CA LYS D 147 1.24 -30.24 -8.36
C LYS D 147 1.62 -31.65 -7.93
N LEU D 148 2.04 -32.47 -8.90
CA LEU D 148 2.43 -33.84 -8.58
C LEU D 148 3.65 -33.86 -7.67
N ALA D 149 4.63 -32.98 -7.93
CA ALA D 149 5.81 -32.92 -7.07
C ALA D 149 5.44 -32.51 -5.65
N TYR D 150 4.57 -31.50 -5.53
CA TYR D 150 4.15 -31.06 -4.21
C TYR D 150 3.44 -32.16 -3.46
N ASP D 151 2.53 -32.87 -4.13
CA ASP D 151 1.82 -33.98 -3.50
C ASP D 151 2.78 -35.08 -3.09
N LEU D 152 3.73 -35.42 -3.97
CA LEU D 152 4.66 -36.50 -3.69
C LEU D 152 5.55 -36.19 -2.51
N TYR D 153 6.12 -34.98 -2.47
CA TYR D 153 7.03 -34.63 -1.39
C TYR D 153 6.28 -34.40 -0.08
N SER D 154 5.05 -33.91 -0.15
CA SER D 154 4.24 -33.72 1.05
C SER D 154 3.58 -35.02 1.51
N CYS D 155 3.62 -36.07 0.69
CA CYS D 155 3.01 -37.37 1.01
C CYS D 155 1.52 -37.20 1.31
N THR D 156 0.82 -36.53 0.39
CA THR D 156 -0.61 -36.34 0.48
C THR D 156 -1.22 -36.55 -0.90
N SER D 157 -2.54 -36.46 -0.97
CA SER D 157 -3.31 -36.60 -2.22
C SER D 157 -3.09 -38.01 -2.76
N ILE D 158 -2.80 -38.18 -4.06
CA ILE D 158 -2.73 -39.51 -4.65
C ILE D 158 -1.64 -40.33 -3.97
N TYR D 159 -0.49 -39.73 -3.71
CA TYR D 159 0.62 -40.43 -3.08
C TYR D 159 0.44 -40.61 -1.58
N LYS D 160 -0.74 -40.27 -1.04
CA LYS D 160 -0.98 -40.50 0.37
C LYS D 160 -1.06 -41.99 0.69
N PHE D 161 -1.56 -42.79 -0.26
CA PHE D 161 -1.73 -44.22 -0.03
C PHE D 161 -0.50 -45.02 -0.39
N GLY D 162 0.28 -44.56 -1.37
CA GLY D 162 1.51 -45.26 -1.71
C GLY D 162 2.07 -44.76 -3.02
N ARG D 163 3.28 -45.21 -3.31
CA ARG D 163 3.98 -44.84 -4.54
C ARG D 163 3.25 -45.42 -5.74
N ILE D 164 2.96 -44.58 -6.73
CA ILE D 164 2.14 -44.96 -7.88
C ILE D 164 2.83 -44.50 -9.15
N GLU D 165 2.98 -45.41 -10.12
CA GLU D 165 3.50 -45.04 -11.42
C GLU D 165 2.54 -44.09 -12.12
N VAL D 166 3.10 -43.16 -12.90
CA VAL D 166 2.30 -42.20 -13.64
C VAL D 166 2.77 -42.25 -15.09
N ASN D 167 2.15 -43.11 -15.89
CA ASN D 167 2.60 -43.40 -17.25
C ASN D 167 1.89 -42.47 -18.22
N MET D 168 2.51 -41.33 -18.50
CA MET D 168 1.83 -40.28 -19.24
C MET D 168 2.65 -39.77 -20.41
N PHE D 169 1.95 -39.37 -21.46
CA PHE D 169 2.61 -38.72 -22.58
C PHE D 169 2.88 -37.26 -22.25
N ILE D 170 4.09 -36.80 -22.59
CA ILE D 170 4.52 -35.45 -22.31
C ILE D 170 5.12 -34.85 -23.58
N GLY D 171 5.04 -33.53 -23.68
CA GLY D 171 5.54 -32.85 -24.85
C GLY D 171 7.05 -32.83 -24.92
N GLU D 172 7.57 -32.39 -26.07
CA GLU D 172 9.01 -32.43 -26.30
C GLU D 172 9.76 -31.47 -25.38
N LYS D 173 9.33 -30.22 -25.34
CA LYS D 173 10.05 -29.21 -24.57
C LYS D 173 10.04 -29.53 -23.09
N GLU D 174 8.87 -29.91 -22.56
CA GLU D 174 8.78 -30.27 -21.15
C GLU D 174 9.63 -31.49 -20.84
N PHE D 175 9.66 -32.47 -21.76
CA PHE D 175 10.49 -33.65 -21.53
C PHE D 175 11.97 -33.29 -21.50
N GLN D 176 12.43 -32.44 -22.42
CA GLN D 176 13.84 -32.04 -22.40
C GLN D 176 14.16 -31.28 -21.13
N LYS D 177 13.28 -30.38 -20.70
CA LYS D 177 13.53 -29.65 -19.46
C LYS D 177 13.51 -30.57 -18.25
N LEU D 178 12.73 -31.66 -18.31
CA LEU D 178 12.68 -32.59 -17.20
C LEU D 178 13.93 -33.46 -17.14
N MET D 179 14.44 -33.88 -18.30
CA MET D 179 15.59 -34.76 -18.36
C MET D 179 16.91 -34.01 -18.43
N ALA D 180 16.88 -32.68 -18.28
CA ALA D 180 18.11 -31.90 -18.30
C ALA D 180 19.01 -32.30 -17.13
N ASP D 181 20.30 -32.27 -17.38
CA ASP D 181 21.33 -32.70 -16.43
C ASP D 181 22.41 -31.64 -16.36
N PRO D 182 23.27 -31.69 -15.34
CA PRO D 182 24.39 -30.75 -15.29
C PRO D 182 25.24 -30.75 -16.55
N GLY D 183 25.21 -31.84 -17.33
CA GLY D 183 25.90 -31.83 -18.61
C GLY D 183 25.22 -30.95 -19.64
N ASN D 184 23.96 -30.57 -19.39
CA ASN D 184 23.20 -29.68 -20.27
C ASN D 184 22.64 -28.55 -19.43
N PRO D 185 23.49 -27.59 -19.03
CA PRO D 185 23.04 -26.56 -18.07
C PRO D 185 22.10 -25.53 -18.66
N ASP D 186 21.82 -25.58 -19.97
CA ASP D 186 20.94 -24.58 -20.55
C ASP D 186 19.52 -24.67 -20.00
N LEU D 187 19.02 -25.91 -19.83
CA LEU D 187 17.66 -26.14 -19.36
C LEU D 187 17.61 -26.74 -17.97
N TYR D 188 18.76 -26.99 -17.35
CA TYR D 188 18.82 -27.60 -16.03
C TYR D 188 18.21 -26.63 -15.02
N HIS D 189 17.03 -26.97 -14.50
CA HIS D 189 16.35 -26.08 -13.56
C HIS D 189 15.83 -26.87 -12.36
N VAL D 190 15.00 -26.22 -11.53
CA VAL D 190 14.57 -26.84 -10.28
C VAL D 190 13.62 -28.01 -10.52
N LEU D 191 12.79 -27.95 -11.56
CA LEU D 191 11.90 -29.06 -11.87
C LEU D 191 12.68 -30.35 -12.11
N SER D 192 13.77 -30.25 -12.87
CA SER D 192 14.59 -31.42 -13.14
C SER D 192 15.11 -32.04 -11.86
N VAL D 193 15.63 -31.21 -10.95
CA VAL D 193 16.18 -31.74 -9.71
C VAL D 193 15.09 -32.39 -8.87
N ILE D 194 13.95 -31.71 -8.69
CA ILE D 194 12.94 -32.23 -7.78
C ILE D 194 12.34 -33.52 -8.32
N TRP D 195 12.18 -33.63 -9.65
CA TRP D 195 11.63 -34.87 -10.20
C TRP D 195 12.67 -35.98 -10.19
N GLN D 196 13.91 -35.68 -10.58
CA GLN D 196 14.90 -36.74 -10.72
C GLN D 196 15.38 -37.25 -9.38
N LEU D 197 15.18 -36.48 -8.31
CA LEU D 197 15.49 -37.02 -6.98
C LEU D 197 14.43 -38.00 -6.50
N ALA D 198 13.24 -38.00 -7.11
CA ALA D 198 12.11 -38.78 -6.62
C ALA D 198 11.73 -39.93 -7.53
N CYS D 199 11.67 -39.71 -8.84
CA CYS D 199 11.16 -40.69 -9.78
C CYS D 199 12.24 -41.12 -10.76
N GLU D 200 12.29 -42.44 -11.03
CA GLU D 200 13.21 -43.00 -12.02
C GLU D 200 12.57 -42.85 -13.39
N ILE D 201 12.68 -41.63 -13.93
CA ILE D 201 12.04 -41.33 -15.20
C ILE D 201 12.75 -42.05 -16.33
N LYS D 202 12.00 -42.84 -17.08
CA LYS D 202 12.52 -43.55 -18.24
C LYS D 202 11.48 -43.51 -19.35
N VAL D 203 11.91 -43.19 -20.57
CA VAL D 203 10.99 -43.07 -21.70
C VAL D 203 10.64 -44.49 -22.16
N LEU D 204 9.35 -44.82 -22.10
CA LEU D 204 8.92 -46.15 -22.52
C LEU D 204 8.59 -46.18 -24.00
N HIS D 205 8.10 -45.07 -24.54
CA HIS D 205 7.69 -45.02 -25.93
C HIS D 205 7.82 -43.57 -26.42
N MET D 206 7.96 -43.43 -27.74
CA MET D 206 8.01 -42.11 -28.36
C MET D 206 7.18 -42.15 -29.64
N GLU D 207 6.36 -41.13 -29.84
CA GLU D 207 5.41 -41.16 -30.95
C GLU D 207 5.30 -39.77 -31.55
N PRO D 208 4.95 -39.67 -32.83
CA PRO D 208 4.66 -38.37 -33.45
C PRO D 208 3.21 -37.97 -33.27
N TRP D 209 3.00 -36.73 -32.81
CA TRP D 209 1.69 -36.31 -32.35
C TRP D 209 0.63 -36.27 -33.44
N SER D 210 1.02 -36.35 -34.71
CA SER D 210 0.03 -36.41 -35.78
C SER D 210 -0.85 -37.64 -35.67
N SER D 211 -0.40 -38.68 -34.95
CA SER D 211 -1.20 -39.89 -34.80
C SER D 211 -2.48 -39.62 -34.02
N PHE D 212 -2.39 -38.88 -32.91
CA PHE D 212 -3.56 -38.61 -32.10
C PHE D 212 -4.51 -37.64 -32.82
N ASP D 213 -5.74 -37.58 -32.31
CA ASP D 213 -6.72 -36.60 -32.75
C ASP D 213 -7.06 -35.69 -31.58
N ILE D 214 -6.95 -34.38 -31.81
CA ILE D 214 -7.20 -33.39 -30.78
C ILE D 214 -8.70 -33.09 -30.73
N TYR D 215 -9.29 -33.25 -29.55
CA TYR D 215 -10.72 -33.07 -29.36
C TYR D 215 -10.91 -31.81 -28.53
N THR D 216 -11.29 -30.71 -29.19
CA THR D 216 -11.38 -29.42 -28.53
C THR D 216 -12.68 -29.34 -27.72
N ARG D 217 -12.99 -28.14 -27.23
CA ARG D 217 -14.20 -27.96 -26.42
C ARG D 217 -15.46 -28.24 -27.23
N LYS D 218 -15.50 -27.79 -28.48
CA LYS D 218 -16.64 -28.10 -29.34
C LYS D 218 -16.68 -29.58 -29.69
N GLY D 219 -15.52 -30.16 -30.02
CA GLY D 219 -15.44 -31.55 -30.38
C GLY D 219 -14.17 -31.87 -31.14
N PRO D 220 -14.18 -32.96 -31.89
CA PRO D 220 -13.05 -33.35 -32.75
C PRO D 220 -12.73 -32.30 -33.81
N GLU D 228 1.41 -23.78 -33.62
CA GLU D 228 0.42 -24.13 -32.62
C GLU D 228 -0.07 -25.56 -32.80
N LEU D 229 -1.14 -25.73 -33.57
CA LEU D 229 -1.68 -27.06 -33.81
C LEU D 229 -0.71 -27.91 -34.63
N LEU D 230 -0.22 -27.37 -35.75
CA LEU D 230 0.76 -28.10 -36.55
C LEU D 230 2.04 -28.31 -35.78
N ASP D 231 2.49 -27.29 -35.04
CA ASP D 231 3.68 -27.45 -34.22
C ASP D 231 3.49 -28.53 -33.17
N GLN D 232 2.30 -28.61 -32.58
CA GLN D 232 2.01 -29.68 -31.64
C GLN D 232 2.05 -31.04 -32.32
N LEU D 233 1.48 -31.14 -33.52
CA LEU D 233 1.48 -32.40 -34.25
C LEU D 233 2.90 -32.86 -34.57
N GLN D 234 3.76 -31.94 -35.00
CA GLN D 234 5.15 -32.30 -35.26
C GLN D 234 5.92 -32.52 -33.97
N GLN D 235 5.45 -31.95 -32.86
CA GLN D 235 6.11 -32.14 -31.58
C GLN D 235 5.91 -33.58 -31.11
N LYS D 236 6.98 -34.35 -31.06
CA LYS D 236 6.89 -35.74 -30.65
C LYS D 236 6.58 -35.84 -29.16
N LEU D 237 5.62 -36.70 -28.82
CA LEU D 237 5.27 -36.94 -27.43
C LEU D 237 6.03 -38.16 -26.93
N TYR D 238 6.56 -38.03 -25.72
CA TYR D 238 7.30 -39.11 -25.07
C TYR D 238 6.47 -39.65 -23.93
N LEU D 239 6.20 -40.95 -23.96
CA LEU D 239 5.54 -41.60 -22.84
C LEU D 239 6.57 -41.83 -21.74
N ILE D 240 6.33 -41.24 -20.57
CA ILE D 240 7.29 -41.25 -19.47
C ILE D 240 6.64 -41.92 -18.27
N GLN D 241 7.44 -42.71 -17.56
CA GLN D 241 7.01 -43.46 -16.40
C GLN D 241 7.73 -42.92 -15.17
N MET D 242 6.96 -42.53 -14.16
CA MET D 242 7.51 -42.01 -12.91
C MET D 242 7.11 -42.92 -11.77
N ILE D 243 8.08 -43.69 -11.26
CA ILE D 243 7.89 -44.53 -10.09
C ILE D 243 8.72 -43.95 -8.95
N PRO D 244 8.10 -43.55 -7.85
CA PRO D 244 8.86 -42.93 -6.76
C PRO D 244 9.93 -43.86 -6.21
N ARG D 245 11.07 -43.28 -5.84
CA ARG D 245 12.17 -44.06 -5.29
C ARG D 245 11.82 -44.58 -3.90
N GLN D 246 12.38 -45.74 -3.57
CA GLN D 246 12.05 -46.37 -2.29
C GLN D 246 12.61 -45.56 -1.12
N ASN D 247 13.80 -44.99 -1.28
CA ASN D 247 14.48 -44.28 -0.20
C ASN D 247 14.53 -42.78 -0.42
N LEU D 248 13.51 -42.21 -1.04
CA LEU D 248 13.46 -40.76 -1.23
C LEU D 248 13.40 -40.04 0.11
N PHE D 249 12.46 -40.43 0.97
CA PHE D 249 12.33 -39.79 2.28
C PHE D 249 13.32 -40.43 3.25
N THR D 250 14.07 -39.59 3.96
CA THR D 250 15.10 -40.09 4.86
C THR D 250 14.89 -39.54 6.26
N LYS D 251 15.88 -39.73 7.13
CA LYS D 251 15.81 -39.17 8.47
C LYS D 251 15.75 -37.65 8.42
N ASN D 252 16.55 -37.04 7.54
CA ASN D 252 16.64 -35.59 7.48
C ASN D 252 15.68 -34.98 6.47
N LEU D 253 15.54 -35.59 5.29
CA LEU D 253 14.58 -35.13 4.30
C LEU D 253 13.23 -35.79 4.59
N THR D 254 12.29 -35.02 5.10
CA THR D 254 10.99 -35.50 5.53
C THR D 254 9.91 -34.64 4.90
N PRO D 255 8.66 -35.13 4.82
CA PRO D 255 7.59 -34.32 4.23
C PRO D 255 7.35 -33.01 4.96
N MET D 256 7.73 -32.91 6.24
CA MET D 256 7.59 -31.64 6.95
C MET D 256 8.66 -30.63 6.54
N ASN D 257 9.85 -31.10 6.15
CA ASN D 257 10.98 -30.23 5.84
C ASN D 257 11.12 -29.97 4.34
N TYR D 258 10.19 -30.45 3.52
CA TYR D 258 10.38 -30.34 2.08
C TYR D 258 10.31 -28.90 1.60
N ASN D 259 9.66 -28.02 2.37
CA ASN D 259 9.57 -26.62 1.96
C ASN D 259 10.93 -25.94 1.97
N ILE D 260 11.75 -26.20 2.99
CA ILE D 260 13.08 -25.62 3.03
C ILE D 260 13.92 -26.09 1.86
N PHE D 261 13.84 -27.38 1.55
CA PHE D 261 14.57 -27.92 0.40
C PHE D 261 14.10 -27.29 -0.90
N PHE D 262 12.78 -27.13 -1.05
CA PHE D 262 12.26 -26.48 -2.25
C PHE D 262 12.78 -25.06 -2.36
N HIS D 263 12.82 -24.33 -1.24
CA HIS D 263 13.34 -22.96 -1.26
C HIS D 263 14.82 -22.94 -1.61
N LEU D 264 15.60 -23.87 -1.06
CA LEU D 264 17.02 -23.92 -1.39
C LEU D 264 17.23 -24.14 -2.89
N LEU D 265 16.48 -25.08 -3.46
CA LEU D 265 16.63 -25.36 -4.90
C LEU D 265 16.16 -24.19 -5.74
N LYS D 266 15.09 -23.51 -5.33
CA LYS D 266 14.60 -22.40 -6.14
C LYS D 266 15.51 -21.17 -5.99
N HIS D 267 16.18 -21.05 -4.85
CA HIS D 267 17.13 -19.96 -4.63
C HIS D 267 18.42 -20.19 -5.41
N CYS D 268 18.95 -21.41 -5.38
CA CYS D 268 20.22 -21.70 -6.04
C CYS D 268 20.12 -21.53 -7.54
N PHE D 269 18.92 -21.58 -8.12
CA PHE D 269 18.73 -21.33 -9.54
C PHE D 269 18.25 -19.92 -9.82
N GLY D 270 18.11 -19.08 -8.80
CA GLY D 270 17.88 -17.66 -9.06
C GLY D 270 19.06 -17.01 -9.74
N ARG D 271 20.27 -17.28 -9.26
CA ARG D 271 21.52 -16.91 -9.91
C ARG D 271 22.19 -18.20 -10.35
N ARG D 272 21.84 -18.69 -11.54
CA ARG D 272 22.43 -19.91 -12.04
C ARG D 272 23.93 -19.74 -12.28
N SER D 273 24.34 -18.59 -12.83
CA SER D 273 25.74 -18.30 -13.08
C SER D 273 26.41 -17.79 -11.82
N ALA D 274 26.38 -18.63 -10.79
CA ALA D 274 26.95 -18.27 -9.49
C ALA D 274 27.44 -19.53 -8.80
N THR D 275 28.23 -19.32 -7.75
CA THR D 275 28.78 -20.44 -7.00
C THR D 275 27.85 -20.82 -5.86
N VAL D 276 27.96 -22.09 -5.44
CA VAL D 276 27.17 -22.57 -4.32
C VAL D 276 27.62 -21.92 -3.02
N ILE D 277 28.90 -21.54 -2.93
CA ILE D 277 29.43 -21.02 -1.68
C ILE D 277 28.81 -19.67 -1.34
N ASP D 278 28.51 -18.85 -2.36
CA ASP D 278 27.86 -17.57 -2.10
C ASP D 278 26.37 -17.75 -1.78
N HIS D 279 25.71 -18.71 -2.43
CA HIS D 279 24.31 -18.98 -2.13
C HIS D 279 24.14 -19.51 -0.71
N LEU D 280 25.12 -20.27 -0.21
CA LEU D 280 25.02 -20.77 1.15
C LEU D 280 24.99 -19.63 2.15
N ARG D 281 25.79 -18.58 1.92
CA ARG D 281 25.78 -17.43 2.81
C ARG D 281 24.40 -16.78 2.84
N SER D 282 23.77 -16.64 1.67
CA SER D 282 22.42 -16.09 1.62
C SER D 282 21.40 -17.01 2.26
N LEU D 283 21.65 -18.31 2.27
CA LEU D 283 20.65 -19.27 2.73
C LEU D 283 20.87 -19.78 4.15
N THR D 284 22.11 -19.80 4.64
CA THR D 284 22.36 -20.32 5.97
C THR D 284 23.42 -19.47 6.66
N PRO D 285 23.38 -19.41 8.00
CA PRO D 285 24.47 -18.74 8.74
C PRO D 285 25.68 -19.63 8.98
N LEU D 286 25.63 -20.90 8.61
CA LEU D 286 26.73 -21.80 8.84
C LEU D 286 27.91 -21.46 7.93
N ASP D 287 29.09 -21.96 8.30
CA ASP D 287 30.30 -21.72 7.51
C ASP D 287 30.18 -22.41 6.16
N ALA D 288 30.20 -21.63 5.09
CA ALA D 288 30.03 -22.21 3.76
C ALA D 288 31.16 -23.17 3.41
N ARG D 289 32.41 -22.79 3.71
CA ARG D 289 33.53 -23.65 3.39
C ARG D 289 33.49 -24.95 4.20
N ASP D 290 33.14 -24.85 5.49
CA ASP D 290 33.06 -26.06 6.31
C ASP D 290 31.99 -27.02 5.78
N ILE D 291 30.84 -26.48 5.39
CA ILE D 291 29.78 -27.33 4.83
C ILE D 291 30.23 -27.97 3.53
N LEU D 292 30.83 -27.17 2.63
CA LEU D 292 31.27 -27.71 1.35
C LEU D 292 32.38 -28.75 1.52
N MET D 293 33.14 -28.65 2.61
CA MET D 293 34.18 -29.65 2.85
C MET D 293 33.59 -31.02 3.17
N GLN D 294 32.45 -31.06 3.85
CA GLN D 294 31.85 -32.34 4.23
C GLN D 294 31.42 -33.14 3.00
N ILE D 295 30.84 -32.47 2.00
CA ILE D 295 30.35 -33.17 0.82
C ILE D 295 31.44 -33.45 -0.20
N GLY D 296 32.69 -33.17 0.13
CA GLY D 296 33.80 -33.48 -0.78
C GLY D 296 33.77 -32.72 -2.07
N LYS D 297 33.45 -31.43 -2.02
CA LYS D 297 33.40 -30.59 -3.21
C LYS D 297 34.29 -29.38 -3.02
N GLN D 298 34.83 -28.90 -4.14
CA GLN D 298 35.68 -27.71 -4.12
C GLN D 298 34.85 -26.46 -3.85
N GLU D 299 35.51 -25.44 -3.30
CA GLU D 299 34.82 -24.19 -2.99
C GLU D 299 34.32 -23.50 -4.25
N ASP D 300 35.12 -23.54 -5.32
CA ASP D 300 34.74 -22.90 -6.58
C ASP D 300 33.95 -23.88 -7.45
N GLU D 301 32.69 -24.08 -7.06
CA GLU D 301 31.77 -24.96 -7.78
C GLU D 301 30.53 -24.18 -8.19
N LYS D 302 30.27 -24.13 -9.49
CA LYS D 302 29.07 -23.48 -9.99
C LYS D 302 27.83 -24.23 -9.56
N VAL D 303 26.68 -23.56 -9.64
CA VAL D 303 25.42 -24.22 -9.32
C VAL D 303 25.05 -25.23 -10.40
N VAL D 304 25.18 -24.85 -11.67
CA VAL D 304 24.75 -25.72 -12.76
C VAL D 304 25.62 -26.98 -12.87
N ASN D 305 26.73 -27.04 -12.15
CA ASN D 305 27.56 -28.23 -12.12
C ASN D 305 27.26 -29.13 -10.94
N MET D 306 26.24 -28.82 -10.14
CA MET D 306 25.88 -29.64 -9.01
C MET D 306 24.91 -30.74 -9.45
N HIS D 307 25.21 -31.97 -9.11
CA HIS D 307 24.35 -33.08 -9.49
C HIS D 307 23.09 -33.10 -8.62
N PRO D 308 21.97 -33.61 -9.15
CA PRO D 308 20.74 -33.64 -8.34
C PRO D 308 20.90 -34.38 -7.03
N GLN D 309 21.71 -35.45 -7.00
CA GLN D 309 21.99 -36.10 -5.74
C GLN D 309 22.87 -35.24 -4.85
N ASP D 310 23.73 -34.42 -5.44
CA ASP D 310 24.58 -33.52 -4.66
C ASP D 310 23.75 -32.49 -3.91
N PHE D 311 22.65 -32.01 -4.52
CA PHE D 311 21.77 -31.06 -3.83
C PHE D 311 21.17 -31.69 -2.57
N LYS D 312 20.69 -32.94 -2.69
CA LYS D 312 20.13 -33.62 -1.54
C LYS D 312 21.19 -33.87 -0.47
N THR D 313 22.40 -34.24 -0.90
CA THR D 313 23.48 -34.43 0.08
C THR D 313 23.82 -33.12 0.79
N LEU D 314 23.84 -32.01 0.05
CA LEU D 314 24.08 -30.71 0.66
C LEU D 314 23.01 -30.37 1.68
N PHE D 315 21.74 -30.57 1.31
CA PHE D 315 20.65 -30.25 2.23
C PHE D 315 20.74 -31.10 3.49
N GLU D 316 21.01 -32.39 3.34
CA GLU D 316 21.11 -33.27 4.50
C GLU D 316 22.33 -32.91 5.36
N THR D 317 23.43 -32.50 4.72
CA THR D 317 24.61 -32.09 5.47
C THR D 317 24.34 -30.83 6.28
N ILE D 318 23.69 -29.84 5.67
CA ILE D 318 23.33 -28.62 6.40
C ILE D 318 22.40 -28.95 7.55
N GLU D 319 21.40 -29.79 7.31
CA GLU D 319 20.42 -30.11 8.34
C GLU D 319 21.00 -30.91 9.49
N ARG D 320 22.19 -31.48 9.33
CA ARG D 320 22.80 -32.31 10.36
C ARG D 320 23.81 -31.57 11.22
N SER D 321 23.61 -30.28 11.46
CA SER D 321 24.53 -29.54 12.33
C SER D 321 24.34 -29.98 13.78
N LYS D 322 25.38 -30.57 14.36
CA LYS D 322 25.26 -31.18 15.68
C LYS D 322 25.09 -30.13 16.77
N ASP D 323 25.93 -29.10 16.76
CA ASP D 323 25.98 -28.12 17.85
C ASP D 323 25.71 -26.69 17.37
N CYS D 324 24.42 -26.38 17.19
CA CYS D 324 23.99 -25.04 16.82
C CYS D 324 22.50 -24.95 17.09
N ALA D 325 21.99 -23.72 17.10
CA ALA D 325 20.58 -23.46 17.35
C ALA D 325 19.81 -23.01 16.12
N TYR D 326 20.47 -22.40 15.14
CA TYR D 326 19.80 -21.92 13.94
C TYR D 326 20.52 -22.43 12.71
N LYS D 327 19.74 -22.83 11.70
CA LYS D 327 20.29 -23.45 10.51
C LYS D 327 19.73 -22.89 9.21
N TRP D 328 18.69 -22.07 9.25
CA TRP D 328 18.00 -21.70 8.03
C TRP D 328 17.46 -20.28 8.15
N LEU D 329 17.12 -19.71 6.98
CA LEU D 329 16.49 -18.41 6.87
C LEU D 329 15.26 -18.50 5.98
N TYR D 330 14.45 -19.53 6.23
CA TYR D 330 13.16 -19.65 5.51
C TYR D 330 12.14 -19.85 6.61
N ASP D 331 11.57 -18.77 7.14
CA ASP D 331 10.69 -18.91 8.32
C ASP D 331 9.23 -19.00 7.89
N GLU D 332 8.97 -19.12 6.58
CA GLU D 332 7.58 -19.19 6.02
C GLU D 332 7.11 -17.75 5.86
N THR D 333 7.87 -16.81 6.43
CA THR D 333 7.57 -15.38 6.24
C THR D 333 7.79 -15.11 4.75
N LEU D 334 8.83 -15.73 4.17
CA LEU D 334 9.03 -15.63 2.70
C LEU D 334 7.88 -16.43 2.05
N GLU D 335 7.28 -15.91 0.99
CA GLU D 335 6.09 -16.58 0.41
C GLU D 335 6.19 -16.62 -1.11
PG GTP E 1 -11.00 -2.75 3.81
O1G GTP E 1 -10.30 -1.42 3.81
O2G GTP E 1 -10.27 -3.79 3.00
O3G GTP E 1 -12.45 -2.63 3.44
O3B GTP E 1 -10.97 -3.26 5.33
PB GTP E 1 -11.51 -4.59 6.04
O1B GTP E 1 -12.99 -4.48 6.22
O2B GTP E 1 -10.95 -5.77 5.34
O3A GTP E 1 -10.80 -4.46 7.48
PA GTP E 1 -10.36 -5.50 8.62
O1A GTP E 1 -9.35 -6.44 8.04
O2A GTP E 1 -11.58 -6.08 9.25
O5' GTP E 1 -9.63 -4.52 9.65
C5' GTP E 1 -10.44 -3.50 10.29
C4' GTP E 1 -9.57 -2.36 10.74
O4' GTP E 1 -8.19 -2.48 10.22
C3' GTP E 1 -10.03 -0.96 10.34
O3' GTP E 1 -11.01 -0.45 11.25
C2' GTP E 1 -8.71 -0.19 10.34
O2' GTP E 1 -8.27 0.07 11.67
C1' GTP E 1 -7.78 -1.23 9.72
N9 GTP E 1 -7.84 -1.29 8.26
C8 GTP E 1 -8.03 -2.42 7.52
N7 GTP E 1 -8.03 -2.21 6.23
C5 GTP E 1 -7.78 -0.85 6.11
C6 GTP E 1 -7.65 -0.06 4.95
O6 GTP E 1 -7.73 -0.41 3.77
N1 GTP E 1 -7.40 1.28 5.27
C2 GTP E 1 -7.28 1.78 6.54
N2 GTP E 1 -7.04 3.09 6.65
N3 GTP E 1 -7.41 1.03 7.63
C4 GTP E 1 -7.65 -0.27 7.35
#